data_1YAA
#
_entry.id   1YAA
#
_cell.length_a   130.310
_cell.length_b   134.630
_cell.length_c   98.750
_cell.angle_alpha   90.00
_cell.angle_beta   90.00
_cell.angle_gamma   90.00
#
_symmetry.space_group_name_H-M   'P 21 21 21'
#
loop_
_entity.id
_entity.type
_entity.pdbx_description
1 polymer 'ASPARTATE AMINOTRANSFERASE'
2 non-polymer 'MALEIC ACID'
3 non-polymer "PYRIDOXAL-5'-PHOSPHATE"
4 water water
#
_entity_poly.entity_id   1
_entity_poly.type   'polypeptide(L)'
_entity_poly.pdbx_seq_one_letter_code
;SATLFNNIELLPPDALFGIKQRYGQDQRATKVDLGIGAYRDDNGKPWVLPSVKAAEKLIHNDSSYNHEYLGITGLPSLTS
NAAKIIFGTQSDALQEDRVISVQSLSGTGALHISAKFFSKFFPDKLVYLSKPTWANHMAIFENQGLKTATYPYWANETKS
LDLNGFLNAIQKAPEGSIFVLHSCAHNPTGLDPTSEQWVQIVDAIASKNHIALFDTAYQGFATGDLDKDAYAVRLGVEKL
STVSPVFVCQSFAKNAGMYGERVGCFHLALTKQAQNKTIKPAVTSQLAKIIRSEVSNPPAYGAKIVAKLLETPELTEQWH
KDMVTMSSRITKMRHALRDHLVKLGTPGNWDHIVNQCGMFSFTGLTPQMVKRLEETHAVYLVASGRASIAGLNQGNVEYV
AKAIDEVVRFYA
;
_entity_poly.pdbx_strand_id   A,B,C,D
#
# COMPACT_ATOMS: atom_id res chain seq x y z
N SER A 1 -53.13 14.83 -0.57
CA SER A 1 -51.70 14.86 -0.13
C SER A 1 -50.94 13.58 -0.45
N ALA A 2 -51.62 12.61 -1.06
CA ALA A 2 -51.00 11.34 -1.43
C ALA A 2 -50.19 11.47 -2.73
N THR A 3 -50.55 12.44 -3.55
CA THR A 3 -49.88 12.67 -4.83
C THR A 3 -48.99 13.91 -4.88
N LEU A 4 -48.46 14.32 -3.73
CA LEU A 4 -47.60 15.50 -3.64
C LEU A 4 -46.31 15.45 -4.45
N PHE A 5 -45.72 14.26 -4.54
CA PHE A 5 -44.46 14.07 -5.26
C PHE A 5 -44.62 13.50 -6.69
N ASN A 6 -45.86 13.45 -7.18
CA ASN A 6 -46.12 12.92 -8.52
C ASN A 6 -45.78 13.90 -9.66
N ASN A 7 -45.12 15.00 -9.34
CA ASN A 7 -44.75 16.01 -10.34
C ASN A 7 -43.32 16.54 -10.13
N ILE A 8 -42.59 15.93 -9.21
CA ILE A 8 -41.23 16.35 -8.93
C ILE A 8 -40.25 15.79 -9.97
N GLU A 9 -39.52 16.72 -10.58
CA GLU A 9 -38.54 16.43 -11.63
C GLU A 9 -37.41 15.51 -11.22
N LEU A 10 -36.81 14.85 -12.21
CA LEU A 10 -35.70 13.94 -12.00
C LEU A 10 -34.42 14.66 -12.42
N LEU A 11 -33.49 14.78 -11.49
CA LEU A 11 -32.23 15.45 -11.73
C LEU A 11 -31.10 14.46 -12.06
N PRO A 12 -30.21 14.84 -12.99
CA PRO A 12 -29.06 14.02 -13.41
C PRO A 12 -27.97 13.93 -12.33
N PRO A 13 -27.24 12.80 -12.28
CA PRO A 13 -26.16 12.57 -11.31
C PRO A 13 -25.08 13.64 -11.34
N ASP A 14 -24.25 13.67 -10.29
CA ASP A 14 -23.17 14.64 -10.17
C ASP A 14 -22.16 14.41 -11.28
N ALA A 15 -21.72 15.49 -11.92
CA ALA A 15 -20.75 15.41 -13.00
C ALA A 15 -19.44 14.76 -12.58
N LEU A 16 -19.15 14.76 -11.27
CA LEU A 16 -17.93 14.19 -10.74
C LEU A 16 -18.14 12.86 -10.02
N PHE A 17 -19.02 12.86 -9.01
CA PHE A 17 -19.30 11.64 -8.24
C PHE A 17 -20.00 10.59 -9.11
N GLY A 18 -20.44 11.01 -10.29
CA GLY A 18 -21.10 10.10 -11.21
C GLY A 18 -20.06 9.22 -11.89
N ILE A 19 -18.89 9.80 -12.17
CA ILE A 19 -17.80 9.08 -12.80
C ILE A 19 -17.35 7.96 -11.86
N LYS A 20 -17.35 8.28 -10.57
CA LYS A 20 -16.96 7.33 -9.53
C LYS A 20 -17.90 6.12 -9.54
N GLN A 21 -19.20 6.37 -9.76
CA GLN A 21 -20.20 5.30 -9.80
C GLN A 21 -20.03 4.45 -11.05
N ARG A 22 -20.07 5.08 -12.22
CA ARG A 22 -19.93 4.40 -13.51
C ARG A 22 -18.62 3.65 -13.63
N TYR A 23 -17.58 4.17 -12.98
CA TYR A 23 -16.27 3.53 -12.98
C TYR A 23 -16.33 2.32 -12.06
N GLY A 24 -17.00 2.49 -10.93
CA GLY A 24 -17.14 1.41 -9.97
C GLY A 24 -17.98 0.25 -10.49
N GLN A 25 -18.97 0.58 -11.31
CA GLN A 25 -19.86 -0.42 -11.90
C GLN A 25 -19.25 -0.99 -13.19
N ASP A 26 -17.94 -0.84 -13.34
CA ASP A 26 -17.24 -1.33 -14.53
C ASP A 26 -16.47 -2.61 -14.17
N GLN A 27 -16.69 -3.65 -14.96
CA GLN A 27 -16.06 -4.95 -14.74
C GLN A 27 -14.67 -5.12 -15.34
N ARG A 28 -14.34 -4.30 -16.34
CA ARG A 28 -13.04 -4.37 -17.02
C ARG A 28 -11.86 -4.26 -16.06
N ALA A 29 -10.91 -5.19 -16.19
CA ALA A 29 -9.73 -5.21 -15.33
C ALA A 29 -8.68 -4.19 -15.76
N THR A 30 -8.82 -3.69 -16.98
CA THR A 30 -7.89 -2.70 -17.51
C THR A 30 -8.54 -1.31 -17.58
N LYS A 31 -8.98 -0.83 -16.42
CA LYS A 31 -9.64 0.47 -16.32
C LYS A 31 -8.81 1.45 -15.47
N VAL A 32 -8.73 2.69 -15.93
CA VAL A 32 -7.99 3.74 -15.24
C VAL A 32 -8.96 4.84 -14.81
N ASP A 33 -8.81 5.33 -13.58
CA ASP A 33 -9.70 6.36 -13.05
C ASP A 33 -9.03 7.70 -12.86
N LEU A 34 -9.39 8.64 -13.72
CA LEU A 34 -8.85 9.99 -13.67
C LEU A 34 -10.02 10.97 -13.45
N GLY A 35 -11.00 10.55 -12.67
CA GLY A 35 -12.16 11.37 -12.38
C GLY A 35 -12.01 12.33 -11.22
N ILE A 36 -12.56 11.97 -10.05
CA ILE A 36 -12.47 12.80 -8.85
C ILE A 36 -11.01 13.00 -8.47
N GLY A 37 -10.68 14.22 -8.06
CA GLY A 37 -9.33 14.55 -7.67
C GLY A 37 -8.96 14.08 -6.27
N ALA A 38 -8.95 12.77 -6.08
CA ALA A 38 -8.59 12.17 -4.81
C ALA A 38 -7.24 11.52 -5.03
N TYR A 39 -6.27 11.87 -4.19
CA TYR A 39 -4.91 11.33 -4.30
C TYR A 39 -4.81 9.82 -4.22
N ARG A 40 -3.93 9.25 -5.04
CA ARG A 40 -3.68 7.82 -5.07
C ARG A 40 -2.18 7.66 -5.16
N ASP A 41 -1.65 6.63 -4.52
CA ASP A 41 -0.22 6.41 -4.53
C ASP A 41 0.23 5.69 -5.82
N ASP A 42 1.45 5.16 -5.82
CA ASP A 42 2.01 4.47 -6.98
C ASP A 42 1.29 3.17 -7.34
N ASN A 43 0.62 2.55 -6.38
CA ASN A 43 -0.11 1.30 -6.63
C ASN A 43 -1.58 1.57 -6.96
N GLY A 44 -1.93 2.86 -7.03
CA GLY A 44 -3.29 3.26 -7.34
C GLY A 44 -4.28 3.15 -6.19
N LYS A 45 -3.76 3.06 -4.97
CA LYS A 45 -4.60 2.94 -3.79
C LYS A 45 -4.69 4.20 -2.94
N PRO A 46 -5.75 4.32 -2.12
CA PRO A 46 -5.89 5.50 -1.25
C PRO A 46 -4.64 5.57 -0.39
N TRP A 47 -4.19 6.78 -0.06
CA TRP A 47 -2.97 6.93 0.72
C TRP A 47 -3.12 7.81 1.96
N VAL A 48 -3.34 7.17 3.11
CA VAL A 48 -3.47 7.90 4.37
C VAL A 48 -2.10 8.42 4.77
N LEU A 49 -1.98 9.74 4.88
CA LEU A 49 -0.71 10.39 5.22
C LEU A 49 -0.03 9.85 6.48
N PRO A 50 1.27 9.54 6.38
CA PRO A 50 2.03 9.02 7.53
C PRO A 50 1.90 9.91 8.75
N SER A 51 1.81 11.23 8.53
CA SER A 51 1.66 12.18 9.63
C SER A 51 0.27 12.07 10.24
N VAL A 52 -0.74 11.87 9.38
CA VAL A 52 -2.12 11.70 9.85
C VAL A 52 -2.22 10.43 10.68
N LYS A 53 -1.50 9.39 10.27
CA LYS A 53 -1.50 8.12 10.99
C LYS A 53 -0.99 8.29 12.42
N ALA A 54 0.08 9.07 12.57
CA ALA A 54 0.67 9.31 13.88
C ALA A 54 -0.22 10.16 14.79
N ALA A 55 -0.95 11.11 14.22
CA ALA A 55 -1.85 11.99 14.97
C ALA A 55 -3.07 11.21 15.44
N GLU A 56 -3.56 10.35 14.56
CA GLU A 56 -4.74 9.53 14.81
C GLU A 56 -4.47 8.50 15.92
N LYS A 57 -3.19 8.14 16.06
CA LYS A 57 -2.74 7.18 17.06
C LYS A 57 -2.75 7.82 18.45
N LEU A 58 -2.25 9.05 18.52
CA LEU A 58 -2.19 9.79 19.77
C LEU A 58 -3.58 10.08 20.34
N ILE A 59 -4.53 10.36 19.45
CA ILE A 59 -5.90 10.65 19.84
C ILE A 59 -6.60 9.45 20.49
N HIS A 60 -6.33 8.25 19.98
CA HIS A 60 -6.93 7.04 20.54
C HIS A 60 -6.19 6.56 21.77
N ASN A 61 -4.95 7.03 21.93
CA ASN A 61 -4.15 6.66 23.09
C ASN A 61 -4.39 7.63 24.24
N ASP A 62 -5.31 8.56 24.02
CA ASP A 62 -5.67 9.54 25.04
C ASP A 62 -6.76 8.94 25.93
N SER A 63 -6.50 8.95 27.24
CA SER A 63 -7.43 8.40 28.23
C SER A 63 -8.79 9.10 28.18
N SER A 64 -8.75 10.39 27.89
CA SER A 64 -9.96 11.22 27.82
C SER A 64 -10.64 11.22 26.46
N TYR A 65 -10.26 10.29 25.58
CA TYR A 65 -10.86 10.20 24.25
C TYR A 65 -12.36 9.91 24.30
N ASN A 66 -13.14 10.72 23.57
CA ASN A 66 -14.59 10.57 23.54
C ASN A 66 -15.23 11.11 22.25
N HIS A 67 -16.55 10.91 22.17
CA HIS A 67 -17.34 11.35 21.02
C HIS A 67 -18.34 12.44 21.38
N GLU A 68 -18.04 13.26 22.39
CA GLU A 68 -18.95 14.33 22.82
C GLU A 68 -19.14 15.45 21.82
N TYR A 69 -20.20 16.22 22.03
CA TYR A 69 -20.52 17.37 21.19
C TYR A 69 -19.45 18.43 21.37
N LEU A 70 -19.00 19.01 20.27
CA LEU A 70 -18.05 20.11 20.31
C LEU A 70 -18.94 21.34 20.37
N GLY A 71 -18.35 22.52 20.51
CA GLY A 71 -19.16 23.73 20.54
C GLY A 71 -19.70 23.97 19.14
N ILE A 72 -20.69 24.85 19.05
CA ILE A 72 -21.35 25.19 17.78
C ILE A 72 -20.35 25.64 16.72
N THR A 73 -19.31 26.37 17.13
CA THR A 73 -18.30 26.86 16.20
C THR A 73 -17.06 25.98 16.06
N GLY A 74 -17.09 24.82 16.71
CA GLY A 74 -16.00 23.86 16.61
C GLY A 74 -14.88 23.81 17.63
N LEU A 75 -13.88 23.01 17.28
CA LEU A 75 -12.69 22.80 18.09
C LEU A 75 -11.86 24.06 17.94
N PRO A 76 -11.63 24.79 19.04
CA PRO A 76 -10.82 26.01 18.95
C PRO A 76 -9.38 25.69 18.53
N SER A 77 -8.92 24.50 18.86
CA SER A 77 -7.57 24.06 18.51
C SER A 77 -7.37 24.00 17.00
N LEU A 78 -8.41 23.55 16.29
CA LEU A 78 -8.38 23.43 14.84
C LEU A 78 -8.37 24.80 14.17
N THR A 79 -9.44 25.56 14.42
CA THR A 79 -9.64 26.89 13.84
C THR A 79 -8.51 27.91 14.02
N SER A 80 -7.88 27.91 15.19
CA SER A 80 -6.77 28.83 15.47
C SER A 80 -5.53 28.50 14.64
N ASN A 81 -5.16 27.22 14.64
CA ASN A 81 -3.99 26.75 13.92
C ASN A 81 -4.16 26.81 12.40
N ALA A 82 -5.37 26.54 11.94
CA ALA A 82 -5.69 26.57 10.51
C ALA A 82 -5.60 27.99 9.98
N ALA A 83 -6.01 28.96 10.80
CA ALA A 83 -5.95 30.36 10.42
C ALA A 83 -4.49 30.76 10.24
N LYS A 84 -3.62 30.22 11.09
CA LYS A 84 -2.20 30.51 11.03
C LYS A 84 -1.45 30.01 9.80
N ILE A 85 -1.86 28.88 9.23
CA ILE A 85 -1.17 28.37 8.04
C ILE A 85 -1.49 29.16 6.77
N ILE A 86 -2.73 29.64 6.66
CA ILE A 86 -3.14 30.43 5.49
C ILE A 86 -2.83 31.92 5.61
N PHE A 87 -3.18 32.52 6.75
CA PHE A 87 -2.95 33.95 6.96
C PHE A 87 -1.48 34.26 7.26
N GLY A 88 -0.82 33.37 7.99
CA GLY A 88 0.56 33.58 8.37
C GLY A 88 0.55 34.03 9.81
N THR A 89 1.46 33.50 10.61
CA THR A 89 1.52 33.84 12.03
C THR A 89 1.76 35.34 12.28
N GLN A 90 2.45 35.98 11.35
CA GLN A 90 2.75 37.41 11.47
C GLN A 90 1.71 38.29 10.76
N SER A 91 0.57 37.71 10.43
CA SER A 91 -0.49 38.45 9.76
C SER A 91 -1.01 39.61 10.58
N ASP A 92 -1.32 40.71 9.91
CA ASP A 92 -1.85 41.90 10.57
C ASP A 92 -3.29 41.67 10.95
N ALA A 93 -3.97 40.82 10.19
CA ALA A 93 -5.37 40.52 10.45
C ALA A 93 -5.47 39.71 11.75
N LEU A 94 -4.47 38.88 12.01
CA LEU A 94 -4.43 38.07 13.22
C LEU A 94 -3.97 38.84 14.45
N GLN A 95 -2.90 39.61 14.30
CA GLN A 95 -2.38 40.38 15.42
C GLN A 95 -3.37 41.46 15.86
N GLU A 96 -4.21 41.92 14.93
CA GLU A 96 -5.21 42.93 15.22
C GLU A 96 -6.57 42.35 15.63
N ASP A 97 -6.63 41.02 15.77
CA ASP A 97 -7.84 40.32 16.18
C ASP A 97 -9.00 40.59 15.22
N ARG A 98 -8.70 40.63 13.92
CA ARG A 98 -9.71 40.90 12.90
C ARG A 98 -10.25 39.69 12.16
N VAL A 99 -9.78 38.50 12.51
CA VAL A 99 -10.24 37.29 11.81
C VAL A 99 -11.20 36.42 12.63
N ILE A 100 -12.38 36.20 12.06
CA ILE A 100 -13.39 35.35 12.69
C ILE A 100 -13.14 33.95 12.08
N SER A 101 -13.06 32.92 12.92
CA SER A 101 -12.82 31.57 12.43
C SER A 101 -13.73 30.55 13.08
N VAL A 102 -14.52 29.85 12.26
CA VAL A 102 -15.40 28.80 12.77
C VAL A 102 -15.16 27.51 11.99
N GLN A 103 -15.43 26.37 12.62
CA GLN A 103 -15.27 25.07 11.98
C GLN A 103 -16.43 24.86 11.01
N SER A 104 -16.16 24.19 9.91
CA SER A 104 -17.18 23.93 8.92
C SER A 104 -17.02 22.55 8.30
N LEU A 105 -18.08 22.07 7.65
CA LEU A 105 -18.05 20.76 7.01
C LEU A 105 -17.19 20.78 5.75
N SER A 106 -15.90 20.97 5.98
CA SER A 106 -14.89 21.03 4.94
C SER A 106 -15.11 22.32 4.13
N GLY A 107 -14.51 22.36 2.95
CA GLY A 107 -14.63 23.52 2.08
C GLY A 107 -16.02 23.80 1.54
N THR A 108 -16.80 22.76 1.28
CA THR A 108 -18.16 22.94 0.77
C THR A 108 -19.02 23.60 1.85
N GLY A 109 -18.88 23.15 3.09
CA GLY A 109 -19.61 23.72 4.20
C GLY A 109 -19.31 25.19 4.39
N ALA A 110 -18.03 25.56 4.30
CA ALA A 110 -17.57 26.94 4.42
C ALA A 110 -18.12 27.83 3.30
N LEU A 111 -18.16 27.29 2.09
CA LEU A 111 -18.69 28.00 0.93
C LEU A 111 -20.20 28.17 1.11
N HIS A 112 -20.84 27.18 1.72
CA HIS A 112 -22.28 27.23 1.98
C HIS A 112 -22.64 28.28 3.04
N ILE A 113 -21.81 28.40 4.07
CA ILE A 113 -22.01 29.38 5.14
C ILE A 113 -21.97 30.77 4.51
N SER A 114 -21.05 30.95 3.57
CA SER A 114 -20.87 32.21 2.83
C SER A 114 -22.15 32.56 2.07
N ALA A 115 -22.62 31.60 1.28
CA ALA A 115 -23.82 31.78 0.47
C ALA A 115 -25.06 32.11 1.28
N LYS A 116 -25.25 31.42 2.40
CA LYS A 116 -26.40 31.65 3.27
C LYS A 116 -26.32 33.00 3.98
N PHE A 117 -25.10 33.37 4.38
CA PHE A 117 -24.85 34.64 5.04
C PHE A 117 -25.19 35.79 4.09
N PHE A 118 -24.76 35.65 2.83
CA PHE A 118 -25.03 36.66 1.80
C PHE A 118 -26.50 36.66 1.45
N SER A 119 -27.06 35.47 1.22
CA SER A 119 -28.48 35.30 0.89
C SER A 119 -29.35 35.97 1.96
N LYS A 120 -28.89 35.92 3.21
CA LYS A 120 -29.61 36.47 4.35
C LYS A 120 -29.46 37.99 4.53
N PHE A 121 -28.26 38.51 4.30
CA PHE A 121 -28.01 39.94 4.51
C PHE A 121 -27.85 40.81 3.27
N PHE A 122 -27.24 40.28 2.23
CA PHE A 122 -27.00 41.04 1.00
C PHE A 122 -27.42 40.19 -0.21
N PRO A 123 -28.75 39.95 -0.35
CA PRO A 123 -29.37 39.16 -1.42
C PRO A 123 -29.13 39.58 -2.87
N ASP A 124 -29.01 40.88 -3.13
CA ASP A 124 -28.80 41.35 -4.50
C ASP A 124 -27.38 41.33 -5.05
N LYS A 125 -26.40 41.04 -4.21
CA LYS A 125 -25.01 40.96 -4.67
C LYS A 125 -24.84 39.77 -5.61
N LEU A 126 -24.07 39.97 -6.68
CA LEU A 126 -23.81 38.92 -7.67
C LEU A 126 -22.55 38.15 -7.32
N VAL A 127 -22.58 36.83 -7.54
CA VAL A 127 -21.42 35.99 -7.26
C VAL A 127 -20.74 35.58 -8.58
N TYR A 128 -19.55 36.11 -8.80
CA TYR A 128 -18.75 35.84 -9.99
C TYR A 128 -17.82 34.64 -9.85
N LEU A 129 -17.96 33.70 -10.77
CA LEU A 129 -17.14 32.49 -10.81
C LEU A 129 -16.30 32.53 -12.09
N SER A 130 -15.18 31.81 -12.07
CA SER A 130 -14.28 31.76 -13.23
C SER A 130 -14.86 30.89 -14.33
N LYS A 131 -14.33 31.05 -15.53
CA LYS A 131 -14.77 30.26 -16.67
C LYS A 131 -13.56 29.52 -17.25
N PRO A 132 -13.47 28.20 -16.99
CA PRO A 132 -14.39 27.39 -16.18
C PRO A 132 -14.01 27.37 -14.70
N THR A 133 -14.88 26.78 -13.89
CA THR A 133 -14.66 26.68 -12.46
C THR A 133 -15.16 25.33 -11.95
N TRP A 134 -14.97 25.07 -10.65
CA TRP A 134 -15.39 23.82 -10.02
C TRP A 134 -16.88 23.61 -10.29
N ALA A 135 -17.23 22.43 -10.78
CA ALA A 135 -18.61 22.09 -11.14
C ALA A 135 -19.70 22.33 -10.09
N ASN A 136 -19.35 22.23 -8.82
CA ASN A 136 -20.31 22.40 -7.71
C ASN A 136 -20.49 23.84 -7.25
N HIS A 137 -19.57 24.72 -7.63
CA HIS A 137 -19.60 26.14 -7.26
C HIS A 137 -20.96 26.81 -7.43
N MET A 138 -21.46 26.79 -8.66
CA MET A 138 -22.73 27.42 -8.99
C MET A 138 -23.89 26.99 -8.10
N ALA A 139 -24.09 25.68 -7.94
CA ALA A 139 -25.18 25.17 -7.12
C ALA A 139 -25.16 25.60 -5.66
N ILE A 140 -23.97 25.83 -5.09
CA ILE A 140 -23.86 26.27 -3.70
C ILE A 140 -24.51 27.65 -3.52
N PHE A 141 -24.24 28.55 -4.47
CA PHE A 141 -24.78 29.90 -4.42
C PHE A 141 -26.22 30.01 -4.90
N GLU A 142 -26.56 29.29 -5.96
CA GLU A 142 -27.91 29.29 -6.52
C GLU A 142 -28.90 28.59 -5.58
N ASN A 143 -28.39 27.69 -4.74
CA ASN A 143 -29.21 26.96 -3.77
C ASN A 143 -29.71 27.96 -2.73
N GLN A 144 -29.01 29.08 -2.62
CA GLN A 144 -29.35 30.15 -1.68
C GLN A 144 -30.04 31.35 -2.32
N GLY A 145 -30.48 31.19 -3.56
CA GLY A 145 -31.17 32.26 -4.27
C GLY A 145 -30.27 33.37 -4.79
N LEU A 146 -28.96 33.12 -4.79
CA LEU A 146 -28.01 34.11 -5.27
C LEU A 146 -27.74 33.97 -6.77
N LYS A 147 -27.74 35.11 -7.46
CA LYS A 147 -27.49 35.15 -8.90
C LYS A 147 -26.00 35.08 -9.15
N THR A 148 -25.61 34.22 -10.08
CA THR A 148 -24.21 34.06 -10.41
C THR A 148 -23.88 34.64 -11.78
N ALA A 149 -22.64 35.05 -11.94
CA ALA A 149 -22.13 35.62 -13.18
C ALA A 149 -20.77 34.97 -13.38
N THR A 150 -20.10 35.25 -14.50
CA THR A 150 -18.80 34.65 -14.75
C THR A 150 -17.78 35.66 -15.23
N TYR A 151 -16.51 35.28 -15.11
CA TYR A 151 -15.43 36.12 -15.57
C TYR A 151 -14.44 35.30 -16.38
N PRO A 152 -13.99 35.85 -17.52
CA PRO A 152 -13.04 35.20 -18.42
C PRO A 152 -11.82 34.79 -17.62
N TYR A 153 -11.41 33.55 -17.78
CA TYR A 153 -10.28 33.04 -17.04
C TYR A 153 -9.35 32.25 -17.96
N TRP A 154 -9.83 31.11 -18.43
CA TRP A 154 -9.07 30.22 -19.31
C TRP A 154 -9.34 30.50 -20.77
N ALA A 155 -8.27 30.65 -21.55
CA ALA A 155 -8.41 30.89 -22.99
C ALA A 155 -7.95 29.61 -23.66
N ASN A 156 -8.90 28.82 -24.15
CA ASN A 156 -8.58 27.55 -24.79
C ASN A 156 -7.64 27.64 -25.99
N GLU A 157 -7.73 28.75 -26.73
CA GLU A 157 -6.87 28.92 -27.89
C GLU A 157 -5.40 29.03 -27.50
N THR A 158 -5.11 29.88 -26.51
CA THR A 158 -3.73 30.06 -26.04
C THR A 158 -3.43 29.12 -24.88
N LYS A 159 -4.47 28.44 -24.38
CA LYS A 159 -4.35 27.54 -23.24
C LYS A 159 -3.74 28.31 -22.06
N SER A 160 -4.03 29.60 -22.03
CA SER A 160 -3.49 30.49 -21.00
C SER A 160 -4.54 31.39 -20.38
N LEU A 161 -4.10 32.21 -19.43
CA LEU A 161 -4.95 33.12 -18.71
C LEU A 161 -5.36 34.36 -19.52
N ASP A 162 -6.68 34.57 -19.63
CA ASP A 162 -7.21 35.73 -20.33
C ASP A 162 -7.29 36.81 -19.25
N LEU A 163 -6.14 37.37 -18.92
CA LEU A 163 -6.02 38.40 -17.89
C LEU A 163 -6.80 39.68 -18.20
N ASN A 164 -6.76 40.14 -19.45
CA ASN A 164 -7.48 41.36 -19.80
C ASN A 164 -8.99 41.23 -19.70
N GLY A 165 -9.51 40.05 -20.05
CA GLY A 165 -10.94 39.81 -19.95
C GLY A 165 -11.33 39.60 -18.50
N PHE A 166 -10.40 39.03 -17.72
CA PHE A 166 -10.60 38.77 -16.29
C PHE A 166 -10.70 40.13 -15.62
N LEU A 167 -9.75 41.00 -15.95
CA LEU A 167 -9.66 42.36 -15.43
C LEU A 167 -10.77 43.27 -15.92
N ASN A 168 -11.25 43.03 -17.13
CA ASN A 168 -12.33 43.83 -17.70
C ASN A 168 -13.63 43.52 -16.96
N ALA A 169 -13.83 42.24 -16.62
CA ALA A 169 -15.03 41.81 -15.91
C ALA A 169 -15.05 42.41 -14.51
N ILE A 170 -13.89 42.43 -13.87
CA ILE A 170 -13.77 43.00 -12.52
C ILE A 170 -14.15 44.47 -12.57
N GLN A 171 -13.61 45.19 -13.55
CA GLN A 171 -13.89 46.61 -13.69
C GLN A 171 -15.33 46.91 -14.08
N LYS A 172 -15.94 46.04 -14.89
CA LYS A 172 -17.31 46.25 -15.33
C LYS A 172 -18.39 45.79 -14.35
N ALA A 173 -18.03 44.92 -13.40
CA ALA A 173 -18.99 44.43 -12.43
C ALA A 173 -19.46 45.53 -11.47
N PRO A 174 -20.74 45.49 -11.06
CA PRO A 174 -21.20 46.53 -10.14
C PRO A 174 -20.43 46.44 -8.82
N GLU A 175 -19.97 47.59 -8.32
CA GLU A 175 -19.21 47.65 -7.08
C GLU A 175 -19.83 46.86 -5.93
N GLY A 176 -18.99 46.08 -5.24
CA GLY A 176 -19.46 45.29 -4.13
C GLY A 176 -19.77 43.85 -4.49
N SER A 177 -19.45 43.46 -5.72
CA SER A 177 -19.67 42.10 -6.21
C SER A 177 -18.74 41.13 -5.51
N ILE A 178 -19.16 39.87 -5.43
CA ILE A 178 -18.40 38.82 -4.79
C ILE A 178 -17.67 38.01 -5.87
N PHE A 179 -16.35 37.92 -5.76
CA PHE A 179 -15.54 37.17 -6.72
C PHE A 179 -14.95 35.95 -6.06
N VAL A 180 -15.36 34.78 -6.53
CA VAL A 180 -14.86 33.52 -5.99
C VAL A 180 -13.55 33.19 -6.69
N LEU A 181 -12.46 33.37 -5.94
CA LEU A 181 -11.12 33.15 -6.45
C LEU A 181 -10.53 31.82 -5.97
N HIS A 182 -9.70 31.21 -6.81
CA HIS A 182 -9.03 29.97 -6.46
C HIS A 182 -7.65 30.39 -5.99
N SER A 183 -7.40 30.20 -4.69
CA SER A 183 -6.15 30.58 -4.06
C SER A 183 -4.92 30.06 -4.80
N CYS A 184 -4.98 28.79 -5.18
CA CYS A 184 -3.91 28.13 -5.91
C CYS A 184 -4.49 26.84 -6.48
N ALA A 185 -3.70 26.12 -7.28
CA ALA A 185 -4.13 24.87 -7.90
C ALA A 185 -5.57 24.91 -8.41
N HIS A 186 -5.84 25.83 -9.34
CA HIS A 186 -7.16 26.04 -9.93
C HIS A 186 -7.83 24.74 -10.42
N ASN A 187 -9.08 24.59 -10.09
CA ASN A 187 -9.89 23.43 -10.46
C ASN A 187 -10.88 24.00 -11.44
N PRO A 188 -11.00 23.42 -12.64
CA PRO A 188 -10.39 22.24 -13.27
C PRO A 188 -9.14 22.45 -14.14
N THR A 189 -8.92 23.65 -14.65
CA THR A 189 -7.81 23.94 -15.55
C THR A 189 -6.38 23.64 -15.09
N GLY A 190 -6.08 23.92 -13.83
CA GLY A 190 -4.73 23.71 -13.33
C GLY A 190 -3.87 24.90 -13.69
N LEU A 191 -4.51 26.00 -14.09
CA LEU A 191 -3.83 27.23 -14.48
C LEU A 191 -4.06 28.31 -13.43
N ASP A 192 -2.96 28.81 -12.85
CA ASP A 192 -3.00 29.84 -11.83
C ASP A 192 -2.35 31.13 -12.32
N PRO A 193 -2.76 32.28 -11.77
CA PRO A 193 -2.19 33.57 -12.17
C PRO A 193 -0.81 33.66 -11.51
N THR A 194 0.18 34.17 -12.21
CA THR A 194 1.50 34.28 -11.60
C THR A 194 1.42 35.33 -10.50
N SER A 195 2.44 35.42 -9.67
CA SER A 195 2.46 36.40 -8.58
C SER A 195 2.21 37.82 -9.06
N GLU A 196 2.78 38.18 -10.20
CA GLU A 196 2.63 39.51 -10.78
C GLU A 196 1.20 39.75 -11.26
N GLN A 197 0.56 38.69 -11.77
CA GLN A 197 -0.81 38.79 -12.25
C GLN A 197 -1.79 38.92 -11.09
N TRP A 198 -1.51 38.25 -9.98
CA TRP A 198 -2.36 38.32 -8.79
C TRP A 198 -2.38 39.75 -8.27
N VAL A 199 -1.25 40.44 -8.36
CA VAL A 199 -1.16 41.82 -7.89
C VAL A 199 -2.15 42.70 -8.64
N GLN A 200 -2.28 42.48 -9.94
CA GLN A 200 -3.19 43.24 -10.78
C GLN A 200 -4.65 42.92 -10.49
N ILE A 201 -4.93 41.63 -10.28
CA ILE A 201 -6.27 41.16 -9.99
C ILE A 201 -6.76 41.73 -8.67
N VAL A 202 -5.90 41.71 -7.66
CA VAL A 202 -6.25 42.23 -6.34
C VAL A 202 -6.43 43.74 -6.35
N ASP A 203 -5.58 44.46 -7.08
CA ASP A 203 -5.68 45.91 -7.18
C ASP A 203 -7.00 46.33 -7.82
N ALA A 204 -7.41 45.57 -8.82
CA ALA A 204 -8.64 45.84 -9.54
C ALA A 204 -9.85 45.64 -8.64
N ILE A 205 -9.81 44.59 -7.84
CA ILE A 205 -10.88 44.27 -6.90
C ILE A 205 -10.96 45.35 -5.83
N ALA A 206 -9.80 45.84 -5.39
CA ALA A 206 -9.73 46.88 -4.38
C ALA A 206 -10.33 48.19 -4.91
N SER A 207 -10.02 48.51 -6.17
CA SER A 207 -10.50 49.73 -6.85
C SER A 207 -12.01 49.78 -7.01
N LYS A 208 -12.62 48.61 -7.16
CA LYS A 208 -14.06 48.49 -7.37
C LYS A 208 -14.86 48.16 -6.12
N ASN A 209 -14.17 48.09 -4.98
CA ASN A 209 -14.80 47.75 -3.70
C ASN A 209 -15.43 46.37 -3.71
N HIS A 210 -14.84 45.47 -4.50
CA HIS A 210 -15.35 44.12 -4.58
C HIS A 210 -14.99 43.30 -3.35
N ILE A 211 -15.76 42.24 -3.14
CA ILE A 211 -15.56 41.32 -2.02
C ILE A 211 -14.82 40.10 -2.55
N ALA A 212 -13.71 39.76 -1.91
CA ALA A 212 -12.92 38.62 -2.32
C ALA A 212 -13.22 37.38 -1.48
N LEU A 213 -13.48 36.27 -2.16
CA LEU A 213 -13.75 35.01 -1.50
C LEU A 213 -12.75 34.01 -2.05
N PHE A 214 -11.77 33.65 -1.22
CA PHE A 214 -10.74 32.71 -1.62
C PHE A 214 -11.12 31.28 -1.26
N ASP A 215 -11.41 30.47 -2.27
CA ASP A 215 -11.73 29.07 -2.08
C ASP A 215 -10.38 28.38 -2.01
N THR A 216 -9.98 27.99 -0.80
CA THR A 216 -8.69 27.37 -0.54
C THR A 216 -8.81 25.88 -0.27
N ALA A 217 -8.89 25.08 -1.33
CA ALA A 217 -9.01 23.64 -1.18
C ALA A 217 -7.73 22.89 -1.51
N TYR A 218 -6.70 23.61 -1.96
CA TYR A 218 -5.45 22.98 -2.33
C TYR A 218 -4.16 23.59 -1.80
N GLN A 219 -4.21 24.27 -0.66
CA GLN A 219 -2.98 24.87 -0.12
C GLN A 219 -1.95 23.79 0.19
N GLY A 220 -0.83 23.82 -0.53
CA GLY A 220 0.22 22.84 -0.33
C GLY A 220 0.39 21.90 -1.52
N PHE A 221 -0.53 21.94 -2.46
CA PHE A 221 -0.47 21.11 -3.65
C PHE A 221 0.07 21.81 -4.88
N ALA A 222 -0.11 23.12 -4.97
CA ALA A 222 0.38 23.87 -6.13
C ALA A 222 1.91 23.85 -6.25
N THR A 223 2.60 24.33 -5.21
CA THR A 223 4.06 24.36 -5.22
C THR A 223 4.63 23.37 -4.21
N GLY A 224 3.75 22.76 -3.43
CA GLY A 224 4.18 21.83 -2.41
C GLY A 224 4.71 22.58 -1.20
N ASP A 225 4.54 23.91 -1.20
CA ASP A 225 4.98 24.75 -0.09
C ASP A 225 3.78 25.56 0.39
N LEU A 226 3.44 25.39 1.66
CA LEU A 226 2.30 26.08 2.25
C LEU A 226 2.33 27.60 2.15
N ASP A 227 3.46 28.22 2.48
CA ASP A 227 3.56 29.67 2.42
C ASP A 227 3.47 30.17 0.98
N LYS A 228 4.19 29.50 0.09
CA LYS A 228 4.19 29.86 -1.33
C LYS A 228 2.77 29.82 -1.90
N ASP A 229 1.98 28.83 -1.46
CA ASP A 229 0.61 28.67 -1.93
C ASP A 229 -0.44 29.60 -1.32
N ALA A 230 -0.10 30.25 -0.21
CA ALA A 230 -1.02 31.18 0.44
C ALA A 230 -0.79 32.62 0.00
N TYR A 231 0.06 32.80 -1.01
CA TYR A 231 0.39 34.13 -1.52
C TYR A 231 -0.79 35.04 -1.87
N ALA A 232 -1.68 34.56 -2.75
CA ALA A 232 -2.83 35.35 -3.16
C ALA A 232 -3.75 35.75 -1.99
N VAL A 233 -3.97 34.81 -1.05
CA VAL A 233 -4.83 35.09 0.10
C VAL A 233 -4.20 36.15 1.00
N ARG A 234 -2.91 36.01 1.27
CA ARG A 234 -2.18 36.94 2.12
C ARG A 234 -2.14 38.33 1.49
N LEU A 235 -1.97 38.37 0.17
CA LEU A 235 -1.92 39.64 -0.57
C LEU A 235 -3.28 40.29 -0.44
N GLY A 236 -4.33 39.49 -0.63
CA GLY A 236 -5.69 39.96 -0.55
C GLY A 236 -6.05 40.56 0.80
N VAL A 237 -5.75 39.83 1.88
CA VAL A 237 -6.08 40.33 3.21
C VAL A 237 -5.29 41.60 3.54
N GLU A 238 -4.11 41.74 2.96
CA GLU A 238 -3.29 42.92 3.20
C GLU A 238 -3.85 44.16 2.51
N LYS A 239 -4.06 44.06 1.20
CA LYS A 239 -4.56 45.18 0.41
C LYS A 239 -6.03 45.54 0.59
N LEU A 240 -6.84 44.60 1.05
CA LEU A 240 -8.25 44.84 1.23
C LEU A 240 -8.67 45.20 2.65
N SER A 241 -7.71 45.33 3.57
CA SER A 241 -8.01 45.66 4.96
C SER A 241 -8.78 46.95 5.17
N THR A 242 -8.70 47.89 4.22
CA THR A 242 -9.42 49.16 4.32
C THR A 242 -10.54 49.24 3.29
N VAL A 243 -10.67 48.21 2.47
CA VAL A 243 -11.70 48.21 1.44
C VAL A 243 -12.86 47.22 1.58
N SER A 244 -12.58 45.95 1.88
CA SER A 244 -13.65 44.98 2.00
C SER A 244 -13.31 43.74 2.82
N PRO A 245 -14.32 43.10 3.43
CA PRO A 245 -14.14 41.89 4.24
C PRO A 245 -13.71 40.73 3.35
N VAL A 246 -12.67 40.01 3.77
CA VAL A 246 -12.14 38.88 3.00
C VAL A 246 -12.64 37.53 3.53
N PHE A 247 -13.31 36.75 2.68
CA PHE A 247 -13.83 35.43 3.07
C PHE A 247 -12.86 34.33 2.65
N VAL A 248 -12.57 33.41 3.57
CA VAL A 248 -11.66 32.31 3.27
C VAL A 248 -12.28 30.95 3.55
N CYS A 249 -12.49 30.17 2.51
CA CYS A 249 -13.05 28.84 2.66
C CYS A 249 -11.90 27.85 2.58
N GLN A 250 -11.55 27.29 3.73
CA GLN A 250 -10.42 26.37 3.85
C GLN A 250 -10.80 24.90 4.01
N SER A 251 -10.17 24.04 3.22
CA SER A 251 -10.42 22.61 3.28
C SER A 251 -9.15 21.82 3.56
N PHE A 252 -9.29 20.77 4.37
CA PHE A 252 -8.17 19.89 4.69
C PHE A 252 -8.38 18.53 4.02
N ALA A 253 -9.40 18.46 3.17
CA ALA A 253 -9.74 17.24 2.44
C ALA A 253 -8.61 16.63 1.61
N LYS A 254 -7.89 17.49 0.88
CA LYS A 254 -6.79 17.03 0.01
C LYS A 254 -5.37 17.14 0.61
N ASN A 255 -4.99 18.31 1.12
CA ASN A 255 -3.66 18.51 1.69
C ASN A 255 -3.38 17.67 2.93
N ALA A 256 -4.43 17.35 3.68
CA ALA A 256 -4.32 16.55 4.89
C ALA A 256 -4.95 15.16 4.66
N GLY A 257 -5.53 14.96 3.48
CA GLY A 257 -6.15 13.69 3.15
C GLY A 257 -7.34 13.30 4.02
N MET A 258 -8.03 14.29 4.56
CA MET A 258 -9.18 14.02 5.40
C MET A 258 -10.44 13.68 4.63
N TYR A 259 -10.47 14.02 3.34
CA TYR A 259 -11.62 13.77 2.47
C TYR A 259 -12.99 13.60 3.14
N GLY A 260 -13.34 12.35 3.44
CA GLY A 260 -14.63 12.04 4.04
C GLY A 260 -14.91 12.37 5.50
N GLU A 261 -13.95 12.97 6.20
CA GLU A 261 -14.14 13.34 7.59
C GLU A 261 -14.76 14.73 7.69
N ARG A 262 -14.77 15.43 6.54
CA ARG A 262 -15.32 16.77 6.38
C ARG A 262 -14.73 17.78 7.35
N VAL A 263 -13.44 18.06 7.18
CA VAL A 263 -12.72 19.01 8.04
C VAL A 263 -12.35 20.26 7.27
N GLY A 264 -12.84 21.40 7.77
CA GLY A 264 -12.54 22.65 7.13
C GLY A 264 -12.86 23.81 8.05
N CYS A 265 -12.60 25.02 7.57
CA CYS A 265 -12.86 26.21 8.35
C CYS A 265 -13.28 27.37 7.48
N PHE A 266 -14.16 28.20 8.02
CA PHE A 266 -14.61 29.40 7.36
C PHE A 266 -13.91 30.53 8.11
N HIS A 267 -13.15 31.34 7.39
CA HIS A 267 -12.44 32.46 7.98
C HIS A 267 -13.00 33.75 7.41
N LEU A 268 -12.95 34.81 8.21
CA LEU A 268 -13.45 36.10 7.78
C LEU A 268 -12.60 37.24 8.32
N ALA A 269 -11.84 37.87 7.43
CA ALA A 269 -10.98 39.00 7.81
C ALA A 269 -11.78 40.30 7.68
N LEU A 270 -12.21 40.81 8.82
CA LEU A 270 -12.99 42.05 8.87
C LEU A 270 -12.14 43.25 8.49
N THR A 271 -12.80 44.32 8.03
CA THR A 271 -12.11 45.55 7.66
C THR A 271 -11.64 46.27 8.92
N LYS A 272 -10.72 47.22 8.75
CA LYS A 272 -10.18 47.98 9.86
C LYS A 272 -11.09 49.10 10.32
N GLN A 273 -11.61 48.98 11.53
CA GLN A 273 -12.46 50.00 12.13
C GLN A 273 -12.67 49.75 13.61
N ALA A 274 -12.83 50.83 14.37
CA ALA A 274 -13.02 50.77 15.82
C ALA A 274 -14.33 50.14 16.27
N GLN A 275 -15.24 49.93 15.32
CA GLN A 275 -16.54 49.34 15.65
C GLN A 275 -16.44 47.82 15.72
N ASN A 276 -15.26 47.27 15.37
CA ASN A 276 -15.01 45.83 15.41
C ASN A 276 -15.26 45.21 16.77
N LYS A 277 -15.17 46.01 17.83
CA LYS A 277 -15.39 45.52 19.19
C LYS A 277 -16.80 44.90 19.30
N THR A 278 -17.74 45.43 18.51
CA THR A 278 -19.10 44.92 18.50
C THR A 278 -19.40 44.15 17.20
N ILE A 279 -18.74 44.52 16.10
CA ILE A 279 -18.98 43.84 14.82
C ILE A 279 -18.55 42.38 14.85
N LYS A 280 -17.36 42.11 15.38
CA LYS A 280 -16.85 40.75 15.45
C LYS A 280 -17.83 39.82 16.19
N PRO A 281 -18.25 40.19 17.41
CA PRO A 281 -19.19 39.33 18.16
C PRO A 281 -20.55 39.20 17.48
N ALA A 282 -21.03 40.29 16.89
CA ALA A 282 -22.32 40.26 16.22
C ALA A 282 -22.32 39.35 15.00
N VAL A 283 -21.28 39.42 14.17
CA VAL A 283 -21.20 38.58 12.97
C VAL A 283 -20.95 37.13 13.36
N THR A 284 -20.17 36.92 14.41
CA THR A 284 -19.87 35.58 14.90
C THR A 284 -21.13 34.87 15.42
N SER A 285 -21.99 35.61 16.11
CA SER A 285 -23.23 35.03 16.64
C SER A 285 -24.21 34.69 15.51
N GLN A 286 -24.05 35.40 14.40
CA GLN A 286 -24.89 35.18 13.21
C GLN A 286 -24.50 33.88 12.52
N LEU A 287 -23.19 33.66 12.39
CA LEU A 287 -22.62 32.47 11.78
C LEU A 287 -22.94 31.22 12.58
N ALA A 288 -23.00 31.39 13.90
CA ALA A 288 -23.30 30.30 14.83
C ALA A 288 -24.75 29.84 14.70
N LYS A 289 -25.64 30.77 14.43
CA LYS A 289 -27.06 30.46 14.28
C LYS A 289 -27.23 29.62 13.03
N ILE A 290 -26.57 30.02 11.94
CA ILE A 290 -26.66 29.29 10.68
C ILE A 290 -26.21 27.84 10.86
N ILE A 291 -25.11 27.65 11.60
CA ILE A 291 -24.59 26.30 11.86
C ILE A 291 -25.55 25.50 12.73
N ARG A 292 -25.94 26.09 13.86
CA ARG A 292 -26.86 25.45 14.80
C ARG A 292 -28.19 25.00 14.20
N SER A 293 -28.77 25.85 13.35
CA SER A 293 -30.06 25.54 12.73
C SER A 293 -29.98 24.67 11.48
N GLU A 294 -28.78 24.30 11.08
CA GLU A 294 -28.62 23.47 9.89
C GLU A 294 -27.97 22.12 10.21
N VAL A 295 -26.83 22.16 10.89
CA VAL A 295 -26.10 20.96 11.24
C VAL A 295 -25.79 20.86 12.74
N SER A 296 -26.24 21.87 13.49
CA SER A 296 -26.06 21.95 14.95
C SER A 296 -24.64 22.24 15.41
N ASN A 297 -23.75 21.29 15.14
CA ASN A 297 -22.33 21.39 15.47
C ASN A 297 -21.61 20.45 14.51
N PRO A 298 -20.33 20.74 14.20
CA PRO A 298 -19.44 20.00 13.30
C PRO A 298 -18.82 18.69 13.80
N PRO A 299 -18.40 17.83 12.85
CA PRO A 299 -17.77 16.52 13.09
C PRO A 299 -16.56 16.64 14.03
N ALA A 300 -16.55 15.80 15.07
CA ALA A 300 -15.49 15.84 16.07
C ALA A 300 -14.14 15.21 15.72
N TYR A 301 -14.17 13.96 15.29
CA TYR A 301 -12.97 13.17 14.96
C TYR A 301 -11.94 13.75 13.97
N GLY A 302 -12.40 14.16 12.79
CA GLY A 302 -11.49 14.72 11.80
C GLY A 302 -10.81 15.99 12.26
N ALA A 303 -11.55 16.80 13.02
CA ALA A 303 -11.04 18.05 13.57
C ALA A 303 -9.91 17.79 14.57
N LYS A 304 -10.04 16.72 15.34
CA LYS A 304 -9.03 16.34 16.33
C LYS A 304 -7.71 15.89 15.70
N ILE A 305 -7.80 15.16 14.59
CA ILE A 305 -6.63 14.66 13.87
C ILE A 305 -5.83 15.83 13.34
N VAL A 306 -6.48 16.65 12.53
CA VAL A 306 -5.85 17.83 11.92
C VAL A 306 -5.36 18.78 13.01
N ALA A 307 -6.15 18.93 14.07
CA ALA A 307 -5.76 19.80 15.18
C ALA A 307 -4.46 19.30 15.78
N LYS A 308 -4.38 18.00 16.03
CA LYS A 308 -3.19 17.36 16.59
C LYS A 308 -2.00 17.57 15.65
N LEU A 309 -2.24 17.45 14.34
CA LEU A 309 -1.18 17.64 13.34
C LEU A 309 -0.56 19.02 13.45
N LEU A 310 -1.42 20.03 13.37
CA LEU A 310 -1.01 21.43 13.43
C LEU A 310 -0.33 21.88 14.72
N GLU A 311 -0.71 21.28 15.85
CA GLU A 311 -0.14 21.69 17.14
C GLU A 311 1.02 20.85 17.67
N THR A 312 1.37 19.78 16.96
CA THR A 312 2.46 18.92 17.40
C THR A 312 3.59 19.03 16.37
N PRO A 313 4.63 19.82 16.70
CA PRO A 313 5.82 20.08 15.88
C PRO A 313 6.36 18.96 14.98
N GLU A 314 6.69 17.81 15.55
CA GLU A 314 7.21 16.71 14.75
C GLU A 314 6.16 16.21 13.76
N LEU A 315 4.88 16.24 14.17
CA LEU A 315 3.79 15.81 13.31
C LEU A 315 3.54 16.79 12.19
N THR A 316 3.72 18.08 12.46
CA THR A 316 3.51 19.09 11.42
C THR A 316 4.69 19.14 10.46
N GLU A 317 5.88 18.80 10.94
CA GLU A 317 7.07 18.77 10.08
C GLU A 317 6.91 17.59 9.12
N GLN A 318 6.29 16.52 9.62
CA GLN A 318 6.05 15.33 8.82
C GLN A 318 4.96 15.62 7.79
N TRP A 319 3.95 16.40 8.18
CA TRP A 319 2.85 16.75 7.27
C TRP A 319 3.39 17.51 6.06
N HIS A 320 4.38 18.36 6.30
CA HIS A 320 4.99 19.14 5.23
C HIS A 320 5.70 18.21 4.24
N LYS A 321 6.34 17.17 4.77
CA LYS A 321 7.06 16.21 3.95
C LYS A 321 6.08 15.35 3.16
N ASP A 322 4.97 14.99 3.79
CA ASP A 322 3.94 14.18 3.15
C ASP A 322 3.35 14.93 1.95
N MET A 323 3.16 16.23 2.10
CA MET A 323 2.62 17.05 1.00
C MET A 323 3.59 17.14 -0.17
N VAL A 324 4.89 17.11 0.13
CA VAL A 324 5.90 17.16 -0.91
C VAL A 324 5.90 15.83 -1.64
N THR A 325 5.79 14.74 -0.87
CA THR A 325 5.74 13.40 -1.40
C THR A 325 4.57 13.25 -2.39
N MET A 326 3.43 13.82 -2.04
CA MET A 326 2.26 13.76 -2.89
C MET A 326 2.42 14.61 -4.14
N SER A 327 2.72 15.90 -3.95
CA SER A 327 2.89 16.82 -5.08
C SER A 327 4.05 16.43 -5.98
N SER A 328 5.02 15.74 -5.40
CA SER A 328 6.20 15.28 -6.12
C SER A 328 5.82 14.14 -7.08
N ARG A 329 4.95 13.24 -6.64
CA ARG A 329 4.53 12.13 -7.47
C ARG A 329 3.65 12.61 -8.64
N ILE A 330 2.83 13.63 -8.39
CA ILE A 330 1.95 14.20 -9.39
C ILE A 330 2.80 14.76 -10.53
N THR A 331 3.76 15.61 -10.18
CA THR A 331 4.66 16.24 -11.15
C THR A 331 5.42 15.17 -11.94
N LYS A 332 5.66 14.03 -11.31
CA LYS A 332 6.35 12.90 -11.90
C LYS A 332 5.46 12.27 -12.97
N MET A 333 4.17 12.17 -12.67
CA MET A 333 3.20 11.61 -13.61
C MET A 333 2.87 12.53 -14.77
N ARG A 334 3.07 13.84 -14.59
CA ARG A 334 2.79 14.82 -15.63
C ARG A 334 3.83 14.69 -16.74
N HIS A 335 5.08 14.50 -16.33
CA HIS A 335 6.21 14.35 -17.24
C HIS A 335 6.18 13.01 -17.93
N ALA A 336 5.77 11.97 -17.20
CA ALA A 336 5.69 10.63 -17.75
C ALA A 336 4.66 10.56 -18.89
N LEU A 337 3.57 11.30 -18.75
CA LEU A 337 2.52 11.32 -19.77
C LEU A 337 2.94 12.14 -20.98
N ARG A 338 3.45 13.34 -20.73
CA ARG A 338 3.91 14.24 -21.79
C ARG A 338 5.00 13.54 -22.60
N ASP A 339 5.97 12.96 -21.89
CA ASP A 339 7.07 12.23 -22.52
C ASP A 339 6.62 11.00 -23.30
N HIS A 340 5.52 10.38 -22.87
CA HIS A 340 5.00 9.19 -23.55
C HIS A 340 4.26 9.56 -24.83
N LEU A 341 3.60 10.71 -24.83
CA LEU A 341 2.86 11.16 -26.01
C LEU A 341 3.82 11.66 -27.08
N VAL A 342 4.94 12.25 -26.64
CA VAL A 342 5.97 12.74 -27.54
C VAL A 342 6.58 11.55 -28.26
N LYS A 343 6.95 10.53 -27.49
CA LYS A 343 7.54 9.31 -28.04
C LYS A 343 6.62 8.61 -29.03
N LEU A 344 5.32 8.64 -28.75
CA LEU A 344 4.32 8.03 -29.63
C LEU A 344 4.05 8.90 -30.85
N GLY A 345 4.48 10.16 -30.78
CA GLY A 345 4.28 11.08 -31.88
C GLY A 345 2.84 11.50 -32.01
N THR A 346 2.16 11.68 -30.87
CA THR A 346 0.76 12.10 -30.85
C THR A 346 0.63 13.50 -31.44
N PRO A 347 -0.27 13.67 -32.43
CA PRO A 347 -0.48 14.98 -33.07
C PRO A 347 -0.70 16.08 -32.03
N GLY A 348 -0.20 17.28 -32.33
CA GLY A 348 -0.34 18.40 -31.42
C GLY A 348 0.77 18.51 -30.38
N ASN A 349 0.65 19.51 -29.51
CA ASN A 349 1.62 19.74 -28.45
C ASN A 349 0.95 19.39 -27.12
N TRP A 350 1.71 18.84 -26.18
CA TRP A 350 1.13 18.45 -24.91
C TRP A 350 1.86 18.97 -23.67
N ASP A 351 2.66 20.01 -23.86
CA ASP A 351 3.41 20.61 -22.75
C ASP A 351 2.51 21.22 -21.69
N HIS A 352 1.25 21.47 -22.05
CA HIS A 352 0.29 22.05 -21.11
C HIS A 352 0.05 21.15 -19.91
N ILE A 353 0.24 19.85 -20.12
CA ILE A 353 0.07 18.88 -19.05
C ILE A 353 1.15 19.05 -18.00
N VAL A 354 2.35 19.46 -18.43
CA VAL A 354 3.45 19.67 -17.51
C VAL A 354 3.55 21.11 -17.01
N ASN A 355 2.88 22.02 -17.71
CA ASN A 355 2.89 23.44 -17.34
C ASN A 355 1.92 23.75 -16.21
N GLN A 356 0.84 22.96 -16.15
CA GLN A 356 -0.19 23.11 -15.14
C GLN A 356 0.26 22.60 -13.78
N CYS A 357 -0.41 23.09 -12.72
CA CYS A 357 -0.08 22.68 -11.36
C CYS A 357 -1.33 22.14 -10.65
N GLY A 358 -1.13 21.62 -9.45
CA GLY A 358 -2.23 21.04 -8.67
C GLY A 358 -2.32 19.57 -8.98
N MET A 359 -3.52 19.00 -9.01
CA MET A 359 -3.63 17.59 -9.33
C MET A 359 -4.45 17.30 -10.57
N PHE A 360 -4.80 18.35 -11.31
CA PHE A 360 -5.58 18.20 -12.54
C PHE A 360 -4.83 18.71 -13.75
N SER A 361 -5.32 18.32 -14.91
CA SER A 361 -4.78 18.77 -16.17
C SER A 361 -5.94 18.94 -17.11
N PHE A 362 -6.06 20.14 -17.66
CA PHE A 362 -7.11 20.43 -18.63
C PHE A 362 -6.40 20.03 -19.92
N THR A 363 -6.54 18.75 -20.28
CA THR A 363 -5.89 18.14 -21.43
C THR A 363 -6.17 18.71 -22.81
N GLY A 364 -7.34 19.32 -22.98
CA GLY A 364 -7.69 19.88 -24.28
C GLY A 364 -8.52 18.94 -25.12
N LEU A 365 -8.67 17.69 -24.66
CA LEU A 365 -9.45 16.69 -25.35
C LEU A 365 -10.91 17.12 -25.48
N THR A 366 -11.52 16.80 -26.62
CA THR A 366 -12.92 17.15 -26.88
C THR A 366 -13.85 16.19 -26.13
N PRO A 367 -15.11 16.59 -25.90
CA PRO A 367 -16.07 15.74 -25.19
C PRO A 367 -16.25 14.36 -25.82
N GLN A 368 -16.18 14.30 -27.14
CA GLN A 368 -16.33 13.05 -27.87
C GLN A 368 -15.07 12.20 -27.68
N MET A 369 -13.90 12.84 -27.71
CA MET A 369 -12.65 12.12 -27.51
C MET A 369 -12.70 11.54 -26.11
N VAL A 370 -13.15 12.35 -25.15
CA VAL A 370 -13.28 11.92 -23.76
C VAL A 370 -14.24 10.75 -23.65
N LYS A 371 -15.36 10.82 -24.38
CA LYS A 371 -16.37 9.77 -24.37
C LYS A 371 -15.85 8.46 -24.95
N ARG A 372 -15.00 8.55 -25.96
CA ARG A 372 -14.42 7.36 -26.60
C ARG A 372 -13.38 6.69 -25.70
N LEU A 373 -12.76 7.47 -24.82
CA LEU A 373 -11.75 6.95 -23.91
C LEU A 373 -12.28 5.87 -22.98
N GLU A 374 -13.48 6.05 -22.42
CA GLU A 374 -14.03 5.01 -21.56
C GLU A 374 -14.87 4.05 -22.36
N GLU A 375 -15.44 4.54 -23.46
CA GLU A 375 -16.28 3.72 -24.32
C GLU A 375 -15.46 2.70 -25.11
N THR A 376 -14.15 2.89 -25.16
CA THR A 376 -13.28 1.97 -25.90
C THR A 376 -12.07 1.54 -25.07
N HIS A 377 -11.48 2.48 -24.34
CA HIS A 377 -10.29 2.18 -23.56
C HIS A 377 -10.46 2.06 -22.04
N ALA A 378 -11.68 2.25 -21.55
CA ALA A 378 -11.95 2.16 -20.11
C ALA A 378 -11.13 3.16 -19.28
N VAL A 379 -10.99 4.37 -19.82
CA VAL A 379 -10.25 5.43 -19.13
C VAL A 379 -11.28 6.52 -18.80
N TYR A 380 -11.50 6.74 -17.51
CA TYR A 380 -12.47 7.72 -17.06
C TYR A 380 -11.92 9.12 -16.78
N LEU A 381 -12.41 10.11 -17.52
CA LEU A 381 -12.04 11.51 -17.37
C LEU A 381 -13.33 12.31 -17.22
N VAL A 382 -13.20 13.56 -16.78
CA VAL A 382 -14.37 14.43 -16.64
C VAL A 382 -14.67 14.99 -18.03
N ALA A 383 -15.96 15.02 -18.38
CA ALA A 383 -16.43 15.50 -19.69
C ALA A 383 -15.75 16.75 -20.25
N SER A 384 -15.25 17.61 -19.38
CA SER A 384 -14.58 18.85 -19.80
C SER A 384 -13.13 18.63 -20.25
N GLY A 385 -12.67 17.39 -20.22
CA GLY A 385 -11.30 17.09 -20.60
C GLY A 385 -10.38 17.08 -19.39
N ARG A 386 -10.95 17.32 -18.20
CA ARG A 386 -10.18 17.34 -16.96
C ARG A 386 -9.77 15.94 -16.56
N ALA A 387 -8.51 15.77 -16.19
CA ALA A 387 -7.99 14.48 -15.76
C ALA A 387 -7.17 14.67 -14.49
N SER A 388 -7.43 13.85 -13.47
CA SER A 388 -6.66 13.96 -12.24
C SER A 388 -5.38 13.13 -12.41
N ILE A 389 -4.25 13.82 -12.41
CA ILE A 389 -2.95 13.20 -12.58
C ILE A 389 -2.64 12.13 -11.54
N ALA A 390 -3.30 12.23 -10.39
CA ALA A 390 -3.09 11.27 -9.30
C ALA A 390 -3.48 9.85 -9.66
N GLY A 391 -4.47 9.70 -10.55
CA GLY A 391 -4.92 8.38 -10.96
C GLY A 391 -3.90 7.65 -11.82
N LEU A 392 -2.89 8.37 -12.28
CA LEU A 392 -1.81 7.82 -13.11
C LEU A 392 -0.69 7.31 -12.22
N ASN A 393 -0.02 6.24 -12.67
CA ASN A 393 1.10 5.64 -11.96
C ASN A 393 1.96 4.86 -12.96
N GLN A 394 3.13 4.39 -12.52
CA GLN A 394 4.03 3.66 -13.41
C GLN A 394 3.42 2.40 -14.04
N GLY A 395 2.34 1.91 -13.45
CA GLY A 395 1.70 0.73 -13.99
C GLY A 395 0.69 1.01 -15.08
N ASN A 396 0.32 2.28 -15.27
CA ASN A 396 -0.68 2.62 -16.29
C ASN A 396 -0.45 3.84 -17.18
N VAL A 397 0.59 4.64 -16.91
CA VAL A 397 0.82 5.83 -17.73
C VAL A 397 1.00 5.47 -19.21
N GLU A 398 1.70 4.37 -19.46
CA GLU A 398 1.95 3.90 -20.81
C GLU A 398 0.62 3.57 -21.50
N TYR A 399 -0.30 2.97 -20.74
CA TYR A 399 -1.60 2.59 -21.27
C TYR A 399 -2.48 3.81 -21.59
N VAL A 400 -2.47 4.81 -20.71
CA VAL A 400 -3.27 6.00 -20.94
C VAL A 400 -2.64 6.84 -22.04
N ALA A 401 -1.34 6.69 -22.23
CA ALA A 401 -0.64 7.43 -23.27
C ALA A 401 -1.13 6.90 -24.63
N LYS A 402 -1.24 5.58 -24.74
CA LYS A 402 -1.70 4.94 -25.97
C LYS A 402 -3.17 5.17 -26.25
N ALA A 403 -3.99 5.13 -25.21
CA ALA A 403 -5.43 5.35 -25.34
C ALA A 403 -5.71 6.76 -25.85
N ILE A 404 -4.92 7.73 -25.39
CA ILE A 404 -5.06 9.12 -25.81
C ILE A 404 -4.56 9.28 -27.26
N ASP A 405 -3.45 8.63 -27.59
CA ASP A 405 -2.88 8.71 -28.94
C ASP A 405 -3.92 8.20 -29.95
N GLU A 406 -4.65 7.17 -29.56
CA GLU A 406 -5.67 6.56 -30.40
C GLU A 406 -6.86 7.50 -30.62
N VAL A 407 -7.37 8.11 -29.55
CA VAL A 407 -8.53 9.00 -29.69
C VAL A 407 -8.22 10.29 -30.46
N VAL A 408 -7.00 10.80 -30.32
CA VAL A 408 -6.59 12.03 -31.01
C VAL A 408 -6.53 11.82 -32.52
N ARG A 409 -6.12 10.62 -32.94
CA ARG A 409 -6.02 10.31 -34.36
C ARG A 409 -7.38 9.95 -34.95
N PHE A 410 -8.21 9.29 -34.15
CA PHE A 410 -9.54 8.85 -34.56
C PHE A 410 -10.45 10.00 -34.98
N TYR A 411 -10.58 10.99 -34.10
CA TYR A 411 -11.44 12.13 -34.39
C TYR A 411 -10.71 13.20 -35.20
N ALA A 412 -9.72 13.84 -34.59
CA ALA A 412 -8.94 14.87 -35.29
C ALA A 412 -8.07 14.21 -36.36
N SER B 1 -18.01 49.25 0.84
CA SER B 1 -17.90 47.86 1.38
C SER B 1 -17.09 47.80 2.67
N ALA B 2 -16.60 48.96 3.12
CA ALA B 2 -15.80 49.04 4.33
C ALA B 2 -16.61 49.05 5.62
N THR B 3 -17.88 49.42 5.50
CA THR B 3 -18.78 49.45 6.66
C THR B 3 -20.00 48.56 6.41
N LEU B 4 -19.79 47.47 5.68
CA LEU B 4 -20.85 46.53 5.32
C LEU B 4 -21.52 45.79 6.47
N PHE B 5 -20.74 45.40 7.48
CA PHE B 5 -21.26 44.67 8.64
C PHE B 5 -21.61 45.55 9.86
N ASN B 6 -21.54 46.87 9.69
CA ASN B 6 -21.80 47.80 10.80
C ASN B 6 -23.18 47.79 11.41
N ASN B 7 -24.16 47.30 10.66
CA ASN B 7 -25.54 47.25 11.13
C ASN B 7 -26.03 45.86 11.53
N ILE B 8 -25.15 44.87 11.48
CA ILE B 8 -25.52 43.50 11.84
C ILE B 8 -25.59 43.35 13.37
N GLU B 9 -26.76 42.92 13.84
CA GLU B 9 -27.01 42.75 15.27
C GLU B 9 -26.51 41.45 15.90
N LEU B 10 -26.28 41.53 17.21
CA LEU B 10 -25.82 40.42 18.02
C LEU B 10 -27.00 39.54 18.45
N LEU B 11 -26.91 38.26 18.16
CA LEU B 11 -27.94 37.33 18.55
C LEU B 11 -27.45 36.76 19.86
N PRO B 12 -28.37 36.38 20.77
CA PRO B 12 -27.95 35.83 22.06
C PRO B 12 -27.45 34.39 21.88
N PRO B 13 -26.62 33.91 22.82
CA PRO B 13 -26.09 32.54 22.74
C PRO B 13 -27.21 31.50 22.75
N ASP B 14 -26.93 30.31 22.19
CA ASP B 14 -27.91 29.23 22.15
C ASP B 14 -28.42 28.89 23.54
N ALA B 15 -29.73 28.67 23.67
CA ALA B 15 -30.34 28.33 24.95
C ALA B 15 -29.69 27.16 25.67
N LEU B 16 -29.33 26.11 24.91
CA LEU B 16 -28.74 24.91 25.49
C LEU B 16 -27.22 24.92 25.49
N PHE B 17 -26.60 25.28 24.36
CA PHE B 17 -25.15 25.31 24.28
C PHE B 17 -24.54 26.47 25.05
N GLY B 18 -25.38 27.40 25.48
CA GLY B 18 -24.92 28.53 26.26
C GLY B 18 -24.71 28.11 27.70
N ILE B 19 -25.57 27.24 28.22
CA ILE B 19 -25.44 26.80 29.60
C ILE B 19 -24.18 25.95 29.78
N LYS B 20 -23.77 25.29 28.70
CA LYS B 20 -22.57 24.46 28.67
C LYS B 20 -21.35 25.35 28.84
N GLN B 21 -21.38 26.49 28.15
CA GLN B 21 -20.31 27.48 28.18
C GLN B 21 -20.20 28.16 29.54
N ARG B 22 -21.33 28.53 30.12
CA ARG B 22 -21.33 29.18 31.43
C ARG B 22 -20.83 28.18 32.48
N TYR B 23 -21.22 26.93 32.33
CA TYR B 23 -20.80 25.88 33.25
C TYR B 23 -19.28 25.72 33.17
N GLY B 24 -18.76 25.72 31.93
CA GLY B 24 -17.34 25.58 31.73
C GLY B 24 -16.49 26.67 32.34
N GLN B 25 -16.94 27.91 32.25
CA GLN B 25 -16.19 29.04 32.82
C GLN B 25 -16.39 29.27 34.31
N ASP B 26 -17.37 28.59 34.90
CA ASP B 26 -17.66 28.69 36.33
C ASP B 26 -16.53 28.01 37.09
N GLN B 27 -15.82 28.76 37.93
CA GLN B 27 -14.70 28.20 38.67
C GLN B 27 -15.01 27.55 40.01
N ARG B 28 -16.28 27.54 40.40
CA ARG B 28 -16.67 26.93 41.67
C ARG B 28 -16.61 25.41 41.64
N ALA B 29 -16.07 24.83 42.71
CA ALA B 29 -15.93 23.38 42.85
C ALA B 29 -17.26 22.65 43.01
N THR B 30 -18.33 23.41 43.25
CA THR B 30 -19.67 22.84 43.46
C THR B 30 -20.55 22.77 42.22
N LYS B 31 -20.07 23.27 41.09
CA LYS B 31 -20.88 23.24 39.88
C LYS B 31 -21.36 21.85 39.46
N VAL B 32 -22.61 21.80 39.02
CA VAL B 32 -23.26 20.58 38.57
C VAL B 32 -23.92 20.93 37.24
N ASP B 33 -23.68 20.10 36.22
CA ASP B 33 -24.24 20.31 34.89
C ASP B 33 -25.42 19.38 34.64
N LEU B 34 -26.61 19.99 34.50
CA LEU B 34 -27.85 19.27 34.23
C LEU B 34 -28.52 19.94 33.03
N GLY B 35 -27.70 20.56 32.19
CA GLY B 35 -28.21 21.24 31.01
C GLY B 35 -28.38 20.31 29.84
N ILE B 36 -27.41 20.32 28.92
CA ILE B 36 -27.47 19.47 27.73
C ILE B 36 -27.58 17.99 28.08
N GLY B 37 -28.53 17.32 27.45
CA GLY B 37 -28.76 15.90 27.70
C GLY B 37 -27.72 14.96 27.12
N ALA B 38 -26.56 14.89 27.77
CA ALA B 38 -25.47 14.01 27.35
C ALA B 38 -25.32 12.98 28.46
N TYR B 39 -25.16 11.71 28.11
CA TYR B 39 -25.02 10.67 29.11
C TYR B 39 -23.69 10.70 29.85
N ARG B 40 -23.77 10.63 31.17
CA ARG B 40 -22.60 10.63 32.05
C ARG B 40 -22.75 9.39 32.91
N ASP B 41 -21.63 8.78 33.29
CA ASP B 41 -21.69 7.57 34.10
C ASP B 41 -21.75 7.86 35.60
N ASP B 42 -21.51 6.83 36.41
CA ASP B 42 -21.54 6.93 37.87
C ASP B 42 -20.52 7.93 38.46
N ASN B 43 -19.54 8.32 37.65
CA ASN B 43 -18.53 9.27 38.11
C ASN B 43 -18.69 10.63 37.45
N GLY B 44 -19.75 10.77 36.64
CA GLY B 44 -20.02 12.04 35.99
C GLY B 44 -19.17 12.36 34.77
N LYS B 45 -18.64 11.35 34.11
CA LYS B 45 -17.80 11.54 32.92
C LYS B 45 -18.46 10.93 31.69
N PRO B 46 -18.09 11.42 30.49
CA PRO B 46 -18.67 10.89 29.25
C PRO B 46 -18.41 9.39 29.16
N TRP B 47 -19.34 8.66 28.55
CA TRP B 47 -19.21 7.20 28.49
C TRP B 47 -19.23 6.61 27.08
N VAL B 48 -18.07 6.18 26.60
CA VAL B 48 -18.00 5.56 25.28
C VAL B 48 -18.55 4.13 25.45
N LEU B 49 -19.70 3.86 24.83
CA LEU B 49 -20.32 2.54 24.91
C LEU B 49 -19.35 1.42 24.55
N PRO B 50 -19.36 0.32 25.32
CA PRO B 50 -18.49 -0.82 25.07
C PRO B 50 -18.64 -1.36 23.65
N SER B 51 -19.88 -1.38 23.17
CA SER B 51 -20.18 -1.85 21.82
C SER B 51 -19.48 -1.04 20.74
N VAL B 52 -19.29 0.26 20.97
CA VAL B 52 -18.62 1.10 19.98
C VAL B 52 -17.10 1.04 20.14
N LYS B 53 -16.63 0.72 21.34
CA LYS B 53 -15.19 0.59 21.59
C LYS B 53 -14.69 -0.59 20.77
N ALA B 54 -15.50 -1.66 20.80
CA ALA B 54 -15.22 -2.89 20.08
C ALA B 54 -15.29 -2.65 18.58
N ALA B 55 -16.30 -1.92 18.15
CA ALA B 55 -16.49 -1.62 16.73
C ALA B 55 -15.42 -0.70 16.16
N GLU B 56 -14.89 0.21 17.00
CA GLU B 56 -13.85 1.12 16.56
C GLU B 56 -12.53 0.37 16.42
N LYS B 57 -12.36 -0.69 17.20
CA LYS B 57 -11.15 -1.49 17.16
C LYS B 57 -11.10 -2.33 15.89
N LEU B 58 -12.26 -2.79 15.44
CA LEU B 58 -12.36 -3.59 14.23
C LEU B 58 -12.09 -2.71 13.00
N ILE B 59 -12.65 -1.50 13.02
CA ILE B 59 -12.50 -0.52 11.95
C ILE B 59 -11.05 -0.13 11.68
N HIS B 60 -10.27 -0.03 12.75
CA HIS B 60 -8.86 0.34 12.66
C HIS B 60 -7.94 -0.83 12.33
N ASN B 61 -8.42 -2.05 12.54
CA ASN B 61 -7.63 -3.25 12.23
C ASN B 61 -7.87 -3.68 10.79
N ASP B 62 -8.78 -2.98 10.12
CA ASP B 62 -9.12 -3.27 8.75
C ASP B 62 -8.04 -2.67 7.84
N SER B 63 -7.51 -3.52 6.96
CA SER B 63 -6.45 -3.12 6.02
C SER B 63 -6.91 -2.09 5.00
N SER B 64 -8.22 -1.99 4.80
CA SER B 64 -8.79 -1.05 3.86
C SER B 64 -9.30 0.22 4.55
N TYR B 65 -8.66 0.58 5.66
CA TYR B 65 -9.06 1.77 6.41
C TYR B 65 -8.54 3.04 5.76
N ASN B 66 -9.45 3.97 5.47
CA ASN B 66 -9.10 5.25 4.86
C ASN B 66 -10.13 6.34 5.19
N HIS B 67 -9.79 7.58 4.84
CA HIS B 67 -10.67 8.71 5.07
C HIS B 67 -11.12 9.25 3.72
N GLU B 68 -11.41 8.34 2.79
CA GLU B 68 -11.86 8.72 1.45
C GLU B 68 -13.32 9.15 1.47
N TYR B 69 -13.72 9.93 0.49
CA TYR B 69 -15.10 10.40 0.38
C TYR B 69 -16.11 9.27 0.33
N LEU B 70 -17.29 9.52 0.91
CA LEU B 70 -18.38 8.55 0.88
C LEU B 70 -19.25 9.07 -0.27
N GLY B 71 -20.31 8.35 -0.60
CA GLY B 71 -21.18 8.80 -1.66
C GLY B 71 -21.95 10.02 -1.20
N ILE B 72 -22.60 10.72 -2.13
CA ILE B 72 -23.36 11.91 -1.75
C ILE B 72 -24.47 11.57 -0.76
N THR B 73 -25.09 10.40 -0.95
CA THR B 73 -26.16 9.94 -0.08
C THR B 73 -25.67 9.18 1.16
N GLY B 74 -24.36 9.13 1.34
CA GLY B 74 -23.79 8.45 2.50
C GLY B 74 -23.49 6.97 2.32
N LEU B 75 -23.08 6.34 3.42
CA LEU B 75 -22.73 4.92 3.46
C LEU B 75 -23.98 4.04 3.44
N PRO B 76 -24.12 3.18 2.43
CA PRO B 76 -25.26 2.28 2.25
C PRO B 76 -25.47 1.32 3.41
N SER B 77 -24.37 0.87 3.99
CA SER B 77 -24.41 -0.05 5.13
C SER B 77 -25.14 0.63 6.29
N LEU B 78 -24.86 1.91 6.48
CA LEU B 78 -25.49 2.68 7.55
C LEU B 78 -26.97 2.90 7.27
N THR B 79 -27.27 3.48 6.10
CA THR B 79 -28.65 3.77 5.73
C THR B 79 -29.57 2.56 5.70
N SER B 80 -29.12 1.49 5.03
CA SER B 80 -29.92 0.27 4.92
C SER B 80 -30.24 -0.33 6.29
N ASN B 81 -29.22 -0.52 7.12
CA ASN B 81 -29.41 -1.09 8.45
C ASN B 81 -30.14 -0.15 9.40
N ALA B 82 -29.93 1.16 9.24
CA ALA B 82 -30.59 2.16 10.10
C ALA B 82 -32.10 2.13 9.89
N ALA B 83 -32.52 2.05 8.63
CA ALA B 83 -33.94 2.01 8.29
C ALA B 83 -34.60 0.76 8.84
N LYS B 84 -33.81 -0.31 9.01
CA LYS B 84 -34.34 -1.55 9.53
C LYS B 84 -34.73 -1.45 11.00
N ILE B 85 -33.93 -0.72 11.79
CA ILE B 85 -34.25 -0.58 13.21
C ILE B 85 -35.39 0.38 13.49
N ILE B 86 -35.66 1.29 12.57
CA ILE B 86 -36.75 2.25 12.72
C ILE B 86 -38.09 1.69 12.22
N PHE B 87 -38.10 1.31 10.96
CA PHE B 87 -39.29 0.78 10.29
C PHE B 87 -39.66 -0.64 10.66
N GLY B 88 -38.66 -1.45 10.99
CA GLY B 88 -38.91 -2.83 11.34
C GLY B 88 -38.50 -3.77 10.23
N THR B 89 -38.16 -5.01 10.59
CA THR B 89 -37.74 -6.02 9.61
C THR B 89 -38.89 -6.48 8.72
N GLN B 90 -40.09 -6.61 9.29
CA GLN B 90 -41.26 -7.01 8.52
C GLN B 90 -42.07 -5.77 8.18
N SER B 91 -41.40 -4.75 7.67
CA SER B 91 -42.05 -3.51 7.29
C SER B 91 -42.55 -3.56 5.85
N ASP B 92 -43.80 -3.17 5.66
CA ASP B 92 -44.41 -3.13 4.33
C ASP B 92 -43.72 -2.08 3.48
N ALA B 93 -43.45 -0.91 4.08
CA ALA B 93 -42.79 0.18 3.38
C ALA B 93 -41.45 -0.29 2.84
N LEU B 94 -40.67 -0.98 3.67
CA LEU B 94 -39.36 -1.48 3.26
C LEU B 94 -39.45 -2.56 2.19
N GLN B 95 -40.31 -3.55 2.42
CA GLN B 95 -40.51 -4.66 1.49
C GLN B 95 -40.99 -4.18 0.12
N GLU B 96 -41.83 -3.15 0.14
CA GLU B 96 -42.39 -2.58 -1.08
C GLU B 96 -41.45 -1.59 -1.77
N ASP B 97 -40.30 -1.32 -1.15
CA ASP B 97 -39.29 -0.40 -1.69
C ASP B 97 -39.81 1.03 -1.79
N ARG B 98 -40.51 1.46 -0.75
CA ARG B 98 -41.09 2.80 -0.69
C ARG B 98 -40.32 3.73 0.25
N VAL B 99 -39.20 3.27 0.77
CA VAL B 99 -38.41 4.07 1.70
C VAL B 99 -37.14 4.67 1.11
N ILE B 100 -37.04 6.00 1.16
CA ILE B 100 -35.86 6.72 0.68
C ILE B 100 -35.00 7.05 1.88
N SER B 101 -33.84 6.41 1.99
CA SER B 101 -32.94 6.64 3.10
C SER B 101 -31.63 7.31 2.67
N VAL B 102 -31.32 8.45 3.31
CA VAL B 102 -30.09 9.16 3.04
C VAL B 102 -29.38 9.47 4.36
N GLN B 103 -28.05 9.42 4.35
CA GLN B 103 -27.28 9.72 5.55
C GLN B 103 -27.21 11.23 5.73
N SER B 104 -27.48 11.69 6.94
CA SER B 104 -27.47 13.12 7.25
C SER B 104 -26.56 13.42 8.44
N LEU B 105 -26.41 14.71 8.73
CA LEU B 105 -25.59 15.14 9.86
C LEU B 105 -26.41 15.07 11.13
N SER B 106 -26.53 13.84 11.64
CA SER B 106 -27.28 13.51 12.83
C SER B 106 -28.74 13.91 12.65
N GLY B 107 -29.45 14.00 13.77
CA GLY B 107 -30.85 14.42 13.74
C GLY B 107 -31.14 15.84 13.27
N THR B 108 -30.22 16.77 13.51
CA THR B 108 -30.44 18.14 13.06
C THR B 108 -30.31 18.24 11.54
N GLY B 109 -29.35 17.50 10.99
CA GLY B 109 -29.14 17.49 9.55
C GLY B 109 -30.35 16.93 8.82
N ALA B 110 -30.94 15.89 9.40
CA ALA B 110 -32.12 15.25 8.82
C ALA B 110 -33.30 16.22 8.85
N LEU B 111 -33.39 17.00 9.93
CA LEU B 111 -34.45 17.98 10.09
C LEU B 111 -34.23 19.20 9.18
N HIS B 112 -32.98 19.43 8.79
CA HIS B 112 -32.66 20.54 7.89
C HIS B 112 -32.98 20.17 6.44
N ILE B 113 -32.76 18.90 6.09
CA ILE B 113 -33.04 18.41 4.75
C ILE B 113 -34.55 18.48 4.55
N SER B 114 -35.30 18.15 5.60
CA SER B 114 -36.76 18.20 5.54
C SER B 114 -37.23 19.64 5.36
N ALA B 115 -36.67 20.55 6.16
CA ALA B 115 -37.03 21.96 6.09
C ALA B 115 -36.67 22.57 4.74
N LYS B 116 -35.50 22.21 4.21
CA LYS B 116 -35.04 22.73 2.92
C LYS B 116 -35.90 22.18 1.78
N PHE B 117 -36.32 20.93 1.91
CA PHE B 117 -37.15 20.25 0.93
C PHE B 117 -38.51 20.95 0.91
N PHE B 118 -39.06 21.19 2.09
CA PHE B 118 -40.36 21.86 2.24
C PHE B 118 -40.35 23.28 1.68
N SER B 119 -39.27 24.00 1.98
CA SER B 119 -39.15 25.40 1.53
C SER B 119 -39.00 25.55 0.02
N LYS B 120 -38.69 24.46 -0.67
CA LYS B 120 -38.51 24.47 -2.12
C LYS B 120 -39.71 23.98 -2.92
N PHE B 121 -40.49 23.07 -2.34
CA PHE B 121 -41.64 22.52 -3.04
C PHE B 121 -43.01 22.91 -2.48
N PHE B 122 -43.11 22.97 -1.16
CA PHE B 122 -44.37 23.31 -0.51
C PHE B 122 -44.11 24.36 0.59
N PRO B 123 -43.65 25.55 0.19
CA PRO B 123 -43.32 26.70 1.05
C PRO B 123 -44.46 27.25 1.88
N ASP B 124 -45.69 26.90 1.50
CA ASP B 124 -46.90 27.37 2.16
C ASP B 124 -47.33 26.58 3.39
N LYS B 125 -46.96 25.30 3.43
CA LYS B 125 -47.31 24.41 4.53
C LYS B 125 -46.84 24.90 5.89
N LEU B 126 -47.75 24.91 6.85
CA LEU B 126 -47.43 25.34 8.22
C LEU B 126 -46.73 24.18 8.95
N VAL B 127 -45.75 24.50 9.78
CA VAL B 127 -45.02 23.50 10.56
C VAL B 127 -45.43 23.59 12.03
N TYR B 128 -46.22 22.61 12.48
CA TYR B 128 -46.69 22.57 13.87
C TYR B 128 -45.75 21.88 14.85
N LEU B 129 -45.47 22.55 15.96
CA LEU B 129 -44.60 22.03 16.99
C LEU B 129 -45.38 21.88 18.29
N SER B 130 -44.85 21.07 19.20
CA SER B 130 -45.47 20.88 20.48
C SER B 130 -45.31 22.13 21.33
N LYS B 131 -46.34 22.49 22.09
CA LYS B 131 -46.15 23.57 23.02
C LYS B 131 -45.35 22.57 23.87
N PRO B 132 -44.14 22.97 24.29
CA PRO B 132 -42.81 22.93 24.93
C PRO B 132 -42.09 21.85 24.18
N THR B 133 -41.53 22.25 23.06
CA THR B 133 -40.76 21.34 22.20
C THR B 133 -39.29 21.66 22.30
N TRP B 134 -38.49 20.86 21.61
CA TRP B 134 -37.04 21.02 21.57
C TRP B 134 -36.71 22.49 21.23
N ALA B 135 -35.71 23.02 21.92
CA ALA B 135 -35.29 24.41 21.76
C ALA B 135 -34.80 24.85 20.38
N ASN B 136 -34.35 23.90 19.55
CA ASN B 136 -33.82 24.20 18.23
C ASN B 136 -34.80 23.96 17.08
N HIS B 137 -35.95 23.34 17.37
CA HIS B 137 -36.95 23.03 16.36
C HIS B 137 -37.43 24.20 15.54
N MET B 138 -37.80 25.28 16.22
CA MET B 138 -38.29 26.48 15.56
C MET B 138 -37.29 27.11 14.58
N ALA B 139 -36.05 27.25 15.04
CA ALA B 139 -34.99 27.83 14.24
C ALA B 139 -34.69 27.03 12.98
N ILE B 140 -34.70 25.71 13.10
CA ILE B 140 -34.43 24.83 11.97
C ILE B 140 -35.40 25.10 10.81
N PHE B 141 -36.67 25.25 11.14
CA PHE B 141 -37.70 25.49 10.14
C PHE B 141 -37.76 26.95 9.69
N GLU B 142 -37.56 27.86 10.63
CA GLU B 142 -37.59 29.28 10.32
C GLU B 142 -36.33 29.78 9.62
N ASN B 143 -35.28 28.95 9.63
CA ASN B 143 -34.02 29.30 8.96
C ASN B 143 -34.26 29.13 7.45
N GLN B 144 -35.36 28.45 7.11
CA GLN B 144 -35.72 28.20 5.71
C GLN B 144 -36.96 28.98 5.28
N GLY B 145 -37.39 29.92 6.11
CA GLY B 145 -38.55 30.74 5.81
C GLY B 145 -39.94 30.15 6.02
N LEU B 146 -40.02 28.93 6.54
CA LEU B 146 -41.32 28.30 6.78
C LEU B 146 -42.00 28.89 8.00
N LYS B 147 -43.33 28.95 7.97
CA LYS B 147 -44.10 29.48 9.11
C LYS B 147 -44.47 28.34 10.05
N THR B 148 -44.18 28.52 11.33
CA THR B 148 -44.46 27.51 12.33
C THR B 148 -45.63 27.84 13.25
N ALA B 149 -46.41 26.82 13.59
CA ALA B 149 -47.55 26.97 14.49
C ALA B 149 -47.30 26.03 15.68
N THR B 150 -48.19 26.07 16.67
CA THR B 150 -48.02 25.23 17.85
C THR B 150 -49.29 24.46 18.25
N TYR B 151 -49.10 23.24 18.76
CA TYR B 151 -50.21 22.42 19.22
C TYR B 151 -49.99 22.09 20.69
N PRO B 152 -51.07 22.11 21.49
CA PRO B 152 -51.03 21.80 22.93
C PRO B 152 -50.43 20.42 23.19
N TYR B 153 -49.63 20.33 24.24
CA TYR B 153 -49.02 19.07 24.59
C TYR B 153 -48.97 18.97 26.09
N TRP B 154 -48.20 19.85 26.71
CA TRP B 154 -48.04 19.88 28.15
C TRP B 154 -49.06 20.75 28.88
N ALA B 155 -49.74 20.16 29.84
CA ALA B 155 -50.72 20.86 30.67
C ALA B 155 -50.03 21.07 32.01
N ASN B 156 -49.61 22.30 32.29
CA ASN B 156 -48.91 22.60 33.53
C ASN B 156 -49.72 22.30 34.80
N GLU B 157 -51.03 22.50 34.72
CA GLU B 157 -51.92 22.28 35.86
C GLU B 157 -51.76 20.91 36.48
N THR B 158 -52.01 19.88 35.68
CA THR B 158 -51.94 18.50 36.12
C THR B 158 -50.64 17.78 35.79
N LYS B 159 -49.68 18.50 35.21
CA LYS B 159 -48.39 17.91 34.85
C LYS B 159 -48.58 16.78 33.83
N SER B 160 -49.78 16.69 33.26
CA SER B 160 -50.10 15.65 32.29
C SER B 160 -50.10 16.14 30.84
N LEU B 161 -50.41 15.23 29.92
CA LEU B 161 -50.45 15.52 28.49
C LEU B 161 -51.86 15.89 28.05
N ASP B 162 -52.04 17.12 27.59
CA ASP B 162 -53.35 17.59 27.13
C ASP B 162 -53.70 16.92 25.80
N LEU B 163 -54.34 15.76 25.91
CA LEU B 163 -54.76 14.96 24.75
C LEU B 163 -55.88 15.64 23.97
N ASN B 164 -56.77 16.33 24.67
CA ASN B 164 -57.89 17.00 24.00
C ASN B 164 -57.42 18.27 23.28
N GLY B 165 -56.35 18.87 23.79
CA GLY B 165 -55.81 20.08 23.17
C GLY B 165 -55.03 19.71 21.91
N PHE B 166 -54.39 18.54 21.96
CA PHE B 166 -53.58 18.01 20.86
C PHE B 166 -54.50 17.60 19.70
N LEU B 167 -55.46 16.74 19.99
CA LEU B 167 -56.40 16.27 18.97
C LEU B 167 -57.20 17.40 18.34
N ASN B 168 -57.44 18.46 19.11
CA ASN B 168 -58.19 19.59 18.60
C ASN B 168 -57.36 20.36 17.58
N ALA B 169 -56.08 20.57 17.90
CA ALA B 169 -55.16 21.30 17.04
C ALA B 169 -54.98 20.63 15.67
N ILE B 170 -55.09 19.30 15.66
CA ILE B 170 -54.95 18.52 14.43
C ILE B 170 -56.21 18.65 13.58
N GLN B 171 -57.32 19.01 14.22
CA GLN B 171 -58.60 19.19 13.52
C GLN B 171 -58.71 20.62 12.99
N LYS B 172 -58.38 21.58 13.84
CA LYS B 172 -58.44 22.99 13.49
C LYS B 172 -57.18 23.44 12.75
N ALA B 173 -56.58 22.52 12.00
CA ALA B 173 -55.38 22.81 11.24
C ALA B 173 -55.64 22.60 9.75
N PRO B 174 -55.01 23.42 8.88
CA PRO B 174 -55.17 23.34 7.43
C PRO B 174 -54.82 21.95 6.90
N GLU B 175 -55.67 21.41 6.03
CA GLU B 175 -55.41 20.09 5.46
C GLU B 175 -54.08 20.06 4.73
N GLY B 176 -53.26 19.05 5.06
CA GLY B 176 -51.96 18.93 4.43
C GLY B 176 -50.84 19.58 5.23
N SER B 177 -51.12 19.92 6.49
CA SER B 177 -50.11 20.54 7.35
C SER B 177 -49.11 19.54 7.92
N ILE B 178 -47.89 20.03 8.16
CA ILE B 178 -46.80 19.20 8.68
C ILE B 178 -46.76 19.21 10.21
N PHE B 179 -46.93 18.04 10.82
CA PHE B 179 -46.88 17.90 12.28
C PHE B 179 -45.60 17.19 12.71
N VAL B 180 -44.77 17.90 13.46
CA VAL B 180 -43.52 17.36 13.98
C VAL B 180 -43.81 16.69 15.32
N LEU B 181 -43.63 15.38 15.35
CA LEU B 181 -43.90 14.58 16.53
C LEU B 181 -42.64 13.93 17.10
N HIS B 182 -42.54 13.91 18.42
CA HIS B 182 -41.43 13.25 19.11
C HIS B 182 -41.83 11.79 19.21
N SER B 183 -41.13 10.94 18.46
CA SER B 183 -41.41 9.50 18.44
C SER B 183 -41.55 8.86 19.81
N CYS B 184 -40.68 9.26 20.73
CA CYS B 184 -40.70 8.77 22.10
C CYS B 184 -39.73 9.62 22.91
N ALA B 185 -39.87 9.59 24.23
CA ALA B 185 -39.04 10.38 25.13
C ALA B 185 -39.04 11.85 24.74
N HIS B 186 -40.20 12.48 24.88
CA HIS B 186 -40.38 13.89 24.54
C HIS B 186 -39.33 14.78 25.23
N ASN B 187 -38.51 15.42 24.41
CA ASN B 187 -37.54 16.39 24.89
C ASN B 187 -38.57 17.51 24.79
N PRO B 188 -38.81 18.32 25.84
CA PRO B 188 -38.44 18.68 27.22
C PRO B 188 -39.18 17.94 28.35
N THR B 189 -40.46 17.68 28.12
CA THR B 189 -41.37 17.07 29.09
C THR B 189 -41.06 15.65 29.51
N GLY B 190 -40.75 14.78 28.55
CA GLY B 190 -40.44 13.39 28.88
C GLY B 190 -41.73 12.65 29.15
N LEU B 191 -42.83 13.17 28.61
CA LEU B 191 -44.14 12.57 28.78
C LEU B 191 -44.69 12.25 27.41
N ASP B 192 -44.79 10.95 27.10
CA ASP B 192 -45.27 10.51 25.80
C ASP B 192 -46.68 9.96 25.86
N PRO B 193 -47.39 9.99 24.72
CA PRO B 193 -48.75 9.46 24.68
C PRO B 193 -48.63 7.95 24.81
N THR B 194 -49.64 7.30 25.36
CA THR B 194 -49.63 5.85 25.50
C THR B 194 -49.87 5.22 24.12
N SER B 195 -49.77 3.90 24.05
CA SER B 195 -49.99 3.18 22.79
C SER B 195 -51.37 3.51 22.25
N GLU B 196 -52.34 3.59 23.16
CA GLU B 196 -53.73 3.89 22.83
C GLU B 196 -53.91 5.31 22.32
N GLN B 197 -53.27 6.27 22.99
CA GLN B 197 -53.34 7.68 22.61
C GLN B 197 -52.71 7.96 21.26
N TRP B 198 -51.65 7.21 20.94
CA TRP B 198 -50.97 7.35 19.66
C TRP B 198 -51.90 6.96 18.52
N VAL B 199 -52.80 6.01 18.78
CA VAL B 199 -53.75 5.57 17.78
C VAL B 199 -54.67 6.72 17.42
N GLN B 200 -55.16 7.42 18.44
CA GLN B 200 -56.04 8.57 18.25
C GLN B 200 -55.28 9.66 17.52
N ILE B 201 -54.07 9.93 17.98
CA ILE B 201 -53.21 10.96 17.39
C ILE B 201 -52.96 10.72 15.91
N VAL B 202 -52.71 9.47 15.54
CA VAL B 202 -52.43 9.12 14.16
C VAL B 202 -53.69 9.07 13.30
N ASP B 203 -54.82 8.68 13.90
CA ASP B 203 -56.10 8.62 13.18
C ASP B 203 -56.59 10.03 12.87
N ALA B 204 -56.20 10.97 13.71
CA ALA B 204 -56.57 12.37 13.54
C ALA B 204 -55.72 12.95 12.40
N ILE B 205 -54.46 12.54 12.34
CA ILE B 205 -53.55 12.99 11.29
C ILE B 205 -53.96 12.41 9.94
N ALA B 206 -54.50 11.20 9.97
CA ALA B 206 -54.93 10.52 8.75
C ALA B 206 -56.22 11.08 8.16
N SER B 207 -57.09 11.61 9.02
CA SER B 207 -58.38 12.16 8.59
C SER B 207 -58.30 13.58 8.04
N LYS B 208 -57.18 14.27 8.31
CA LYS B 208 -56.98 15.63 7.86
C LYS B 208 -55.89 15.72 6.78
N ASN B 209 -55.42 14.56 6.34
CA ASN B 209 -54.37 14.45 5.32
C ASN B 209 -53.13 15.28 5.67
N HIS B 210 -52.73 15.22 6.93
CA HIS B 210 -51.58 15.96 7.41
C HIS B 210 -50.33 15.11 7.25
N ILE B 211 -49.19 15.78 7.12
CA ILE B 211 -47.91 15.09 6.94
C ILE B 211 -47.20 14.93 8.29
N ALA B 212 -46.93 13.69 8.66
CA ALA B 212 -46.26 13.36 9.91
C ALA B 212 -44.74 13.28 9.77
N LEU B 213 -44.04 13.98 10.67
CA LEU B 213 -42.58 13.95 10.68
C LEU B 213 -42.17 13.50 12.07
N PHE B 214 -41.60 12.30 12.16
CA PHE B 214 -41.16 11.76 13.44
C PHE B 214 -39.72 12.07 13.74
N ASP B 215 -39.51 13.00 14.67
CA ASP B 215 -38.18 13.37 15.12
C ASP B 215 -37.76 12.25 16.07
N THR B 216 -36.93 11.32 15.58
CA THR B 216 -36.46 10.20 16.39
C THR B 216 -35.04 10.41 16.90
N ALA B 217 -34.91 10.86 18.15
CA ALA B 217 -33.59 11.11 18.72
C ALA B 217 -33.29 10.26 19.93
N TYR B 218 -34.30 9.59 20.47
CA TYR B 218 -34.12 8.77 21.66
C TYR B 218 -34.65 7.36 21.60
N GLN B 219 -34.65 6.74 20.42
CA GLN B 219 -35.14 5.37 20.32
C GLN B 219 -34.20 4.49 21.16
N GLY B 220 -34.74 3.97 22.26
CA GLY B 220 -33.96 3.14 23.15
C GLY B 220 -33.94 3.69 24.56
N PHE B 221 -34.24 4.98 24.70
CA PHE B 221 -34.25 5.62 26.03
C PHE B 221 -35.61 5.73 26.72
N ALA B 222 -36.69 5.46 25.99
CA ALA B 222 -38.01 5.56 26.61
C ALA B 222 -38.32 4.34 27.46
N THR B 223 -38.15 3.16 26.88
CA THR B 223 -38.40 1.91 27.60
C THR B 223 -37.16 1.04 27.66
N GLY B 224 -36.14 1.42 26.89
CA GLY B 224 -34.92 0.64 26.87
C GLY B 224 -34.97 -0.42 25.78
N ASP B 225 -36.08 -0.49 25.06
CA ASP B 225 -36.25 -1.44 23.96
C ASP B 225 -36.42 -0.66 22.66
N LEU B 226 -35.70 -1.08 21.64
CA LEU B 226 -35.75 -0.44 20.33
C LEU B 226 -37.08 -0.55 19.60
N ASP B 227 -37.70 -1.73 19.68
CA ASP B 227 -38.97 -1.96 19.01
C ASP B 227 -40.15 -1.28 19.70
N LYS B 228 -40.11 -1.21 21.02
CA LYS B 228 -41.19 -0.57 21.78
C LYS B 228 -41.15 0.93 21.52
N ASP B 229 -39.94 1.47 21.41
CA ASP B 229 -39.75 2.90 21.17
C ASP B 229 -39.96 3.33 19.72
N ALA B 230 -40.32 2.39 18.85
CA ALA B 230 -40.58 2.71 17.45
C ALA B 230 -42.04 2.45 17.12
N TYR B 231 -42.85 2.29 18.16
CA TYR B 231 -44.27 2.02 17.97
C TYR B 231 -45.01 3.16 17.27
N ALA B 232 -44.71 4.39 17.67
CA ALA B 232 -45.35 5.57 17.09
C ALA B 232 -45.05 5.72 15.60
N VAL B 233 -43.79 5.52 15.24
CA VAL B 233 -43.35 5.64 13.86
C VAL B 233 -43.94 4.57 12.96
N ARG B 234 -43.91 3.31 13.42
CA ARG B 234 -44.45 2.20 12.67
C ARG B 234 -45.97 2.29 12.51
N LEU B 235 -46.63 2.82 13.54
CA LEU B 235 -48.09 3.00 13.52
C LEU B 235 -48.45 4.00 12.44
N GLY B 236 -47.66 5.07 12.33
CA GLY B 236 -47.90 6.08 11.32
C GLY B 236 -47.58 5.60 9.92
N VAL B 237 -46.60 4.71 9.80
CA VAL B 237 -46.19 4.17 8.51
C VAL B 237 -47.24 3.28 7.84
N GLU B 238 -48.10 2.67 8.65
CA GLU B 238 -49.15 1.78 8.14
C GLU B 238 -50.42 2.56 7.79
N LYS B 239 -50.73 3.57 8.61
CA LYS B 239 -51.93 4.38 8.44
C LYS B 239 -51.83 5.56 7.49
N LEU B 240 -50.64 6.14 7.33
CA LEU B 240 -50.45 7.28 6.43
C LEU B 240 -49.96 6.81 5.06
N SER B 241 -49.94 5.50 4.87
CA SER B 241 -49.50 4.86 3.64
C SER B 241 -50.27 5.25 2.38
N THR B 242 -51.56 5.51 2.56
CA THR B 242 -52.41 5.92 1.45
C THR B 242 -52.90 7.34 1.69
N VAL B 243 -52.35 7.98 2.71
CA VAL B 243 -52.73 9.34 3.06
C VAL B 243 -51.68 10.38 2.71
N SER B 244 -50.48 10.25 3.27
CA SER B 244 -49.40 11.20 3.00
C SER B 244 -48.01 10.62 3.24
N PRO B 245 -46.95 11.32 2.74
CA PRO B 245 -45.56 10.87 2.90
C PRO B 245 -45.09 11.00 4.35
N VAL B 246 -44.41 9.95 4.83
CA VAL B 246 -43.91 9.96 6.19
C VAL B 246 -42.43 10.34 6.19
N PHE B 247 -42.08 11.29 7.06
CA PHE B 247 -40.72 11.77 7.21
C PHE B 247 -40.17 11.29 8.54
N VAL B 248 -39.00 10.65 8.53
CA VAL B 248 -38.39 10.17 9.77
C VAL B 248 -36.96 10.71 9.87
N CYS B 249 -36.72 11.49 10.90
CA CYS B 249 -35.40 12.08 11.15
C CYS B 249 -34.76 11.33 12.31
N GLN B 250 -33.91 10.37 11.96
CA GLN B 250 -33.22 9.51 12.91
C GLN B 250 -31.84 10.01 13.33
N SER B 251 -31.59 10.00 14.64
CA SER B 251 -30.32 10.43 15.21
C SER B 251 -29.70 9.33 16.05
N PHE B 252 -28.38 9.20 15.95
CA PHE B 252 -27.65 8.21 16.74
C PHE B 252 -26.79 8.92 17.79
N ALA B 253 -27.05 10.21 17.98
CA ALA B 253 -26.31 11.01 18.95
C ALA B 253 -26.39 10.49 20.38
N LYS B 254 -27.55 10.00 20.78
CA LYS B 254 -27.77 9.52 22.14
C LYS B 254 -27.72 8.01 22.34
N ASN B 255 -28.54 7.27 21.59
CA ASN B 255 -28.60 5.83 21.74
C ASN B 255 -27.27 5.13 21.44
N ALA B 256 -26.50 5.66 20.49
CA ALA B 256 -25.21 5.06 20.16
C ALA B 256 -24.07 5.89 20.77
N GLY B 257 -24.43 6.98 21.43
CA GLY B 257 -23.46 7.86 22.06
C GLY B 257 -22.52 8.55 21.08
N MET B 258 -22.93 8.64 19.82
CA MET B 258 -22.11 9.27 18.80
C MET B 258 -21.94 10.79 18.87
N TYR B 259 -22.86 11.47 19.56
CA TYR B 259 -22.84 12.93 19.74
C TYR B 259 -22.15 13.80 18.68
N GLY B 260 -20.89 14.16 18.95
CA GLY B 260 -20.14 15.02 18.04
C GLY B 260 -19.70 14.48 16.70
N GLU B 261 -19.92 13.18 16.46
CA GLU B 261 -19.55 12.56 15.20
C GLU B 261 -20.58 12.84 14.10
N ARG B 262 -21.74 13.36 14.51
CA ARG B 262 -22.83 13.73 13.62
C ARG B 262 -23.38 12.59 12.73
N VAL B 263 -23.80 11.49 13.37
CA VAL B 263 -24.34 10.34 12.65
C VAL B 263 -25.85 10.21 12.76
N GLY B 264 -26.52 10.25 11.61
CA GLY B 264 -27.97 10.14 11.58
C GLY B 264 -28.44 9.81 10.17
N CYS B 265 -29.73 9.48 10.03
CA CYS B 265 -30.31 9.19 8.73
C CYS B 265 -31.65 9.89 8.53
N PHE B 266 -31.94 10.21 7.28
CA PHE B 266 -33.18 10.85 6.89
C PHE B 266 -33.94 9.80 6.11
N HIS B 267 -35.15 9.50 6.56
CA HIS B 267 -35.98 8.51 5.93
C HIS B 267 -37.23 9.14 5.40
N LEU B 268 -37.81 8.51 4.40
CA LEU B 268 -39.03 9.00 3.78
C LEU B 268 -39.83 7.83 3.23
N ALA B 269 -40.92 7.51 3.91
CA ALA B 269 -41.80 6.42 3.47
C ALA B 269 -42.83 6.98 2.51
N LEU B 270 -42.59 6.77 1.21
CA LEU B 270 -43.49 7.25 0.17
C LEU B 270 -44.86 6.59 0.27
N THR B 271 -45.86 7.22 -0.35
CA THR B 271 -47.21 6.67 -0.35
C THR B 271 -47.37 5.65 -1.46
N LYS B 272 -48.35 4.77 -1.30
CA LYS B 272 -48.64 3.75 -2.30
C LYS B 272 -49.21 4.38 -3.57
N GLN B 273 -48.37 4.46 -4.59
CA GLN B 273 -48.74 5.01 -5.90
C GLN B 273 -48.23 4.02 -6.94
N ALA B 274 -48.91 3.98 -8.09
CA ALA B 274 -48.51 3.10 -9.18
C ALA B 274 -47.29 3.67 -9.88
N GLN B 275 -47.19 5.00 -9.88
CA GLN B 275 -46.09 5.68 -10.53
C GLN B 275 -44.87 5.88 -9.62
N ASN B 276 -44.84 5.15 -8.50
CA ASN B 276 -43.75 5.23 -7.54
C ASN B 276 -42.40 4.83 -8.13
N LYS B 277 -42.44 4.12 -9.24
CA LYS B 277 -41.21 3.68 -9.92
C LYS B 277 -40.36 4.89 -10.35
N THR B 278 -41.03 5.94 -10.81
CA THR B 278 -40.35 7.16 -11.24
C THR B 278 -40.16 8.14 -10.10
N ILE B 279 -41.16 8.22 -9.22
CA ILE B 279 -41.17 9.11 -8.07
C ILE B 279 -39.98 8.85 -7.15
N LYS B 280 -39.72 7.58 -6.88
CA LYS B 280 -38.61 7.17 -6.03
C LYS B 280 -37.27 7.81 -6.43
N PRO B 281 -36.76 7.50 -7.63
CA PRO B 281 -35.48 8.12 -8.03
C PRO B 281 -35.57 9.62 -8.30
N ALA B 282 -36.79 10.12 -8.49
CA ALA B 282 -37.00 11.54 -8.74
C ALA B 282 -36.74 12.35 -7.48
N VAL B 283 -37.38 11.96 -6.38
CA VAL B 283 -37.23 12.64 -5.10
C VAL B 283 -35.83 12.43 -4.55
N THR B 284 -35.33 11.20 -4.67
CA THR B 284 -33.99 10.86 -4.19
C THR B 284 -32.99 11.83 -4.82
N SER B 285 -33.16 12.13 -6.10
CA SER B 285 -32.26 13.03 -6.82
C SER B 285 -32.33 14.45 -6.26
N GLN B 286 -33.51 14.85 -5.82
CA GLN B 286 -33.69 16.17 -5.25
C GLN B 286 -32.91 16.27 -3.94
N LEU B 287 -32.98 15.21 -3.14
CA LEU B 287 -32.28 15.13 -1.85
C LEU B 287 -30.77 15.18 -2.04
N ALA B 288 -30.27 14.36 -2.97
CA ALA B 288 -28.84 14.29 -3.28
C ALA B 288 -28.29 15.66 -3.63
N LYS B 289 -29.10 16.45 -4.32
CA LYS B 289 -28.74 17.80 -4.73
C LYS B 289 -28.60 18.74 -3.53
N ILE B 290 -29.56 18.68 -2.62
CA ILE B 290 -29.53 19.52 -1.41
C ILE B 290 -28.25 19.22 -0.62
N ILE B 291 -27.95 17.94 -0.46
CA ILE B 291 -26.75 17.50 0.27
C ILE B 291 -25.47 17.94 -0.42
N ARG B 292 -25.41 17.77 -1.74
CA ARG B 292 -24.22 18.15 -2.49
C ARG B 292 -23.97 19.66 -2.46
N SER B 293 -25.04 20.44 -2.54
CA SER B 293 -24.95 21.90 -2.53
C SER B 293 -24.55 22.53 -1.20
N GLU B 294 -24.79 21.82 -0.11
CA GLU B 294 -24.48 22.36 1.22
C GLU B 294 -23.36 21.68 2.00
N VAL B 295 -23.27 20.36 1.91
CA VAL B 295 -22.25 19.60 2.65
C VAL B 295 -21.35 18.73 1.77
N SER B 296 -21.83 18.46 0.55
CA SER B 296 -21.14 17.62 -0.45
C SER B 296 -21.32 16.15 -0.16
N ASN B 297 -20.90 15.74 1.05
CA ASN B 297 -21.03 14.36 1.50
C ASN B 297 -20.88 14.36 3.02
N PRO B 298 -21.54 13.40 3.70
CA PRO B 298 -21.51 13.27 5.16
C PRO B 298 -20.26 12.60 5.73
N PRO B 299 -19.92 12.90 7.01
CA PRO B 299 -18.76 12.37 7.74
C PRO B 299 -18.75 10.83 7.80
N ALA B 300 -17.62 10.26 7.40
CA ALA B 300 -17.43 8.83 7.31
C ALA B 300 -17.16 8.01 8.58
N TYR B 301 -16.18 8.41 9.39
CA TYR B 301 -15.81 7.66 10.59
C TYR B 301 -16.96 7.25 11.49
N GLY B 302 -17.80 8.21 11.87
CA GLY B 302 -18.94 7.93 12.73
C GLY B 302 -19.94 6.99 12.08
N ALA B 303 -20.14 7.14 10.78
CA ALA B 303 -21.08 6.30 10.03
C ALA B 303 -20.55 4.87 9.93
N LYS B 304 -19.24 4.73 9.89
CA LYS B 304 -18.60 3.42 9.79
C LYS B 304 -18.71 2.64 11.10
N ILE B 305 -18.74 3.37 12.21
CA ILE B 305 -18.86 2.78 13.55
C ILE B 305 -20.24 2.19 13.77
N VAL B 306 -21.26 2.98 13.44
CA VAL B 306 -22.63 2.54 13.62
C VAL B 306 -23.02 1.41 12.67
N ALA B 307 -22.49 1.42 11.46
CA ALA B 307 -22.78 0.39 10.47
C ALA B 307 -22.30 -0.97 10.97
N LYS B 308 -21.05 -1.02 11.45
CA LYS B 308 -20.50 -2.26 11.97
C LYS B 308 -21.26 -2.71 13.22
N LEU B 309 -21.76 -1.75 13.97
CA LEU B 309 -22.52 -2.00 15.19
C LEU B 309 -23.84 -2.67 14.82
N LEU B 310 -24.46 -2.21 13.74
CA LEU B 310 -25.72 -2.74 13.24
C LEU B 310 -25.56 -4.02 12.43
N GLU B 311 -24.40 -4.18 11.80
CA GLU B 311 -24.10 -5.35 10.97
C GLU B 311 -23.73 -6.59 11.76
N THR B 312 -22.80 -6.41 12.70
CA THR B 312 -22.28 -7.48 13.53
C THR B 312 -23.22 -7.84 14.67
N PRO B 313 -23.81 -9.04 14.63
CA PRO B 313 -24.74 -9.57 15.62
C PRO B 313 -24.30 -9.53 17.09
N GLU B 314 -23.00 -9.58 17.36
CA GLU B 314 -22.54 -9.54 18.75
C GLU B 314 -22.40 -8.12 19.27
N LEU B 315 -22.18 -7.18 18.35
CA LEU B 315 -22.05 -5.77 18.70
C LEU B 315 -23.45 -5.17 18.78
N THR B 316 -24.38 -5.72 17.99
CA THR B 316 -25.77 -5.27 17.99
C THR B 316 -26.38 -5.70 19.32
N GLU B 317 -25.99 -6.88 19.79
CA GLU B 317 -26.45 -7.43 21.05
C GLU B 317 -25.88 -6.61 22.22
N GLN B 318 -24.58 -6.39 22.18
CA GLN B 318 -23.89 -5.62 23.21
C GLN B 318 -24.43 -4.18 23.29
N TRP B 319 -24.83 -3.62 22.15
CA TRP B 319 -25.39 -2.27 22.06
C TRP B 319 -26.72 -2.21 22.80
N HIS B 320 -27.52 -3.25 22.63
CA HIS B 320 -28.81 -3.36 23.29
C HIS B 320 -28.58 -3.31 24.80
N LYS B 321 -27.55 -4.01 25.26
CA LYS B 321 -27.20 -4.04 26.68
C LYS B 321 -26.69 -2.69 27.17
N ASP B 322 -25.94 -1.99 26.31
CA ASP B 322 -25.41 -0.67 26.66
C ASP B 322 -26.54 0.34 26.83
N MET B 323 -27.64 0.13 26.12
CA MET B 323 -28.79 1.02 26.21
C MET B 323 -29.60 0.76 27.48
N VAL B 324 -29.64 -0.49 27.92
CA VAL B 324 -30.35 -0.84 29.14
C VAL B 324 -29.51 -0.31 30.30
N THR B 325 -28.20 -0.31 30.10
CA THR B 325 -27.24 0.17 31.09
C THR B 325 -27.48 1.66 31.33
N MET B 326 -27.63 2.41 30.25
CA MET B 326 -27.85 3.84 30.33
C MET B 326 -29.23 4.17 30.86
N SER B 327 -30.26 3.58 30.26
CA SER B 327 -31.64 3.84 30.68
C SER B 327 -31.94 3.38 32.11
N SER B 328 -31.12 2.48 32.64
CA SER B 328 -31.35 2.00 34.00
C SER B 328 -30.69 2.92 35.02
N ARG B 329 -29.54 3.49 34.68
CA ARG B 329 -28.85 4.40 35.60
C ARG B 329 -29.65 5.70 35.73
N ILE B 330 -30.31 6.10 34.65
CA ILE B 330 -31.13 7.31 34.64
C ILE B 330 -32.35 7.11 35.54
N THR B 331 -32.89 5.91 35.55
CA THR B 331 -34.05 5.56 36.37
C THR B 331 -33.68 5.54 37.86
N LYS B 332 -32.50 4.99 38.16
CA LYS B 332 -32.03 4.91 39.53
C LYS B 332 -31.86 6.31 40.12
N MET B 333 -31.43 7.25 39.28
CA MET B 333 -31.23 8.63 39.72
C MET B 333 -32.54 9.42 39.83
N ARG B 334 -33.54 9.01 39.05
CA ARG B 334 -34.85 9.67 39.11
C ARG B 334 -35.42 9.38 40.48
N HIS B 335 -35.23 8.14 40.92
CA HIS B 335 -35.68 7.67 42.22
C HIS B 335 -34.86 8.29 43.35
N ALA B 336 -33.53 8.27 43.19
CA ALA B 336 -32.62 8.83 44.19
C ALA B 336 -32.89 10.31 44.47
N LEU B 337 -33.22 11.05 43.40
CA LEU B 337 -33.51 12.48 43.53
C LEU B 337 -34.87 12.74 44.15
N ARG B 338 -35.85 11.91 43.80
CA ARG B 338 -37.20 12.07 44.33
C ARG B 338 -37.23 11.75 45.83
N ASP B 339 -36.58 10.65 46.21
CA ASP B 339 -36.52 10.22 47.60
C ASP B 339 -35.74 11.17 48.51
N HIS B 340 -34.72 11.82 47.97
CA HIS B 340 -33.92 12.76 48.75
C HIS B 340 -34.75 13.98 49.06
N LEU B 341 -35.55 14.42 48.09
CA LEU B 341 -36.43 15.57 48.25
C LEU B 341 -37.56 15.22 49.23
N VAL B 342 -38.03 13.98 49.17
CA VAL B 342 -39.08 13.50 50.08
C VAL B 342 -38.53 13.46 51.51
N LYS B 343 -37.25 13.07 51.65
CA LYS B 343 -36.58 12.97 52.94
C LYS B 343 -36.24 14.36 53.47
N LEU B 344 -35.93 15.29 52.57
CA LEU B 344 -35.62 16.65 52.94
C LEU B 344 -36.93 17.31 53.33
N GLY B 345 -38.03 16.73 52.88
CA GLY B 345 -39.36 17.24 53.19
C GLY B 345 -39.70 18.47 52.35
N THR B 346 -39.11 18.54 51.15
CA THR B 346 -39.32 19.64 50.21
C THR B 346 -40.81 19.83 49.90
N PRO B 347 -41.31 21.08 50.03
CA PRO B 347 -42.72 21.36 49.76
C PRO B 347 -43.16 20.90 48.38
N GLY B 348 -44.39 20.40 48.31
CA GLY B 348 -44.95 19.93 47.06
C GLY B 348 -44.73 18.45 46.78
N ASN B 349 -45.24 18.00 45.64
CA ASN B 349 -45.11 16.62 45.20
C ASN B 349 -44.03 16.52 44.11
N TRP B 350 -43.21 15.47 44.16
CA TRP B 350 -42.13 15.31 43.19
C TRP B 350 -42.10 13.99 42.42
N ASP B 351 -43.20 13.25 42.45
CA ASP B 351 -43.28 11.96 41.76
C ASP B 351 -43.17 12.05 40.24
N HIS B 352 -43.38 13.25 39.70
CA HIS B 352 -43.27 13.45 38.26
C HIS B 352 -41.85 13.19 37.76
N ILE B 353 -40.87 13.33 38.65
CA ILE B 353 -39.46 13.08 38.31
C ILE B 353 -39.29 11.63 37.90
N VAL B 354 -39.90 10.72 38.67
CA VAL B 354 -39.80 9.30 38.37
C VAL B 354 -40.81 8.83 37.31
N ASN B 355 -41.92 9.55 37.18
CA ASN B 355 -42.96 9.20 36.20
C ASN B 355 -42.60 9.54 34.76
N GLN B 356 -41.78 10.57 34.59
CA GLN B 356 -41.34 10.98 33.26
C GLN B 356 -40.27 10.01 32.79
N CYS B 357 -40.14 9.87 31.47
CA CYS B 357 -39.14 8.96 30.91
C CYS B 357 -38.17 9.69 30.01
N GLY B 358 -37.18 8.96 29.52
CA GLY B 358 -36.19 9.55 28.64
C GLY B 358 -34.92 9.92 29.37
N MET B 359 -34.38 11.08 29.00
CA MET B 359 -33.14 11.57 29.56
C MET B 359 -33.37 12.75 30.51
N PHE B 360 -34.55 13.35 30.42
CA PHE B 360 -34.86 14.54 31.22
C PHE B 360 -35.99 14.41 32.22
N SER B 361 -36.25 15.53 32.89
CA SER B 361 -37.32 15.69 33.85
C SER B 361 -37.74 17.16 33.82
N PHE B 362 -38.97 17.40 33.41
CA PHE B 362 -39.52 18.75 33.37
C PHE B 362 -39.97 18.95 34.82
N THR B 363 -39.04 19.47 35.62
CA THR B 363 -39.21 19.70 37.05
C THR B 363 -40.39 20.57 37.51
N GLY B 364 -40.66 21.63 36.76
CA GLY B 364 -41.74 22.51 37.14
C GLY B 364 -41.23 23.66 37.99
N LEU B 365 -39.92 23.89 37.92
CA LEU B 365 -39.29 24.98 38.65
C LEU B 365 -39.41 26.23 37.79
N THR B 366 -39.73 27.34 38.44
CA THR B 366 -39.90 28.61 37.73
C THR B 366 -38.53 29.14 37.32
N PRO B 367 -38.50 29.98 36.28
CA PRO B 367 -37.24 30.57 35.79
C PRO B 367 -36.42 31.24 36.89
N GLN B 368 -37.13 31.76 37.89
CA GLN B 368 -36.53 32.42 39.04
C GLN B 368 -35.76 31.40 39.89
N MET B 369 -36.36 30.24 40.07
CA MET B 369 -35.75 29.17 40.83
C MET B 369 -34.54 28.61 40.09
N VAL B 370 -34.64 28.56 38.76
CA VAL B 370 -33.57 28.05 37.90
C VAL B 370 -32.36 28.98 37.91
N LYS B 371 -32.64 30.27 37.92
CA LYS B 371 -31.61 31.32 37.94
C LYS B 371 -30.81 31.28 39.26
N ARG B 372 -31.51 31.08 40.37
CA ARG B 372 -30.87 31.01 41.68
C ARG B 372 -30.04 29.73 41.84
N LEU B 373 -30.48 28.66 41.19
CA LEU B 373 -29.73 27.41 41.26
C LEU B 373 -28.35 27.60 40.66
N GLU B 374 -28.29 28.36 39.58
CA GLU B 374 -27.02 28.63 38.90
C GLU B 374 -26.18 29.65 39.67
N GLU B 375 -26.71 30.86 39.81
CA GLU B 375 -26.01 31.95 40.49
C GLU B 375 -25.66 31.71 41.96
N THR B 376 -26.51 30.96 42.66
CA THR B 376 -26.27 30.69 44.06
C THR B 376 -25.77 29.29 44.41
N HIS B 377 -26.22 28.27 43.67
CA HIS B 377 -25.80 26.90 43.95
C HIS B 377 -24.91 26.26 42.90
N ALA B 378 -24.65 26.99 41.82
CA ALA B 378 -23.81 26.47 40.72
C ALA B 378 -24.39 25.23 40.03
N VAL B 379 -25.69 24.99 40.21
CA VAL B 379 -26.37 23.87 39.55
C VAL B 379 -26.94 24.46 38.25
N TYR B 380 -26.67 23.80 37.13
CA TYR B 380 -27.11 24.27 35.82
C TYR B 380 -28.26 23.51 35.14
N LEU B 381 -29.39 24.21 34.97
CA LEU B 381 -30.57 23.64 34.32
C LEU B 381 -30.99 24.56 33.19
N VAL B 382 -31.90 24.06 32.35
CA VAL B 382 -32.43 24.85 31.25
C VAL B 382 -33.44 25.80 31.89
N ALA B 383 -33.46 27.04 31.42
CA ALA B 383 -34.36 28.07 31.95
C ALA B 383 -35.82 27.64 32.06
N SER B 384 -36.21 26.64 31.28
CA SER B 384 -37.57 26.11 31.29
C SER B 384 -37.86 25.20 32.48
N GLY B 385 -36.80 24.71 33.11
CA GLY B 385 -36.93 23.82 34.25
C GLY B 385 -36.45 22.42 33.92
N ARG B 386 -36.12 22.18 32.64
CA ARG B 386 -35.65 20.87 32.18
C ARG B 386 -34.26 20.54 32.71
N ALA B 387 -34.13 19.32 33.23
CA ALA B 387 -32.87 18.86 33.79
C ALA B 387 -32.47 17.51 33.22
N SER B 388 -31.19 17.37 32.90
CA SER B 388 -30.66 16.12 32.36
C SER B 388 -30.33 15.21 33.54
N ILE B 389 -31.12 14.15 33.70
CA ILE B 389 -30.93 13.21 34.79
C ILE B 389 -29.56 12.53 34.80
N ALA B 390 -28.98 12.31 33.62
CA ALA B 390 -27.66 11.68 33.52
C ALA B 390 -26.55 12.48 34.17
N GLY B 391 -26.79 13.78 34.40
CA GLY B 391 -25.80 14.61 35.05
C GLY B 391 -25.75 14.27 36.53
N LEU B 392 -26.80 13.63 37.02
CA LEU B 392 -26.87 13.22 38.42
C LEU B 392 -26.14 11.91 38.63
N ASN B 393 -25.46 11.81 39.77
CA ASN B 393 -24.75 10.59 40.15
C ASN B 393 -24.75 10.51 41.67
N GLN B 394 -24.41 9.34 42.20
CA GLN B 394 -24.40 9.14 43.66
C GLN B 394 -23.57 10.16 44.42
N GLY B 395 -22.60 10.76 43.74
CA GLY B 395 -21.75 11.75 44.37
C GLY B 395 -22.26 13.18 44.39
N ASN B 396 -23.41 13.45 43.78
CA ASN B 396 -23.94 14.80 43.76
C ASN B 396 -25.45 14.94 43.92
N VAL B 397 -26.17 13.81 43.92
CA VAL B 397 -27.63 13.82 44.03
C VAL B 397 -28.18 14.55 45.27
N GLU B 398 -27.51 14.37 46.41
CA GLU B 398 -27.96 15.03 47.63
C GLU B 398 -27.69 16.53 47.61
N TYR B 399 -26.56 16.94 47.05
CA TYR B 399 -26.22 18.36 46.96
C TYR B 399 -27.24 19.07 46.09
N VAL B 400 -27.66 18.40 45.02
CA VAL B 400 -28.64 18.95 44.09
C VAL B 400 -30.02 18.92 44.73
N ALA B 401 -30.30 17.88 45.52
CA ALA B 401 -31.59 17.76 46.19
C ALA B 401 -31.75 18.84 47.25
N LYS B 402 -30.65 19.20 47.90
CA LYS B 402 -30.66 20.24 48.94
C LYS B 402 -30.74 21.63 48.32
N ALA B 403 -30.18 21.78 47.12
CA ALA B 403 -30.20 23.06 46.41
C ALA B 403 -31.62 23.36 45.94
N ILE B 404 -32.28 22.34 45.38
CA ILE B 404 -33.65 22.46 44.89
C ILE B 404 -34.57 22.80 46.06
N ASP B 405 -34.34 22.15 47.19
CA ASP B 405 -35.12 22.35 48.41
C ASP B 405 -35.03 23.82 48.84
N GLU B 406 -33.81 24.33 48.89
CA GLU B 406 -33.54 25.71 49.31
C GLU B 406 -34.25 26.72 48.41
N VAL B 407 -34.15 26.54 47.10
CA VAL B 407 -34.76 27.48 46.16
C VAL B 407 -36.29 27.42 46.14
N VAL B 408 -36.86 26.26 46.45
CA VAL B 408 -38.32 26.11 46.49
C VAL B 408 -38.85 26.84 47.72
N ARG B 409 -38.10 26.76 48.82
CA ARG B 409 -38.47 27.41 50.07
C ARG B 409 -38.16 28.91 50.04
N PHE B 410 -37.13 29.28 49.29
CA PHE B 410 -36.71 30.67 49.19
C PHE B 410 -37.77 31.57 48.53
N TYR B 411 -38.48 31.03 47.56
CA TYR B 411 -39.49 31.78 46.83
C TYR B 411 -40.91 31.48 47.26
N ALA B 412 -41.06 30.64 48.28
CA ALA B 412 -42.37 30.28 48.81
C ALA B 412 -43.06 31.49 49.44
N SER C 1 -2.18 -31.24 -24.38
CA SER C 1 -1.10 -30.32 -23.93
C SER C 1 -1.65 -28.94 -23.58
N ALA C 2 -2.97 -28.78 -23.75
CA ALA C 2 -3.65 -27.53 -23.45
C ALA C 2 -4.12 -27.49 -21.98
N THR C 3 -4.03 -28.63 -21.31
CA THR C 3 -4.45 -28.74 -19.91
C THR C 3 -3.35 -29.41 -19.08
N LEU C 4 -2.11 -29.13 -19.44
CA LEU C 4 -0.92 -29.69 -18.78
C LEU C 4 -0.74 -29.35 -17.30
N PHE C 5 -1.02 -28.10 -16.94
CA PHE C 5 -0.86 -27.62 -15.56
C PHE C 5 -2.13 -27.64 -14.73
N ASN C 6 -3.21 -28.18 -15.29
CA ASN C 6 -4.49 -28.22 -14.58
C ASN C 6 -4.52 -28.99 -13.25
N ASN C 7 -3.52 -29.84 -13.03
CA ASN C 7 -3.47 -30.64 -11.80
C ASN C 7 -2.45 -30.16 -10.76
N ILE C 8 -1.52 -29.30 -11.18
CA ILE C 8 -0.48 -28.77 -10.29
C ILE C 8 -1.11 -28.15 -9.05
N GLU C 9 -0.65 -28.56 -7.87
CA GLU C 9 -1.19 -28.05 -6.62
C GLU C 9 -0.58 -26.73 -6.14
N LEU C 10 -1.37 -25.98 -5.38
CA LEU C 10 -0.94 -24.72 -4.80
C LEU C 10 -0.18 -25.00 -3.51
N LEU C 11 0.97 -24.37 -3.35
CA LEU C 11 1.76 -24.55 -2.14
C LEU C 11 1.63 -23.32 -1.26
N PRO C 12 1.61 -23.50 0.07
CA PRO C 12 1.50 -22.35 0.97
C PRO C 12 2.77 -21.50 0.89
N PRO C 13 2.67 -20.22 1.24
CA PRO C 13 3.85 -19.33 1.20
C PRO C 13 4.93 -19.79 2.15
N ASP C 14 6.16 -19.34 1.90
CA ASP C 14 7.28 -19.69 2.77
C ASP C 14 6.95 -19.14 4.15
N ALA C 15 7.15 -19.97 5.17
CA ALA C 15 6.85 -19.61 6.56
C ALA C 15 7.56 -18.34 7.02
N LEU C 16 8.75 -18.09 6.48
CA LEU C 16 9.53 -16.91 6.85
C LEU C 16 9.32 -15.75 5.89
N PHE C 17 9.51 -15.99 4.60
CA PHE C 17 9.34 -14.94 3.59
C PHE C 17 7.91 -14.47 3.47
N GLY C 18 6.97 -15.36 3.78
CA GLY C 18 5.57 -15.00 3.72
C GLY C 18 5.25 -13.95 4.76
N ILE C 19 6.01 -13.92 5.85
CA ILE C 19 5.73 -12.92 6.89
C ILE C 19 6.28 -11.53 6.57
N LYS C 20 7.31 -11.44 5.75
CA LYS C 20 7.84 -10.12 5.39
C LYS C 20 6.90 -9.45 4.39
N GLN C 21 6.06 -10.25 3.74
CA GLN C 21 5.07 -9.74 2.78
C GLN C 21 3.88 -9.16 3.51
N ARG C 22 3.36 -9.91 4.50
CA ARG C 22 2.23 -9.46 5.29
C ARG C 22 2.61 -8.18 6.03
N TYR C 23 3.86 -8.14 6.48
CA TYR C 23 4.38 -6.98 7.20
C TYR C 23 4.42 -5.74 6.29
N GLY C 24 4.99 -5.91 5.10
CA GLY C 24 5.08 -4.79 4.17
C GLY C 24 3.70 -4.26 3.81
N GLN C 25 2.73 -5.16 3.74
CA GLN C 25 1.36 -4.81 3.40
C GLN C 25 0.60 -4.20 4.58
N ASP C 26 1.08 -4.42 5.80
CA ASP C 26 0.44 -3.89 7.00
C ASP C 26 0.47 -2.35 6.99
N GLN C 27 -0.71 -1.74 6.97
CA GLN C 27 -0.82 -0.28 6.95
C GLN C 27 -0.93 0.40 8.30
N ARG C 28 -0.90 -0.40 9.37
CA ARG C 28 -0.98 0.15 10.72
C ARG C 28 0.34 0.82 11.05
N ALA C 29 0.29 1.95 11.76
CA ALA C 29 1.49 2.70 12.11
C ALA C 29 2.32 2.09 13.23
N THR C 30 1.78 1.05 13.87
CA THR C 30 2.45 0.39 14.99
C THR C 30 2.97 -1.02 14.73
N LYS C 31 3.21 -1.38 13.46
CA LYS C 31 3.71 -2.73 13.19
C LYS C 31 5.20 -2.89 13.50
N VAL C 32 5.56 -4.09 13.97
CA VAL C 32 6.94 -4.41 14.34
C VAL C 32 7.34 -5.71 13.65
N ASP C 33 8.46 -5.69 12.95
CA ASP C 33 8.95 -6.86 12.23
C ASP C 33 10.01 -7.61 13.05
N LEU C 34 9.59 -8.74 13.60
CA LEU C 34 10.46 -9.60 14.40
C LEU C 34 10.54 -10.98 13.74
N GLY C 35 10.40 -11.02 12.42
CA GLY C 35 10.44 -12.28 11.69
C GLY C 35 11.76 -12.72 11.09
N ILE C 36 12.05 -12.22 9.88
CA ILE C 36 13.29 -12.57 9.18
C ILE C 36 14.48 -12.07 9.99
N GLY C 37 15.49 -12.92 10.15
CA GLY C 37 16.67 -12.52 10.90
C GLY C 37 17.64 -11.65 10.15
N ALA C 38 17.20 -10.47 9.75
CA ALA C 38 18.03 -9.51 9.04
C ALA C 38 18.28 -8.34 9.99
N TYR C 39 19.54 -8.00 10.20
CA TYR C 39 19.89 -6.90 11.10
C TYR C 39 19.33 -5.53 10.74
N ARG C 40 18.91 -4.81 11.78
CA ARG C 40 18.36 -3.47 11.65
C ARG C 40 19.03 -2.64 12.73
N ASP C 41 19.30 -1.36 12.44
CA ASP C 41 19.93 -0.49 13.42
C ASP C 41 18.95 -0.06 14.53
N ASP C 42 19.31 0.98 15.28
CA ASP C 42 18.47 1.49 16.36
C ASP C 42 17.22 2.19 15.87
N ASN C 43 17.10 2.35 14.54
CA ASN C 43 15.95 2.98 13.93
C ASN C 43 15.12 1.98 13.11
N GLY C 44 15.50 0.71 13.16
CA GLY C 44 14.78 -0.31 12.42
C GLY C 44 14.94 -0.24 10.92
N LYS C 45 16.12 0.18 10.45
CA LYS C 45 16.36 0.27 9.02
C LYS C 45 17.64 -0.48 8.64
N PRO C 46 17.71 -1.02 7.41
CA PRO C 46 18.90 -1.75 6.94
C PRO C 46 20.19 -0.98 7.21
N TRP C 47 21.16 -1.69 7.78
CA TRP C 47 22.43 -1.10 8.13
C TRP C 47 23.61 -1.66 7.34
N VAL C 48 24.01 -0.94 6.29
CA VAL C 48 25.14 -1.35 5.47
C VAL C 48 26.40 -1.10 6.30
N LEU C 49 27.16 -2.16 6.57
CA LEU C 49 28.37 -2.08 7.38
C LEU C 49 29.43 -1.10 6.86
N PRO C 50 30.01 -0.28 7.76
CA PRO C 50 31.04 0.70 7.43
C PRO C 50 32.19 0.08 6.64
N SER C 51 32.60 -1.12 7.04
CA SER C 51 33.67 -1.84 6.37
C SER C 51 33.30 -2.21 4.95
N VAL C 52 32.03 -2.55 4.71
CA VAL C 52 31.58 -2.89 3.36
C VAL C 52 31.38 -1.63 2.51
N LYS C 53 31.07 -0.51 3.15
CA LYS C 53 30.92 0.76 2.44
C LYS C 53 32.30 1.15 1.91
N ALA C 54 33.32 0.88 2.72
CA ALA C 54 34.71 1.16 2.36
C ALA C 54 35.16 0.20 1.27
N ALA C 55 34.78 -1.06 1.39
CA ALA C 55 35.15 -2.06 0.40
C ALA C 55 34.52 -1.77 -0.95
N GLU C 56 33.29 -1.26 -0.96
CA GLU C 56 32.60 -0.94 -2.22
C GLU C 56 33.24 0.21 -2.97
N LYS C 57 33.70 1.23 -2.25
CA LYS C 57 34.34 2.37 -2.89
C LYS C 57 35.57 1.88 -3.66
N LEU C 58 36.40 1.09 -2.99
CA LEU C 58 37.63 0.54 -3.56
C LEU C 58 37.41 -0.21 -4.87
N ILE C 59 36.39 -1.07 -4.88
CA ILE C 59 36.06 -1.86 -6.05
C ILE C 59 35.63 -0.98 -7.22
N HIS C 60 34.84 0.05 -6.92
CA HIS C 60 34.35 0.96 -7.93
C HIS C 60 35.42 1.93 -8.43
N ASN C 61 36.35 2.29 -7.56
CA ASN C 61 37.43 3.21 -7.90
C ASN C 61 38.53 2.53 -8.72
N ASP C 62 38.30 1.25 -9.03
CA ASP C 62 39.23 0.47 -9.82
C ASP C 62 38.87 0.69 -11.28
N SER C 63 39.85 1.12 -12.08
CA SER C 63 39.61 1.36 -13.51
C SER C 63 39.44 0.02 -14.22
N SER C 64 39.90 -1.04 -13.57
CA SER C 64 39.81 -2.40 -14.09
C SER C 64 38.50 -3.07 -13.67
N TYR C 65 37.59 -2.29 -13.09
CA TYR C 65 36.29 -2.77 -12.63
C TYR C 65 35.42 -3.23 -13.80
N ASN C 66 34.74 -4.35 -13.63
CA ASN C 66 33.87 -4.90 -14.67
C ASN C 66 32.84 -5.89 -14.12
N HIS C 67 31.99 -6.38 -15.02
CA HIS C 67 30.94 -7.35 -14.68
C HIS C 67 31.15 -8.63 -15.47
N GLU C 68 32.40 -9.00 -15.67
CA GLU C 68 32.75 -10.20 -16.43
C GLU C 68 32.48 -11.49 -15.65
N TYR C 69 32.37 -12.61 -16.37
CA TYR C 69 32.13 -13.90 -15.73
C TYR C 69 33.32 -14.29 -14.87
N LEU C 70 33.05 -14.97 -13.79
CA LEU C 70 34.10 -15.48 -12.90
C LEU C 70 34.26 -16.92 -13.35
N GLY C 71 35.19 -17.64 -12.75
CA GLY C 71 35.35 -19.05 -13.10
C GLY C 71 34.15 -19.79 -12.56
N ILE C 72 33.92 -21.02 -13.01
CA ILE C 72 32.80 -21.82 -12.54
C ILE C 72 32.82 -21.92 -11.01
N THR C 73 34.01 -22.16 -10.48
CA THR C 73 34.22 -22.31 -9.04
C THR C 73 34.31 -21.02 -8.23
N GLY C 74 34.18 -19.88 -8.91
CA GLY C 74 34.20 -18.60 -8.23
C GLY C 74 35.46 -17.73 -8.23
N LEU C 75 35.45 -16.74 -7.34
CA LEU C 75 36.55 -15.79 -7.18
C LEU C 75 37.55 -16.42 -6.21
N PRO C 76 38.78 -16.67 -6.68
CA PRO C 76 39.86 -17.27 -5.89
C PRO C 76 40.16 -16.56 -4.56
N SER C 77 40.22 -15.23 -4.55
CA SER C 77 40.50 -14.51 -3.31
C SER C 77 39.35 -14.59 -2.30
N LEU C 78 38.14 -14.87 -2.76
CA LEU C 78 37.00 -14.99 -1.85
C LEU C 78 37.10 -16.34 -1.14
N THR C 79 37.12 -17.42 -1.91
CA THR C 79 37.19 -18.79 -1.37
C THR C 79 38.41 -19.06 -0.51
N SER C 80 39.56 -18.59 -0.98
CA SER C 80 40.82 -18.75 -0.26
C SER C 80 40.80 -18.10 1.12
N ASN C 81 40.43 -16.82 1.16
CA ASN C 81 40.36 -16.07 2.41
C ASN C 81 39.20 -16.45 3.31
N ALA C 82 38.14 -17.02 2.73
CA ALA C 82 36.95 -17.44 3.47
C ALA C 82 37.24 -18.72 4.25
N ALA C 83 38.03 -19.58 3.63
CA ALA C 83 38.43 -20.86 4.22
C ALA C 83 39.30 -20.62 5.46
N LYS C 84 40.06 -19.52 5.43
CA LYS C 84 40.93 -19.17 6.53
C LYS C 84 40.24 -18.65 7.78
N ILE C 85 39.15 -17.90 7.61
CA ILE C 85 38.45 -17.34 8.78
C ILE C 85 37.70 -18.38 9.60
N ILE C 86 37.24 -19.43 8.95
CA ILE C 86 36.49 -20.47 9.62
C ILE C 86 37.36 -21.66 10.06
N PHE C 87 38.27 -22.12 9.20
CA PHE C 87 39.14 -23.24 9.55
C PHE C 87 40.32 -22.81 10.41
N GLY C 88 40.69 -21.55 10.30
CA GLY C 88 41.83 -21.04 11.05
C GLY C 88 43.05 -21.06 10.15
N THR C 89 43.90 -20.05 10.27
CA THR C 89 45.10 -19.96 9.44
C THR C 89 46.07 -21.12 9.64
N GLN C 90 46.21 -21.57 10.88
CA GLN C 90 47.12 -22.68 11.19
C GLN C 90 46.45 -24.05 11.26
N SER C 91 45.39 -24.23 10.47
CA SER C 91 44.66 -25.48 10.41
C SER C 91 45.45 -26.54 9.66
N ASP C 92 45.43 -27.77 10.18
CA ASP C 92 46.13 -28.88 9.55
C ASP C 92 45.46 -29.26 8.22
N ALA C 93 44.17 -29.01 8.12
CA ALA C 93 43.42 -29.30 6.90
C ALA C 93 43.86 -28.36 5.78
N LEU C 94 44.18 -27.12 6.15
CA LEU C 94 44.61 -26.12 5.20
C LEU C 94 46.08 -26.32 4.78
N GLN C 95 46.94 -26.63 5.76
CA GLN C 95 48.35 -26.85 5.51
C GLN C 95 48.59 -28.16 4.74
N GLU C 96 47.69 -29.12 4.90
CA GLU C 96 47.79 -30.41 4.22
C GLU C 96 47.11 -30.45 2.87
N ASP C 97 46.50 -29.33 2.47
CA ASP C 97 45.79 -29.20 1.19
C ASP C 97 44.57 -30.11 1.05
N ARG C 98 43.96 -30.46 2.17
CA ARG C 98 42.79 -31.32 2.16
C ARG C 98 41.48 -30.60 1.99
N VAL C 99 41.54 -29.27 1.91
CA VAL C 99 40.31 -28.49 1.75
C VAL C 99 39.96 -28.07 0.32
N ILE C 100 38.72 -28.34 -0.04
CA ILE C 100 38.19 -27.98 -1.36
C ILE C 100 37.17 -26.85 -1.07
N SER C 101 37.36 -25.69 -1.71
CA SER C 101 36.46 -24.55 -1.52
C SER C 101 35.98 -23.97 -2.84
N VAL C 102 34.66 -23.80 -2.98
CA VAL C 102 34.07 -23.22 -4.19
C VAL C 102 33.07 -22.15 -3.78
N GLN C 103 32.80 -21.20 -4.67
CA GLN C 103 31.84 -20.15 -4.39
C GLN C 103 30.42 -20.66 -4.62
N SER C 104 29.52 -20.34 -3.71
CA SER C 104 28.14 -20.77 -3.81
C SER C 104 27.18 -19.61 -3.60
N LEU C 105 25.93 -19.83 -3.98
CA LEU C 105 24.89 -18.82 -3.82
C LEU C 105 24.54 -18.74 -2.34
N SER C 106 25.48 -18.18 -1.57
CA SER C 106 25.36 -18.03 -0.13
C SER C 106 25.34 -19.38 0.59
N GLY C 107 24.76 -19.42 1.79
CA GLY C 107 24.69 -20.66 2.55
C GLY C 107 23.70 -21.66 1.99
N THR C 108 22.59 -21.16 1.44
CA THR C 108 21.58 -22.03 0.86
C THR C 108 22.19 -22.72 -0.36
N GLY C 109 23.04 -22.00 -1.08
CA GLY C 109 23.70 -22.55 -2.25
C GLY C 109 24.63 -23.67 -1.84
N ALA C 110 25.47 -23.40 -0.84
CA ALA C 110 26.41 -24.40 -0.33
C ALA C 110 25.64 -25.63 0.15
N LEU C 111 24.54 -25.35 0.85
CA LEU C 111 23.64 -26.38 1.39
C LEU C 111 23.03 -27.21 0.25
N HIS C 112 22.75 -26.57 -0.88
CA HIS C 112 22.16 -27.24 -2.03
C HIS C 112 23.19 -28.07 -2.81
N ILE C 113 24.42 -27.58 -2.87
CA ILE C 113 25.49 -28.31 -3.55
C ILE C 113 25.75 -29.60 -2.79
N SER C 114 25.56 -29.54 -1.47
CA SER C 114 25.75 -30.70 -0.59
C SER C 114 24.69 -31.76 -0.86
N ALA C 115 23.43 -31.31 -0.93
CA ALA C 115 22.29 -32.20 -1.17
C ALA C 115 22.36 -32.87 -2.55
N LYS C 116 22.72 -32.09 -3.57
CA LYS C 116 22.82 -32.61 -4.93
C LYS C 116 23.92 -33.67 -4.99
N PHE C 117 25.03 -33.37 -4.33
CA PHE C 117 26.17 -34.27 -4.29
C PHE C 117 25.75 -35.61 -3.65
N PHE C 118 25.02 -35.53 -2.54
CA PHE C 118 24.56 -36.72 -1.84
C PHE C 118 23.55 -37.52 -2.64
N SER C 119 22.65 -36.83 -3.33
CA SER C 119 21.63 -37.51 -4.13
C SER C 119 22.24 -38.22 -5.31
N LYS C 120 23.37 -37.69 -5.80
CA LYS C 120 24.05 -38.28 -6.94
C LYS C 120 24.87 -39.51 -6.55
N PHE C 121 25.64 -39.41 -5.47
CA PHE C 121 26.52 -40.50 -5.05
C PHE C 121 26.11 -41.38 -3.88
N PHE C 122 25.50 -40.80 -2.85
CA PHE C 122 25.07 -41.56 -1.68
C PHE C 122 23.64 -41.20 -1.29
N PRO C 123 22.67 -41.42 -2.19
CA PRO C 123 21.27 -41.10 -1.90
C PRO C 123 20.60 -42.00 -0.86
N ASP C 124 21.36 -42.94 -0.31
CA ASP C 124 20.83 -43.88 0.69
C ASP C 124 21.01 -43.38 2.12
N LYS C 125 21.89 -42.39 2.31
CA LYS C 125 22.17 -41.82 3.62
C LYS C 125 21.06 -40.92 4.16
N LEU C 126 20.74 -41.09 5.44
CA LEU C 126 19.72 -40.28 6.08
C LEU C 126 20.32 -38.96 6.53
N VAL C 127 19.61 -37.88 6.29
CA VAL C 127 20.07 -36.56 6.68
C VAL C 127 19.32 -36.14 7.95
N TYR C 128 20.02 -36.17 9.08
CA TYR C 128 19.48 -35.81 10.38
C TYR C 128 19.49 -34.32 10.72
N LEU C 129 18.31 -33.79 11.00
CA LEU C 129 18.11 -32.38 11.34
C LEU C 129 17.69 -32.27 12.81
N SER C 130 18.09 -31.19 13.47
CA SER C 130 17.75 -30.96 14.87
C SER C 130 16.29 -30.60 15.05
N LYS C 131 15.79 -30.78 16.27
CA LYS C 131 14.40 -30.48 16.61
C LYS C 131 14.38 -29.37 17.66
N PRO C 132 14.03 -28.15 17.24
CA PRO C 132 13.68 -27.75 15.88
C PRO C 132 14.91 -27.30 15.08
N THR C 133 14.67 -26.79 13.89
CA THR C 133 15.77 -26.32 13.04
C THR C 133 15.29 -25.20 12.13
N TRP C 134 16.21 -24.70 11.29
CA TRP C 134 15.90 -23.66 10.34
C TRP C 134 14.83 -24.20 9.41
N ALA C 135 13.74 -23.46 9.28
CA ALA C 135 12.59 -23.83 8.47
C ALA C 135 12.85 -24.34 7.05
N ASN C 136 13.91 -23.84 6.41
CA ASN C 136 14.22 -24.25 5.04
C ASN C 136 15.13 -25.48 4.89
N HIS C 137 15.72 -25.94 6.00
CA HIS C 137 16.60 -27.09 5.97
C HIS C 137 16.00 -28.33 5.32
N MET C 138 14.77 -28.64 5.70
CA MET C 138 14.10 -29.81 5.16
C MET C 138 13.91 -29.77 3.65
N ALA C 139 13.35 -28.68 3.16
CA ALA C 139 13.08 -28.50 1.73
C ALA C 139 14.32 -28.63 0.85
N ILE C 140 15.48 -28.21 1.38
CA ILE C 140 16.72 -28.28 0.64
C ILE C 140 17.15 -29.72 0.33
N PHE C 141 17.13 -30.57 1.36
CA PHE C 141 17.53 -31.96 1.19
C PHE C 141 16.47 -32.80 0.51
N GLU C 142 15.21 -32.49 0.76
CA GLU C 142 14.13 -33.23 0.12
C GLU C 142 13.94 -32.81 -1.33
N ASN C 143 14.44 -31.63 -1.68
CA ASN C 143 14.37 -31.15 -3.07
C ASN C 143 15.24 -32.10 -3.90
N GLN C 144 16.16 -32.79 -3.23
CA GLN C 144 17.05 -33.72 -3.91
C GLN C 144 16.67 -35.18 -3.74
N GLY C 145 15.57 -35.43 -3.04
CA GLY C 145 15.11 -36.79 -2.83
C GLY C 145 15.82 -37.52 -1.71
N LEU C 146 16.36 -36.78 -0.76
CA LEU C 146 17.06 -37.38 0.37
C LEU C 146 16.07 -37.49 1.53
N LYS C 147 16.07 -38.63 2.22
CA LYS C 147 15.18 -38.80 3.36
C LYS C 147 15.82 -38.15 4.57
N THR C 148 15.02 -37.43 5.33
CA THR C 148 15.49 -36.74 6.52
C THR C 148 14.86 -37.30 7.80
N ALA C 149 15.67 -37.37 8.85
CA ALA C 149 15.19 -37.84 10.14
C ALA C 149 15.45 -36.68 11.09
N THR C 150 15.38 -36.93 12.39
CA THR C 150 15.60 -35.85 13.33
C THR C 150 16.21 -36.28 14.66
N TYR C 151 16.91 -35.35 15.30
CA TYR C 151 17.51 -35.59 16.61
C TYR C 151 17.04 -34.54 17.60
N PRO C 152 16.84 -34.94 18.87
CA PRO C 152 16.38 -34.08 19.97
C PRO C 152 17.35 -32.94 20.24
N TYR C 153 16.83 -31.74 20.36
CA TYR C 153 17.67 -30.59 20.61
C TYR C 153 17.12 -29.67 21.69
N TRP C 154 15.92 -29.17 21.49
CA TRP C 154 15.28 -28.27 22.44
C TRP C 154 14.40 -28.96 23.47
N ALA C 155 14.82 -28.91 24.73
CA ALA C 155 14.06 -29.48 25.83
C ALA C 155 13.03 -28.42 26.20
N ASN C 156 11.81 -28.59 25.68
CA ASN C 156 10.70 -27.66 25.86
C ASN C 156 10.36 -27.13 27.26
N GLU C 157 9.90 -28.00 28.15
CA GLU C 157 9.49 -27.60 29.50
C GLU C 157 10.57 -27.03 30.41
N THR C 158 11.83 -27.15 30.00
CA THR C 158 12.93 -26.65 30.80
C THR C 158 13.83 -25.69 30.01
N LYS C 159 13.36 -25.30 28.83
CA LYS C 159 14.09 -24.38 27.94
C LYS C 159 15.60 -24.56 27.86
N SER C 160 16.03 -25.81 27.87
CA SER C 160 17.45 -26.12 27.81
C SER C 160 17.80 -27.09 26.68
N LEU C 161 19.06 -27.51 26.64
CA LEU C 161 19.54 -28.42 25.61
C LEU C 161 19.39 -29.88 26.03
N ASP C 162 18.78 -30.68 25.17
CA ASP C 162 18.55 -32.10 25.41
C ASP C 162 19.79 -32.88 24.96
N LEU C 163 20.91 -32.62 25.64
CA LEU C 163 22.20 -33.25 25.36
C LEU C 163 22.13 -34.77 25.34
N ASN C 164 21.57 -35.35 26.39
CA ASN C 164 21.44 -36.80 26.50
C ASN C 164 20.70 -37.38 25.30
N GLY C 165 19.56 -36.78 24.94
CA GLY C 165 18.79 -37.25 23.80
C GLY C 165 19.49 -36.98 22.48
N PHE C 166 20.31 -35.95 22.44
CA PHE C 166 21.06 -35.57 21.24
C PHE C 166 22.07 -36.69 20.98
N LEU C 167 22.80 -37.06 22.01
CA LEU C 167 23.82 -38.11 21.92
C LEU C 167 23.22 -39.48 21.64
N ASN C 168 22.02 -39.72 22.18
CA ASN C 168 21.32 -40.98 21.99
C ASN C 168 20.97 -41.17 20.52
N ALA C 169 20.57 -40.08 19.86
CA ALA C 169 20.20 -40.11 18.45
C ALA C 169 21.40 -40.45 17.57
N ILE C 170 22.56 -39.89 17.92
CA ILE C 170 23.79 -40.13 17.17
C ILE C 170 24.18 -41.60 17.28
N GLN C 171 23.87 -42.21 18.42
CA GLN C 171 24.20 -43.62 18.66
C GLN C 171 23.23 -44.61 18.03
N LYS C 172 21.98 -44.19 17.83
CA LYS C 172 20.97 -45.07 17.24
C LYS C 172 20.81 -44.87 15.74
N ALA C 173 21.49 -43.86 15.20
CA ALA C 173 21.45 -43.58 13.77
C ALA C 173 22.42 -44.55 13.09
N PRO C 174 22.08 -45.02 11.89
CA PRO C 174 22.95 -45.95 11.16
C PRO C 174 24.26 -45.28 10.74
N GLU C 175 25.36 -46.03 10.79
CA GLU C 175 26.68 -45.50 10.42
C GLU C 175 26.66 -44.73 9.10
N GLY C 176 27.55 -43.75 9.00
CA GLY C 176 27.62 -42.95 7.79
C GLY C 176 26.45 -42.02 7.56
N SER C 177 25.67 -41.72 8.60
CA SER C 177 24.54 -40.81 8.46
C SER C 177 25.01 -39.35 8.40
N ILE C 178 24.20 -38.47 7.84
CA ILE C 178 24.56 -37.05 7.71
C ILE C 178 23.93 -36.23 8.84
N PHE C 179 24.77 -35.63 9.69
CA PHE C 179 24.26 -34.81 10.78
C PHE C 179 24.47 -33.32 10.53
N VAL C 180 23.39 -32.65 10.13
CA VAL C 180 23.44 -31.21 9.87
C VAL C 180 23.50 -30.44 11.18
N LEU C 181 24.66 -29.87 11.48
CA LEU C 181 24.88 -29.13 12.70
C LEU C 181 25.02 -27.62 12.51
N HIS C 182 24.52 -26.86 13.47
CA HIS C 182 24.62 -25.39 13.47
C HIS C 182 25.93 -25.06 14.18
N SER C 183 26.87 -24.44 13.46
CA SER C 183 28.18 -24.10 14.02
C SER C 183 28.11 -23.30 15.32
N CYS C 184 27.22 -22.33 15.35
CA CYS C 184 27.03 -21.47 16.51
C CYS C 184 25.79 -20.65 16.22
N ALA C 185 25.25 -20.00 17.26
CA ALA C 185 24.06 -19.19 17.11
C ALA C 185 22.95 -20.00 16.45
N HIS C 186 22.53 -21.06 17.13
CA HIS C 186 21.48 -21.95 16.64
C HIS C 186 20.24 -21.17 16.21
N ASN C 187 19.94 -21.26 14.91
CA ASN C 187 18.75 -20.63 14.34
C ASN C 187 17.88 -21.88 14.39
N PRO C 188 16.69 -21.87 15.02
CA PRO C 188 15.71 -21.07 15.78
C PRO C 188 15.84 -20.78 17.29
N THR C 189 16.30 -21.78 18.03
CA THR C 189 16.41 -21.70 19.49
C THR C 189 17.41 -20.72 20.06
N GLY C 190 18.51 -20.51 19.34
CA GLY C 190 19.54 -19.59 19.83
C GLY C 190 20.26 -20.19 21.01
N LEU C 191 20.10 -21.50 21.17
CA LEU C 191 20.72 -22.23 22.26
C LEU C 191 21.80 -23.10 21.65
N ASP C 192 23.01 -23.01 22.19
CA ASP C 192 24.15 -23.77 21.69
C ASP C 192 24.83 -24.61 22.75
N PRO C 193 25.41 -25.75 22.36
CA PRO C 193 26.10 -26.58 23.35
C PRO C 193 27.41 -25.89 23.74
N THR C 194 27.85 -26.12 24.98
CA THR C 194 29.11 -25.53 25.45
C THR C 194 30.27 -26.25 24.78
N SER C 195 31.49 -25.72 24.95
CA SER C 195 32.68 -26.34 24.37
C SER C 195 32.79 -27.79 24.81
N GLU C 196 32.53 -28.04 26.09
CA GLU C 196 32.59 -29.38 26.67
C GLU C 196 31.55 -30.31 26.09
N GLN C 197 30.39 -29.76 25.75
CA GLN C 197 29.33 -30.55 25.16
C GLN C 197 29.62 -30.89 23.70
N TRP C 198 30.25 -29.96 23.00
CA TRP C 198 30.64 -30.15 21.60
C TRP C 198 31.65 -31.27 21.48
N VAL C 199 32.50 -31.41 22.49
CA VAL C 199 33.52 -32.45 22.50
C VAL C 199 32.82 -33.81 22.51
N GLN C 200 31.82 -33.95 23.37
CA GLN C 200 31.04 -35.19 23.48
C GLN C 200 30.25 -35.43 22.21
N ILE C 201 29.71 -34.37 21.64
CA ILE C 201 28.91 -34.45 20.42
C ILE C 201 29.76 -34.92 19.24
N VAL C 202 30.96 -34.36 19.10
CA VAL C 202 31.85 -34.73 18.02
C VAL C 202 32.46 -36.13 18.24
N ASP C 203 32.72 -36.47 19.51
CA ASP C 203 33.28 -37.79 19.85
C ASP C 203 32.32 -38.93 19.52
N ALA C 204 31.02 -38.61 19.53
CA ALA C 204 29.98 -39.58 19.22
C ALA C 204 29.88 -39.71 17.71
N ILE C 205 30.01 -38.58 17.02
CA ILE C 205 29.94 -38.55 15.57
C ILE C 205 31.09 -39.34 14.93
N ALA C 206 32.28 -39.22 15.53
CA ALA C 206 33.46 -39.92 15.03
C ALA C 206 33.39 -41.42 15.31
N SER C 207 32.83 -41.78 16.45
CA SER C 207 32.70 -43.19 16.83
C SER C 207 31.78 -43.93 15.86
N LYS C 208 30.69 -43.27 15.48
CA LYS C 208 29.71 -43.85 14.56
C LYS C 208 30.00 -43.62 13.07
N ASN C 209 31.14 -43.01 12.78
CA ASN C 209 31.55 -42.73 11.39
C ASN C 209 30.52 -41.89 10.65
N HIS C 210 29.94 -40.90 11.32
CA HIS C 210 28.96 -40.03 10.69
C HIS C 210 29.65 -38.88 9.97
N ILE C 211 28.92 -38.29 9.02
CA ILE C 211 29.41 -37.16 8.25
C ILE C 211 28.81 -35.88 8.82
N ALA C 212 29.65 -35.05 9.40
CA ALA C 212 29.22 -33.80 9.99
C ALA C 212 29.19 -32.66 8.96
N LEU C 213 28.05 -31.99 8.89
CA LEU C 213 27.88 -30.85 7.99
C LEU C 213 27.64 -29.64 8.88
N PHE C 214 28.61 -28.73 8.91
CA PHE C 214 28.47 -27.52 9.72
C PHE C 214 27.88 -26.35 8.96
N ASP C 215 26.63 -26.04 9.27
CA ASP C 215 25.92 -24.93 8.66
C ASP C 215 26.40 -23.68 9.40
N THR C 216 27.27 -22.91 8.76
CA THR C 216 27.82 -21.70 9.38
C THR C 216 27.29 -20.41 8.75
N ALA C 217 26.10 -20.00 9.18
CA ALA C 217 25.47 -18.80 8.66
C ALA C 217 25.57 -17.60 9.63
N TYR C 218 26.08 -17.86 10.83
CA TYR C 218 26.19 -16.82 11.87
C TYR C 218 27.52 -16.68 12.58
N GLN C 219 28.62 -16.98 11.90
CA GLN C 219 29.94 -16.86 12.53
C GLN C 219 30.22 -15.40 12.88
N GLY C 220 30.30 -15.11 14.18
CA GLY C 220 30.55 -13.76 14.64
C GLY C 220 29.36 -13.17 15.39
N PHE C 221 28.20 -13.81 15.30
CA PHE C 221 26.99 -13.33 15.96
C PHE C 221 26.66 -14.02 17.28
N ALA C 222 27.48 -14.99 17.67
CA ALA C 222 27.24 -15.70 18.91
C ALA C 222 27.97 -15.05 20.07
N THR C 223 29.28 -14.84 19.93
CA THR C 223 30.08 -14.23 20.98
C THR C 223 30.60 -12.83 20.67
N GLY C 224 30.79 -12.54 19.38
CA GLY C 224 31.31 -11.25 19.00
C GLY C 224 32.64 -11.37 18.27
N ASP C 225 33.21 -12.57 18.29
CA ASP C 225 34.48 -12.79 17.59
C ASP C 225 34.49 -14.10 16.79
N LEU C 226 35.01 -13.99 15.57
CA LEU C 226 35.07 -15.11 14.64
C LEU C 226 35.81 -16.34 15.14
N ASP C 227 36.86 -16.14 15.92
CA ASP C 227 37.63 -17.27 16.43
C ASP C 227 36.87 -18.17 17.41
N LYS C 228 36.15 -17.58 18.36
CA LYS C 228 35.37 -18.35 19.33
C LYS C 228 34.20 -19.08 18.65
N ASP C 229 33.59 -18.41 17.67
CA ASP C 229 32.45 -18.96 16.96
C ASP C 229 32.78 -20.06 15.96
N ALA C 230 34.06 -20.22 15.67
CA ALA C 230 34.51 -21.25 14.74
C ALA C 230 35.00 -22.52 15.46
N TYR C 231 34.92 -22.52 16.80
CA TYR C 231 35.38 -23.64 17.62
C TYR C 231 34.82 -25.02 17.26
N ALA C 232 33.50 -25.11 17.09
CA ALA C 232 32.86 -26.39 16.76
C ALA C 232 33.31 -26.95 15.42
N VAL C 233 33.49 -26.06 14.45
CA VAL C 233 33.92 -26.48 13.12
C VAL C 233 35.36 -26.97 13.18
N ARG C 234 36.21 -26.21 13.89
CA ARG C 234 37.62 -26.56 14.04
C ARG C 234 37.81 -27.83 14.87
N LEU C 235 36.85 -28.13 15.74
CA LEU C 235 36.89 -29.34 16.56
C LEU C 235 36.55 -30.51 15.67
N GLY C 236 35.50 -30.35 14.87
CA GLY C 236 35.07 -31.39 13.95
C GLY C 236 36.17 -31.76 12.96
N VAL C 237 36.75 -30.76 12.32
CA VAL C 237 37.82 -30.96 11.33
C VAL C 237 39.05 -31.63 11.94
N GLU C 238 39.33 -31.29 13.19
CA GLU C 238 40.46 -31.83 13.91
C GLU C 238 40.28 -33.30 14.27
N LYS C 239 39.07 -33.66 14.68
CA LYS C 239 38.75 -35.03 15.09
C LYS C 239 38.24 -36.00 14.02
N LEU C 240 37.66 -35.45 12.95
CA LEU C 240 37.13 -36.27 11.86
C LEU C 240 38.12 -36.39 10.71
N SER C 241 39.35 -35.95 10.95
CA SER C 241 40.43 -35.97 9.97
C SER C 241 40.69 -37.34 9.36
N THR C 242 40.50 -38.40 10.14
CA THR C 242 40.73 -39.75 9.66
C THR C 242 39.46 -40.59 9.82
N VAL C 243 38.33 -39.92 9.97
CA VAL C 243 37.05 -40.59 10.16
C VAL C 243 36.09 -40.35 9.02
N SER C 244 35.76 -39.08 8.78
CA SER C 244 34.82 -38.72 7.74
C SER C 244 35.10 -37.36 7.11
N PRO C 245 34.55 -37.11 5.90
CA PRO C 245 34.73 -35.84 5.20
C PRO C 245 33.87 -34.80 5.90
N VAL C 246 34.42 -33.62 6.16
CA VAL C 246 33.67 -32.56 6.83
C VAL C 246 33.17 -31.46 5.88
N PHE C 247 31.86 -31.35 5.75
CA PHE C 247 31.25 -30.34 4.89
C PHE C 247 30.95 -29.08 5.71
N VAL C 248 31.30 -27.91 5.15
CA VAL C 248 31.06 -26.65 5.82
C VAL C 248 30.33 -25.69 4.88
N CYS C 249 29.08 -25.36 5.22
CA CYS C 249 28.28 -24.43 4.41
C CYS C 249 28.37 -23.06 5.04
N GLN C 250 29.23 -22.21 4.45
CA GLN C 250 29.48 -20.86 4.95
C GLN C 250 28.66 -19.75 4.30
N SER C 251 28.12 -18.86 5.13
CA SER C 251 27.33 -17.74 4.66
C SER C 251 27.90 -16.40 5.11
N PHE C 252 27.72 -15.38 4.26
CA PHE C 252 28.17 -14.03 4.56
C PHE C 252 26.98 -13.08 4.49
N ALA C 253 25.78 -13.64 4.42
CA ALA C 253 24.54 -12.87 4.34
C ALA C 253 24.29 -12.05 5.60
N LYS C 254 24.56 -12.66 6.75
CA LYS C 254 24.34 -12.04 8.06
C LYS C 254 25.56 -11.31 8.68
N ASN C 255 26.72 -11.97 8.79
CA ASN C 255 27.91 -11.33 9.38
C ASN C 255 28.56 -10.18 8.60
N ALA C 256 28.44 -10.18 7.28
CA ALA C 256 28.99 -9.10 6.45
C ALA C 256 27.85 -8.27 5.88
N GLY C 257 26.62 -8.66 6.21
CA GLY C 257 25.44 -7.95 5.74
C GLY C 257 25.27 -7.99 4.23
N MET C 258 25.68 -9.11 3.63
CA MET C 258 25.58 -9.28 2.19
C MET C 258 24.22 -9.74 1.69
N TYR C 259 23.38 -10.23 2.59
CA TYR C 259 22.03 -10.73 2.28
C TYR C 259 21.69 -11.04 0.83
N GLY C 260 21.12 -10.05 0.15
CA GLY C 260 20.70 -10.17 -1.24
C GLY C 260 21.74 -10.32 -2.32
N GLU C 261 23.03 -10.21 -2.00
CA GLU C 261 24.09 -10.36 -3.00
C GLU C 261 24.47 -11.84 -3.18
N ARG C 262 24.01 -12.67 -2.23
CA ARG C 262 24.22 -14.11 -2.24
C ARG C 262 25.67 -14.53 -2.23
N VAL C 263 26.40 -14.06 -1.22
CA VAL C 263 27.81 -14.36 -1.08
C VAL C 263 28.05 -15.51 -0.10
N GLY C 264 28.59 -16.61 -0.61
CA GLY C 264 28.87 -17.75 0.24
C GLY C 264 29.93 -18.67 -0.35
N CYS C 265 30.33 -19.65 0.45
CA CYS C 265 31.33 -20.63 0.05
C CYS C 265 30.97 -22.03 0.52
N PHE C 266 31.39 -23.02 -0.24
CA PHE C 266 31.18 -24.42 0.08
C PHE C 266 32.58 -24.99 0.32
N HIS C 267 32.81 -25.49 1.52
CA HIS C 267 34.10 -26.07 1.89
C HIS C 267 33.95 -27.55 2.18
N LEU C 268 34.95 -28.34 1.78
CA LEU C 268 34.93 -29.77 2.02
C LEU C 268 36.31 -30.21 2.48
N ALA C 269 36.43 -30.56 3.76
CA ALA C 269 37.69 -31.01 4.31
C ALA C 269 37.76 -32.54 4.19
N LEU C 270 38.62 -32.99 3.28
CA LEU C 270 38.81 -34.42 3.00
C LEU C 270 39.56 -35.11 4.13
N THR C 271 39.44 -36.44 4.17
CA THR C 271 40.13 -37.25 5.18
C THR C 271 41.57 -37.46 4.72
N LYS C 272 42.47 -37.64 5.68
CA LYS C 272 43.88 -37.87 5.39
C LYS C 272 44.03 -39.15 4.59
N GLN C 273 44.43 -38.99 3.33
CA GLN C 273 44.62 -40.12 2.42
C GLN C 273 45.71 -39.82 1.41
N ALA C 274 46.42 -40.86 1.00
CA ALA C 274 47.49 -40.72 0.02
C ALA C 274 46.86 -40.52 -1.35
N GLN C 275 45.66 -41.07 -1.51
CA GLN C 275 44.89 -41.00 -2.74
C GLN C 275 44.36 -39.58 -3.01
N ASN C 276 44.50 -38.69 -2.04
CA ASN C 276 44.02 -37.31 -2.18
C ASN C 276 44.58 -36.54 -3.39
N LYS C 277 45.74 -36.95 -3.88
CA LYS C 277 46.36 -36.28 -5.04
C LYS C 277 45.43 -36.36 -6.24
N THR C 278 44.62 -37.42 -6.28
CA THR C 278 43.68 -37.64 -7.36
C THR C 278 42.23 -37.41 -6.90
N ILE C 279 41.98 -37.58 -5.60
CA ILE C 279 40.63 -37.39 -5.05
C ILE C 279 40.21 -35.92 -5.06
N LYS C 280 41.12 -35.02 -4.70
CA LYS C 280 40.79 -33.60 -4.68
C LYS C 280 40.40 -33.10 -6.06
N PRO C 281 41.26 -33.32 -7.08
CA PRO C 281 40.88 -32.84 -8.41
C PRO C 281 39.59 -33.49 -8.95
N ALA C 282 39.33 -34.74 -8.55
CA ALA C 282 38.15 -35.47 -8.98
C ALA C 282 36.83 -34.92 -8.38
N VAL C 283 36.80 -34.71 -7.07
CA VAL C 283 35.62 -34.18 -6.40
C VAL C 283 35.35 -32.76 -6.88
N THR C 284 36.42 -31.99 -7.08
CA THR C 284 36.29 -30.62 -7.57
C THR C 284 35.55 -30.64 -8.92
N SER C 285 35.86 -31.64 -9.76
CA SER C 285 35.22 -31.79 -11.07
C SER C 285 33.71 -31.96 -10.93
N GLN C 286 33.33 -32.84 -10.01
CA GLN C 286 31.94 -33.15 -9.74
C GLN C 286 31.17 -31.94 -9.22
N LEU C 287 31.83 -31.14 -8.39
CA LEU C 287 31.20 -29.94 -7.83
C LEU C 287 31.03 -28.86 -8.89
N ALA C 288 32.09 -28.62 -9.66
CA ALA C 288 32.04 -27.61 -10.72
C ALA C 288 30.98 -27.96 -11.75
N LYS C 289 30.80 -29.26 -11.99
CA LYS C 289 29.82 -29.77 -12.95
C LYS C 289 28.40 -29.46 -12.52
N ILE C 290 28.15 -29.60 -11.22
CA ILE C 290 26.84 -29.33 -10.64
C ILE C 290 26.54 -27.83 -10.73
N ILE C 291 27.56 -27.00 -10.54
CA ILE C 291 27.44 -25.54 -10.62
C ILE C 291 27.19 -25.08 -12.05
N ARG C 292 28.02 -25.55 -12.98
CA ARG C 292 27.92 -25.20 -14.39
C ARG C 292 26.57 -25.61 -14.95
N SER C 293 26.09 -26.77 -14.52
CA SER C 293 24.81 -27.32 -14.97
C SER C 293 23.59 -26.62 -14.41
N GLU C 294 23.74 -25.89 -13.30
CA GLU C 294 22.59 -25.22 -12.69
C GLU C 294 22.58 -23.70 -12.70
N VAL C 295 23.71 -23.09 -12.34
CA VAL C 295 23.85 -21.64 -12.26
C VAL C 295 24.91 -21.12 -13.22
N SER C 296 25.73 -22.03 -13.75
CA SER C 296 26.83 -21.72 -14.65
C SER C 296 28.01 -21.16 -13.87
N ASN C 297 27.84 -19.96 -13.33
CA ASN C 297 28.86 -19.29 -12.52
C ASN C 297 28.15 -18.40 -11.49
N PRO C 298 28.80 -18.13 -10.35
CA PRO C 298 28.25 -17.31 -9.26
C PRO C 298 28.36 -15.79 -9.41
N PRO C 299 27.49 -15.05 -8.69
CA PRO C 299 27.40 -13.58 -8.65
C PRO C 299 28.76 -12.93 -8.39
N ALA C 300 29.17 -12.02 -9.26
CA ALA C 300 30.47 -11.36 -9.15
C ALA C 300 30.63 -10.23 -8.13
N TYR C 301 29.77 -9.22 -8.23
CA TYR C 301 29.82 -8.06 -7.33
C TYR C 301 29.99 -8.37 -5.85
N GLY C 302 29.03 -9.11 -5.28
CA GLY C 302 29.07 -9.45 -3.87
C GLY C 302 30.35 -10.12 -3.41
N ALA C 303 30.87 -11.03 -4.22
CA ALA C 303 32.08 -11.76 -3.89
C ALA C 303 33.30 -10.85 -3.84
N LYS C 304 33.32 -9.84 -4.71
CA LYS C 304 34.42 -8.88 -4.77
C LYS C 304 34.47 -8.00 -3.54
N ILE C 305 33.30 -7.67 -2.98
CA ILE C 305 33.22 -6.83 -1.78
C ILE C 305 33.82 -7.55 -0.58
N VAL C 306 33.37 -8.77 -0.34
CA VAL C 306 33.86 -9.56 0.78
C VAL C 306 35.32 -9.92 0.58
N ALA C 307 35.76 -10.04 -0.68
CA ALA C 307 37.14 -10.36 -0.97
C ALA C 307 38.05 -9.22 -0.51
N LYS C 308 37.69 -7.99 -0.84
CA LYS C 308 38.46 -6.80 -0.45
C LYS C 308 38.43 -6.61 1.06
N LEU C 309 37.32 -7.03 1.66
CA LEU C 309 37.09 -6.93 3.09
C LEU C 309 38.07 -7.82 3.86
N LEU C 310 38.26 -9.05 3.37
CA LEU C 310 39.14 -10.02 4.01
C LEU C 310 40.61 -9.89 3.67
N GLU C 311 40.93 -9.18 2.59
CA GLU C 311 42.32 -9.01 2.15
C GLU C 311 42.98 -7.75 2.70
N THR C 312 42.22 -6.66 2.75
CA THR C 312 42.73 -5.39 3.24
C THR C 312 42.59 -5.36 4.76
N PRO C 313 43.72 -5.37 5.48
CA PRO C 313 43.77 -5.35 6.96
C PRO C 313 42.99 -4.21 7.61
N GLU C 314 43.05 -3.01 7.04
CA GLU C 314 42.34 -1.86 7.58
C GLU C 314 40.84 -2.17 7.50
N LEU C 315 40.44 -2.86 6.44
CA LEU C 315 39.06 -3.24 6.23
C LEU C 315 38.62 -4.46 7.04
N THR C 316 39.52 -5.42 7.25
CA THR C 316 39.19 -6.62 8.03
C THR C 316 39.01 -6.27 9.50
N GLU C 317 39.79 -5.30 9.97
CA GLU C 317 39.72 -4.87 11.35
C GLU C 317 38.44 -4.10 11.62
N GLN C 318 38.07 -3.23 10.68
CA GLN C 318 36.84 -2.45 10.81
C GLN C 318 35.65 -3.40 10.82
N TRP C 319 35.74 -4.48 10.05
CA TRP C 319 34.67 -5.47 9.97
C TRP C 319 34.50 -6.16 11.32
N HIS C 320 35.61 -6.44 12.00
CA HIS C 320 35.54 -7.10 13.30
C HIS C 320 34.77 -6.21 14.27
N LYS C 321 35.10 -4.93 14.27
CA LYS C 321 34.45 -3.95 15.14
C LYS C 321 32.99 -3.78 14.74
N ASP C 322 32.69 -4.01 13.47
CA ASP C 322 31.32 -3.90 12.95
C ASP C 322 30.40 -4.97 13.52
N MET C 323 30.92 -6.19 13.63
CA MET C 323 30.14 -7.30 14.17
C MET C 323 29.88 -7.15 15.66
N VAL C 324 30.78 -6.47 16.35
CA VAL C 324 30.63 -6.21 17.77
C VAL C 324 29.56 -5.13 17.92
N THR C 325 29.49 -4.23 16.94
CA THR C 325 28.47 -3.17 16.95
C THR C 325 27.10 -3.83 16.85
N MET C 326 26.97 -4.78 15.92
CA MET C 326 25.72 -5.50 15.71
C MET C 326 25.35 -6.41 16.86
N SER C 327 26.29 -7.22 17.32
CA SER C 327 25.99 -8.15 18.41
C SER C 327 25.69 -7.44 19.75
N SER C 328 26.38 -6.34 20.01
CA SER C 328 26.17 -5.56 21.24
C SER C 328 24.78 -4.96 21.34
N ARG C 329 24.29 -4.44 20.22
CA ARG C 329 22.96 -3.83 20.18
C ARG C 329 21.88 -4.88 20.37
N ILE C 330 22.12 -6.07 19.83
CA ILE C 330 21.18 -7.20 19.95
C ILE C 330 21.14 -7.69 21.39
N THR C 331 22.29 -7.66 22.05
CA THR C 331 22.41 -8.06 23.44
C THR C 331 21.73 -7.02 24.32
N LYS C 332 21.80 -5.77 23.88
CA LYS C 332 21.18 -4.66 24.58
C LYS C 332 19.66 -4.80 24.55
N MET C 333 19.13 -5.29 23.42
CA MET C 333 17.70 -5.47 23.27
C MET C 333 17.17 -6.71 24.01
N ARG C 334 18.03 -7.70 24.20
CA ARG C 334 17.63 -8.90 24.95
C ARG C 334 17.37 -8.48 26.39
N HIS C 335 18.20 -7.54 26.86
CA HIS C 335 18.06 -7.03 28.22
C HIS C 335 16.88 -6.08 28.36
N ALA C 336 16.72 -5.18 27.39
CA ALA C 336 15.62 -4.22 27.41
C ALA C 336 14.26 -4.89 27.39
N LEU C 337 14.13 -5.97 26.62
CA LEU C 337 12.86 -6.70 26.51
C LEU C 337 12.54 -7.52 27.75
N ARG C 338 13.55 -8.21 28.29
CA ARG C 338 13.37 -9.02 29.49
C ARG C 338 13.03 -8.10 30.65
N ASP C 339 13.73 -6.96 30.72
CA ASP C 339 13.55 -5.98 31.79
C ASP C 339 12.18 -5.31 31.80
N HIS C 340 11.63 -5.08 30.61
CA HIS C 340 10.31 -4.47 30.50
C HIS C 340 9.23 -5.47 30.90
N LEU C 341 9.48 -6.75 30.61
CA LEU C 341 8.56 -7.82 30.94
C LEU C 341 8.50 -7.97 32.46
N VAL C 342 9.65 -7.76 33.10
CA VAL C 342 9.79 -7.84 34.55
C VAL C 342 9.10 -6.66 35.26
N LYS C 343 9.25 -5.45 34.72
CA LYS C 343 8.63 -4.28 35.33
C LYS C 343 7.10 -4.37 35.20
N LEU C 344 6.65 -4.95 34.09
CA LEU C 344 5.21 -5.13 33.82
C LEU C 344 4.61 -6.27 34.63
N GLY C 345 5.48 -7.09 35.22
CA GLY C 345 5.03 -8.22 36.03
C GLY C 345 4.38 -9.33 35.23
N THR C 346 4.81 -9.50 33.98
CA THR C 346 4.28 -10.53 33.10
C THR C 346 4.52 -11.91 33.72
N PRO C 347 3.50 -12.79 33.71
CA PRO C 347 3.61 -14.13 34.27
C PRO C 347 4.72 -15.01 33.68
N GLY C 348 5.24 -15.92 34.50
CA GLY C 348 6.30 -16.83 34.08
C GLY C 348 7.67 -16.21 34.20
N ASN C 349 8.68 -16.91 33.67
CA ASN C 349 10.06 -16.42 33.70
C ASN C 349 10.45 -16.01 32.28
N TRP C 350 11.30 -14.98 32.16
CA TRP C 350 11.72 -14.48 30.86
C TRP C 350 13.22 -14.32 30.70
N ASP C 351 13.98 -14.99 31.55
CA ASP C 351 15.43 -14.90 31.49
C ASP C 351 16.05 -15.57 30.27
N HIS C 352 15.31 -16.47 29.64
CA HIS C 352 15.83 -17.16 28.45
C HIS C 352 16.12 -16.23 27.27
N ILE C 353 15.44 -15.07 27.21
CA ILE C 353 15.66 -14.11 26.13
C ILE C 353 17.12 -13.62 26.21
N VAL C 354 17.62 -13.36 27.41
CA VAL C 354 19.01 -12.90 27.56
C VAL C 354 20.05 -14.01 27.46
N ASN C 355 19.70 -15.20 27.94
CA ASN C 355 20.61 -16.35 27.93
C ASN C 355 20.92 -16.89 26.54
N GLN C 356 19.95 -16.81 25.63
CA GLN C 356 20.13 -17.28 24.26
C GLN C 356 21.05 -16.33 23.50
N CYS C 357 21.74 -16.85 22.49
CA CYS C 357 22.66 -16.06 21.68
C CYS C 357 22.25 -16.02 20.21
N GLY C 358 22.93 -15.16 19.45
CA GLY C 358 22.64 -15.04 18.04
C GLY C 358 21.77 -13.84 17.73
N MET C 359 20.90 -14.01 16.75
CA MET C 359 20.00 -12.95 16.32
C MET C 359 18.56 -13.24 16.76
N PHE C 360 18.35 -14.46 17.24
CA PHE C 360 17.01 -14.88 17.64
C PHE C 360 16.81 -15.23 19.11
N SER C 361 15.53 -15.39 19.43
CA SER C 361 15.10 -15.79 20.76
C SER C 361 13.89 -16.67 20.57
N PHE C 362 13.97 -17.88 21.10
CA PHE C 362 12.85 -18.81 21.03
C PHE C 362 12.08 -18.38 22.28
N THR C 363 11.18 -17.40 22.10
CA THR C 363 10.40 -16.85 23.20
C THR C 363 9.56 -17.84 23.99
N GLY C 364 9.00 -18.82 23.30
CA GLY C 364 8.18 -19.81 24.00
C GLY C 364 6.69 -19.59 23.83
N LEU C 365 6.31 -18.50 23.16
CA LEU C 365 4.90 -18.19 22.92
C LEU C 365 4.30 -19.27 22.03
N THR C 366 3.11 -19.73 22.38
CA THR C 366 2.41 -20.76 21.61
C THR C 366 1.90 -20.12 20.33
N PRO C 367 1.54 -20.93 19.31
CA PRO C 367 1.04 -20.37 18.05
C PRO C 367 -0.16 -19.43 18.22
N GLN C 368 -1.00 -19.75 19.20
CA GLN C 368 -2.19 -18.98 19.52
C GLN C 368 -1.81 -17.53 19.86
N MET C 369 -0.74 -17.40 20.62
CA MET C 369 -0.22 -16.11 21.06
C MET C 369 0.42 -15.35 19.92
N VAL C 370 1.25 -16.04 19.16
CA VAL C 370 1.94 -15.45 18.03
C VAL C 370 0.94 -14.88 17.03
N LYS C 371 -0.18 -15.58 16.86
CA LYS C 371 -1.24 -15.16 15.95
C LYS C 371 -1.94 -13.90 16.44
N ARG C 372 -2.26 -13.85 17.74
CA ARG C 372 -2.93 -12.69 18.32
C ARG C 372 -2.04 -11.45 18.22
N LEU C 373 -0.74 -11.65 18.43
CA LEU C 373 0.24 -10.58 18.35
C LEU C 373 0.21 -9.87 17.02
N GLU C 374 0.13 -10.63 15.94
CA GLU C 374 0.10 -10.05 14.60
C GLU C 374 -1.23 -9.35 14.33
N GLU C 375 -2.32 -10.11 14.39
CA GLU C 375 -3.65 -9.58 14.12
C GLU C 375 -4.10 -8.41 14.99
N THR C 376 -3.80 -8.49 16.28
CA THR C 376 -4.20 -7.46 17.24
C THR C 376 -3.14 -6.41 17.53
N HIS C 377 -1.89 -6.84 17.68
CA HIS C 377 -0.83 -5.92 18.03
C HIS C 377 0.11 -5.51 16.91
N ALA C 378 -0.12 -6.04 15.70
CA ALA C 378 0.72 -5.74 14.55
C ALA C 378 2.20 -6.07 14.78
N VAL C 379 2.46 -7.06 15.63
CA VAL C 379 3.82 -7.50 15.95
C VAL C 379 4.05 -8.87 15.30
N TYR C 380 4.96 -8.91 14.33
CA TYR C 380 5.27 -10.12 13.56
C TYR C 380 6.35 -11.07 14.09
N LEU C 381 5.96 -12.31 14.30
CA LEU C 381 6.87 -13.36 14.78
C LEU C 381 6.61 -14.64 13.99
N VAL C 382 7.59 -15.53 13.98
CA VAL C 382 7.42 -16.81 13.31
C VAL C 382 6.48 -17.59 14.23
N ALA C 383 5.60 -18.38 13.64
CA ALA C 383 4.63 -19.16 14.41
C ALA C 383 5.23 -20.10 15.46
N SER C 384 6.54 -20.30 15.38
CA SER C 384 7.26 -21.16 16.31
C SER C 384 7.61 -20.41 17.60
N GLY C 385 7.42 -19.10 17.60
CA GLY C 385 7.74 -18.30 18.75
C GLY C 385 9.10 -17.67 18.61
N ARG C 386 9.74 -17.91 17.47
CA ARG C 386 11.06 -17.34 17.21
C ARG C 386 10.90 -15.85 16.90
N ALA C 387 11.76 -15.03 17.49
CA ALA C 387 11.70 -13.59 17.29
C ALA C 387 13.07 -13.00 16.99
N SER C 388 13.14 -12.12 15.99
CA SER C 388 14.39 -11.45 15.61
C SER C 388 14.61 -10.30 16.57
N ILE C 389 15.57 -10.43 17.47
CA ILE C 389 15.86 -9.40 18.46
C ILE C 389 16.34 -8.10 17.78
N ALA C 390 16.92 -8.24 16.60
CA ALA C 390 17.42 -7.09 15.85
C ALA C 390 16.26 -6.19 15.42
N GLY C 391 15.05 -6.73 15.44
CA GLY C 391 13.87 -5.98 15.08
C GLY C 391 13.45 -5.02 16.18
N LEU C 392 14.07 -5.17 17.35
CA LEU C 392 13.79 -4.33 18.50
C LEU C 392 14.69 -3.10 18.57
N ASN C 393 14.16 -2.01 19.11
CA ASN C 393 14.91 -0.77 19.27
C ASN C 393 14.29 0.07 20.38
N GLN C 394 15.03 1.09 20.81
CA GLN C 394 14.58 1.97 21.88
C GLN C 394 13.21 2.60 21.63
N GLY C 395 12.77 2.58 20.37
CA GLY C 395 11.48 3.15 20.03
C GLY C 395 10.31 2.18 19.93
N ASN C 396 10.56 0.88 20.11
CA ASN C 396 9.47 -0.08 20.03
C ASN C 396 9.52 -1.16 21.10
N VAL C 397 10.62 -1.26 21.84
CA VAL C 397 10.78 -2.27 22.88
C VAL C 397 9.60 -2.33 23.87
N GLU C 398 9.19 -1.15 24.37
CA GLU C 398 8.09 -1.05 25.32
C GLU C 398 6.80 -1.59 24.72
N TYR C 399 6.47 -1.10 23.51
CA TYR C 399 5.27 -1.51 22.80
C TYR C 399 5.20 -3.02 22.63
N VAL C 400 6.34 -3.63 22.29
CA VAL C 400 6.42 -5.07 22.11
C VAL C 400 6.24 -5.79 23.45
N ALA C 401 6.86 -5.25 24.49
CA ALA C 401 6.79 -5.83 25.82
C ALA C 401 5.36 -5.83 26.34
N LYS C 402 4.63 -4.75 26.06
CA LYS C 402 3.24 -4.64 26.48
C LYS C 402 2.31 -5.55 25.70
N ALA C 403 2.62 -5.77 24.42
CA ALA C 403 1.81 -6.64 23.58
C ALA C 403 1.97 -8.10 24.02
N ILE C 404 3.22 -8.49 24.30
CA ILE C 404 3.52 -9.84 24.76
C ILE C 404 2.77 -10.04 26.07
N ASP C 405 2.81 -9.02 26.92
CA ASP C 405 2.14 -9.02 28.21
C ASP C 405 0.63 -9.25 28.05
N GLU C 406 0.01 -8.52 27.11
CA GLU C 406 -1.42 -8.63 26.87
C GLU C 406 -1.76 -10.06 26.45
N VAL C 407 -1.02 -10.55 25.46
CA VAL C 407 -1.19 -11.88 24.91
C VAL C 407 -1.02 -13.02 25.92
N VAL C 408 0.00 -12.92 26.77
CA VAL C 408 0.26 -13.95 27.79
C VAL C 408 -0.91 -14.06 28.76
N ARG C 409 -1.47 -12.91 29.14
CA ARG C 409 -2.59 -12.87 30.08
C ARG C 409 -3.91 -13.26 29.44
N PHE C 410 -4.05 -12.92 28.17
CA PHE C 410 -5.26 -13.22 27.41
C PHE C 410 -5.51 -14.73 27.29
N TYR C 411 -4.45 -15.52 27.21
CA TYR C 411 -4.58 -16.96 27.07
C TYR C 411 -4.24 -17.79 28.31
N ALA C 412 -4.52 -17.24 29.49
CA ALA C 412 -4.25 -17.95 30.75
C ALA C 412 -5.49 -18.68 31.29
N SER D 1 33.59 -44.67 5.88
CA SER D 1 33.43 -43.24 5.48
C SER D 1 34.76 -42.59 5.11
N ALA D 2 35.85 -43.16 5.61
CA ALA D 2 37.19 -42.63 5.34
C ALA D 2 37.61 -42.74 3.88
N THR D 3 37.01 -43.66 3.14
CA THR D 3 37.30 -43.86 1.72
C THR D 3 36.05 -43.66 0.88
N LEU D 4 35.25 -42.67 1.27
CA LEU D 4 33.98 -42.36 0.60
C LEU D 4 34.11 -41.81 -0.83
N PHE D 5 35.21 -41.13 -1.11
CA PHE D 5 35.46 -40.51 -2.40
C PHE D 5 36.55 -41.18 -3.26
N ASN D 6 37.02 -42.34 -2.84
CA ASN D 6 38.09 -43.05 -3.54
C ASN D 6 37.73 -43.60 -4.92
N ASN D 7 36.44 -43.69 -5.22
CA ASN D 7 35.99 -44.21 -6.51
C ASN D 7 35.33 -43.18 -7.42
N ILE D 8 35.14 -41.97 -6.91
CA ILE D 8 34.53 -40.90 -7.71
C ILE D 8 35.50 -40.54 -8.83
N GLU D 9 34.99 -40.42 -10.05
CA GLU D 9 35.83 -40.11 -11.20
C GLU D 9 35.98 -38.64 -11.55
N LEU D 10 37.09 -38.32 -12.20
CA LEU D 10 37.40 -36.95 -12.60
C LEU D 10 36.77 -36.64 -13.96
N LEU D 11 36.06 -35.52 -14.01
CA LEU D 11 35.40 -35.10 -15.23
C LEU D 11 36.28 -34.12 -16.02
N PRO D 12 36.17 -34.13 -17.36
CA PRO D 12 36.96 -33.23 -18.20
C PRO D 12 36.56 -31.79 -17.88
N PRO D 13 37.43 -30.81 -18.15
CA PRO D 13 37.09 -29.42 -17.87
C PRO D 13 35.94 -28.99 -18.75
N ASP D 14 35.28 -27.87 -18.41
CA ASP D 14 34.19 -27.38 -19.23
C ASP D 14 34.79 -27.06 -20.60
N ALA D 15 34.02 -27.33 -21.65
CA ALA D 15 34.45 -27.11 -23.03
C ALA D 15 34.76 -25.66 -23.37
N LEU D 16 33.98 -24.75 -22.80
CA LEU D 16 34.14 -23.33 -23.06
C LEU D 16 34.99 -22.62 -22.02
N PHE D 17 34.66 -22.80 -20.75
CA PHE D 17 35.41 -22.18 -19.67
C PHE D 17 36.80 -22.75 -19.54
N GLY D 18 37.00 -23.93 -20.10
CA GLY D 18 38.32 -24.55 -20.09
C GLY D 18 39.27 -23.73 -20.95
N ILE D 19 38.75 -23.21 -22.07
CA ILE D 19 39.54 -22.38 -22.98
C ILE D 19 39.93 -21.07 -22.30
N LYS D 20 39.05 -20.59 -21.42
CA LYS D 20 39.28 -19.34 -20.69
C LYS D 20 40.47 -19.41 -19.73
N GLN D 21 40.60 -20.52 -19.01
CA GLN D 21 41.69 -20.69 -18.06
C GLN D 21 43.00 -21.06 -18.76
N ARG D 22 42.88 -21.87 -19.83
CA ARG D 22 44.02 -22.31 -20.62
C ARG D 22 44.62 -21.10 -21.34
N TYR D 23 43.75 -20.24 -21.88
CA TYR D 23 44.17 -19.03 -22.57
C TYR D 23 44.94 -18.15 -21.59
N GLY D 24 44.41 -18.02 -20.39
CA GLY D 24 45.02 -17.19 -19.36
C GLY D 24 46.35 -17.71 -18.81
N GLN D 25 46.58 -19.03 -18.91
CA GLN D 25 47.81 -19.62 -18.42
C GLN D 25 48.93 -19.40 -19.44
N ASP D 26 48.55 -19.40 -20.72
CA ASP D 26 49.47 -19.19 -21.84
C ASP D 26 50.27 -17.89 -21.68
N GLN D 27 51.59 -18.00 -21.66
CA GLN D 27 52.45 -16.82 -21.46
C GLN D 27 52.95 -16.13 -22.73
N ARG D 28 52.57 -16.66 -23.90
CA ARG D 28 52.98 -16.09 -25.19
C ARG D 28 52.37 -14.71 -25.44
N ALA D 29 53.18 -13.79 -25.96
CA ALA D 29 52.73 -12.42 -26.24
C ALA D 29 51.77 -12.31 -27.43
N THR D 30 51.67 -13.37 -28.21
CA THR D 30 50.83 -13.41 -29.41
C THR D 30 49.46 -14.08 -29.29
N LYS D 31 49.12 -14.57 -28.11
CA LYS D 31 47.84 -15.24 -27.91
C LYS D 31 46.59 -14.42 -28.25
N VAL D 32 45.62 -15.08 -28.88
CA VAL D 32 44.35 -14.46 -29.27
C VAL D 32 43.19 -15.30 -28.73
N ASP D 33 42.25 -14.62 -28.08
CA ASP D 33 41.09 -15.29 -27.49
C ASP D 33 39.83 -15.09 -28.30
N LEU D 34 39.31 -16.20 -28.83
CA LEU D 34 38.08 -16.19 -29.61
C LEU D 34 37.20 -17.35 -29.12
N GLY D 35 37.27 -17.64 -27.81
CA GLY D 35 36.49 -18.72 -27.23
C GLY D 35 35.14 -18.29 -26.66
N ILE D 36 35.13 -17.87 -25.39
CA ILE D 36 33.91 -17.41 -24.70
C ILE D 36 33.33 -16.20 -25.43
N GLY D 37 32.02 -16.19 -25.56
CA GLY D 37 31.34 -15.09 -26.23
C GLY D 37 31.13 -13.84 -25.39
N ALA D 38 32.19 -13.33 -24.78
CA ALA D 38 32.10 -12.11 -23.99
C ALA D 38 32.53 -10.97 -24.91
N TYR D 39 31.71 -9.92 -24.97
CA TYR D 39 32.02 -8.78 -25.82
C TYR D 39 33.31 -8.07 -25.42
N ARG D 40 34.03 -7.57 -26.43
CA ARG D 40 35.29 -6.87 -26.23
C ARG D 40 35.35 -5.66 -27.17
N ASP D 41 35.92 -4.54 -26.68
CA ASP D 41 36.04 -3.34 -27.51
C ASP D 41 37.19 -3.44 -28.52
N ASP D 42 37.48 -2.34 -29.21
CA ASP D 42 38.56 -2.32 -30.21
C ASP D 42 39.95 -2.64 -29.70
N ASN D 43 40.11 -2.70 -28.39
CA ASN D 43 41.40 -2.99 -27.78
C ASN D 43 41.36 -4.31 -27.04
N GLY D 44 40.36 -5.12 -27.37
CA GLY D 44 40.23 -6.42 -26.73
C GLY D 44 40.00 -6.38 -25.24
N LYS D 45 39.44 -5.29 -24.74
CA LYS D 45 39.18 -5.17 -23.31
C LYS D 45 37.69 -5.26 -22.99
N PRO D 46 37.34 -5.61 -21.74
CA PRO D 46 35.94 -5.72 -21.33
C PRO D 46 35.31 -4.34 -21.49
N TRP D 47 34.04 -4.29 -21.86
CA TRP D 47 33.37 -3.01 -22.07
C TRP D 47 32.07 -2.84 -21.29
N VAL D 48 32.11 -2.05 -20.23
CA VAL D 48 30.90 -1.78 -19.43
C VAL D 48 30.11 -0.79 -20.27
N LEU D 49 28.87 -1.14 -20.60
CA LEU D 49 28.04 -0.27 -21.42
C LEU D 49 27.85 1.09 -20.75
N PRO D 50 27.99 2.19 -21.52
CA PRO D 50 27.82 3.54 -20.99
C PRO D 50 26.47 3.65 -20.28
N SER D 51 25.48 2.95 -20.83
CA SER D 51 24.12 2.92 -20.29
C SER D 51 24.13 2.36 -18.89
N VAL D 52 24.89 1.28 -18.71
CA VAL D 52 25.00 0.60 -17.44
C VAL D 52 25.77 1.36 -16.36
N LYS D 53 26.90 1.97 -16.70
CA LYS D 53 27.66 2.72 -15.71
C LYS D 53 26.85 3.93 -15.25
N ALA D 54 25.82 4.27 -16.03
CA ALA D 54 24.92 5.37 -15.70
C ALA D 54 23.89 4.86 -14.72
N ALA D 55 23.37 3.66 -14.97
CA ALA D 55 22.38 3.03 -14.08
C ALA D 55 22.98 2.72 -12.72
N GLU D 56 24.25 2.34 -12.70
CA GLU D 56 24.95 2.02 -11.46
C GLU D 56 25.14 3.27 -10.61
N LYS D 57 25.51 4.36 -11.28
CA LYS D 57 25.73 5.65 -10.65
C LYS D 57 24.48 6.00 -9.83
N LEU D 58 23.34 5.92 -10.49
CA LEU D 58 22.04 6.21 -9.89
C LEU D 58 21.75 5.31 -8.69
N ILE D 59 22.02 4.01 -8.85
CA ILE D 59 21.81 3.02 -7.79
C ILE D 59 22.52 3.40 -6.48
N HIS D 60 23.74 3.92 -6.60
CA HIS D 60 24.54 4.33 -5.44
C HIS D 60 24.25 5.73 -4.94
N ASN D 61 23.61 6.54 -5.77
CA ASN D 61 23.27 7.91 -5.40
C ASN D 61 22.05 7.86 -4.48
N ASP D 62 21.37 6.71 -4.49
CA ASP D 62 20.19 6.46 -3.68
C ASP D 62 20.62 6.34 -2.22
N SER D 63 20.03 7.17 -1.36
CA SER D 63 20.36 7.16 0.08
C SER D 63 19.87 5.87 0.77
N SER D 64 18.88 5.24 0.15
CA SER D 64 18.31 3.99 0.66
C SER D 64 18.93 2.77 -0.01
N TYR D 65 20.12 2.95 -0.58
CA TYR D 65 20.81 1.85 -1.24
C TYR D 65 21.17 0.82 -0.18
N ASN D 66 20.83 -0.44 -0.45
CA ASN D 66 21.13 -1.52 0.49
C ASN D 66 21.41 -2.86 -0.16
N HIS D 67 21.76 -3.83 0.67
CA HIS D 67 22.07 -5.18 0.25
C HIS D 67 21.08 -6.17 0.85
N GLU D 68 19.89 -5.68 1.21
CA GLU D 68 18.88 -6.55 1.81
C GLU D 68 18.37 -7.61 0.85
N TYR D 69 17.72 -8.63 1.39
CA TYR D 69 17.15 -9.71 0.59
C TYR D 69 16.02 -9.23 -0.27
N LEU D 70 15.89 -9.82 -1.45
CA LEU D 70 14.80 -9.51 -2.36
C LEU D 70 13.80 -10.63 -2.06
N GLY D 71 12.66 -10.60 -2.73
CA GLY D 71 11.69 -11.66 -2.53
C GLY D 71 12.22 -12.92 -3.20
N ILE D 72 11.60 -14.06 -2.92
CA ILE D 72 12.05 -15.32 -3.50
C ILE D 72 11.96 -15.30 -5.02
N THR D 73 10.87 -14.74 -5.55
CA THR D 73 10.67 -14.66 -6.99
C THR D 73 11.36 -13.45 -7.63
N GLY D 74 12.12 -12.71 -6.84
CA GLY D 74 12.84 -11.57 -7.37
C GLY D 74 12.29 -10.17 -7.28
N LEU D 75 13.00 -9.27 -7.95
CA LEU D 75 12.69 -7.85 -8.00
C LEU D 75 11.58 -7.58 -9.02
N PRO D 76 10.43 -7.06 -8.58
CA PRO D 76 9.29 -6.75 -9.43
C PRO D 76 9.63 -5.86 -10.63
N SER D 77 10.43 -4.82 -10.38
CA SER D 77 10.83 -3.89 -11.45
C SER D 77 11.52 -4.60 -12.59
N LEU D 78 12.42 -5.52 -12.24
CA LEU D 78 13.16 -6.28 -13.24
C LEU D 78 12.24 -7.23 -14.01
N THR D 79 11.48 -8.03 -13.28
CA THR D 79 10.61 -9.03 -13.91
C THR D 79 9.51 -8.49 -14.83
N SER D 80 8.88 -7.39 -14.45
CA SER D 80 7.81 -6.80 -15.26
C SER D 80 8.31 -6.06 -16.50
N ASN D 81 9.47 -5.43 -16.40
CA ASN D 81 10.02 -4.70 -17.53
C ASN D 81 10.74 -5.62 -18.52
N ALA D 82 11.24 -6.72 -18.00
CA ALA D 82 11.94 -7.71 -18.82
C ALA D 82 10.92 -8.44 -19.66
N ALA D 83 9.72 -8.64 -19.10
CA ALA D 83 8.64 -9.33 -19.79
C ALA D 83 8.11 -8.49 -20.95
N LYS D 84 8.11 -7.17 -20.78
CA LYS D 84 7.63 -6.26 -21.82
C LYS D 84 8.63 -6.16 -22.98
N ILE D 85 9.90 -6.40 -22.66
CA ILE D 85 10.98 -6.36 -23.65
C ILE D 85 10.90 -7.59 -24.55
N ILE D 86 10.54 -8.73 -23.97
CA ILE D 86 10.45 -9.95 -24.74
C ILE D 86 9.08 -10.20 -25.37
N PHE D 87 8.02 -9.90 -24.63
CA PHE D 87 6.66 -10.12 -25.12
C PHE D 87 6.12 -8.92 -25.88
N GLY D 88 6.64 -7.74 -25.54
CA GLY D 88 6.19 -6.53 -26.19
C GLY D 88 5.15 -5.84 -25.33
N THR D 89 5.14 -4.51 -25.39
CA THR D 89 4.20 -3.69 -24.62
C THR D 89 2.77 -4.00 -24.99
N GLN D 90 1.96 -4.31 -23.96
CA GLN D 90 0.55 -4.64 -24.15
C GLN D 90 0.37 -5.83 -25.11
N SER D 91 0.97 -6.96 -24.76
CA SER D 91 0.88 -8.18 -25.55
C SER D 91 -0.41 -8.88 -25.12
N ASP D 92 -0.89 -9.82 -25.92
CA ASP D 92 -2.12 -10.54 -25.58
C ASP D 92 -1.95 -11.33 -24.29
N ALA D 93 -0.79 -11.98 -24.19
CA ALA D 93 -0.46 -12.80 -23.03
C ALA D 93 -0.31 -11.98 -21.76
N LEU D 94 0.24 -10.78 -21.89
CA LEU D 94 0.44 -9.88 -20.76
C LEU D 94 -0.86 -9.18 -20.37
N GLN D 95 -1.64 -8.79 -21.37
CA GLN D 95 -2.91 -8.09 -21.19
C GLN D 95 -3.95 -9.01 -20.56
N GLU D 96 -3.91 -10.30 -20.92
CA GLU D 96 -4.83 -11.28 -20.38
C GLU D 96 -4.27 -11.90 -19.10
N ASP D 97 -3.13 -11.39 -18.64
CA ASP D 97 -2.48 -11.86 -17.42
C ASP D 97 -2.09 -13.34 -17.42
N ARG D 98 -1.66 -13.86 -18.58
CA ARG D 98 -1.27 -15.26 -18.70
C ARG D 98 0.23 -15.56 -18.53
N VAL D 99 1.03 -14.53 -18.25
CA VAL D 99 2.47 -14.72 -18.09
C VAL D 99 2.96 -14.76 -16.65
N ILE D 100 3.82 -15.74 -16.37
CA ILE D 100 4.42 -15.89 -15.05
C ILE D 100 5.87 -15.42 -15.19
N SER D 101 6.26 -14.43 -14.41
CA SER D 101 7.63 -13.91 -14.47
C SER D 101 8.34 -13.95 -13.14
N VAL D 102 9.49 -14.62 -13.11
CA VAL D 102 10.31 -14.74 -11.91
C VAL D 102 11.76 -14.52 -12.29
N GLN D 103 12.53 -13.93 -11.40
CA GLN D 103 13.95 -13.69 -11.64
C GLN D 103 14.73 -14.99 -11.50
N SER D 104 15.76 -15.13 -12.33
CA SER D 104 16.60 -16.33 -12.32
C SER D 104 18.08 -15.98 -12.33
N LEU D 105 18.91 -16.99 -12.09
CA LEU D 105 20.35 -16.82 -12.11
C LEU D 105 20.75 -16.79 -13.58
N SER D 106 20.43 -15.66 -14.20
CA SER D 106 20.70 -15.40 -15.62
C SER D 106 20.03 -16.48 -16.50
N GLY D 107 20.46 -16.57 -17.75
CA GLY D 107 19.90 -17.55 -18.67
C GLY D 107 20.03 -19.00 -18.22
N THR D 108 21.18 -19.39 -17.68
CA THR D 108 21.35 -20.78 -17.23
C THR D 108 20.42 -21.14 -16.09
N GLY D 109 20.11 -20.17 -15.23
CA GLY D 109 19.23 -20.40 -14.11
C GLY D 109 17.83 -20.68 -14.62
N ALA D 110 17.40 -19.90 -15.59
CA ALA D 110 16.09 -20.05 -16.20
C ALA D 110 15.95 -21.42 -16.86
N LEU D 111 17.03 -21.91 -17.48
CA LEU D 111 17.03 -23.22 -18.13
C LEU D 111 16.93 -24.33 -17.09
N HIS D 112 17.58 -24.12 -15.94
CA HIS D 112 17.58 -25.08 -14.85
C HIS D 112 16.24 -25.14 -14.10
N ILE D 113 15.61 -23.98 -13.89
CA ILE D 113 14.32 -23.92 -13.22
C ILE D 113 13.35 -24.72 -14.08
N SER D 114 13.45 -24.50 -15.39
CA SER D 114 12.61 -25.17 -16.38
C SER D 114 12.79 -26.70 -16.36
N ALA D 115 14.03 -27.16 -16.39
CA ALA D 115 14.36 -28.58 -16.36
C ALA D 115 13.92 -29.26 -15.07
N LYS D 116 14.09 -28.56 -13.95
CA LYS D 116 13.70 -29.08 -12.65
C LYS D 116 12.19 -29.24 -12.60
N PHE D 117 11.48 -28.27 -13.18
CA PHE D 117 10.02 -28.27 -13.25
C PHE D 117 9.51 -29.44 -14.13
N PHE D 118 10.21 -29.70 -15.22
CA PHE D 118 9.88 -30.79 -16.13
C PHE D 118 10.26 -32.11 -15.50
N SER D 119 11.31 -32.07 -14.68
CA SER D 119 11.85 -33.21 -13.96
C SER D 119 10.90 -33.69 -12.86
N LYS D 120 10.19 -32.73 -12.27
CA LYS D 120 9.28 -32.99 -11.18
C LYS D 120 7.84 -33.34 -11.58
N PHE D 121 7.37 -32.82 -12.70
CA PHE D 121 6.00 -33.11 -13.09
C PHE D 121 5.81 -33.93 -14.35
N PHE D 122 6.76 -33.88 -15.26
CA PHE D 122 6.68 -34.63 -16.52
C PHE D 122 8.04 -35.21 -16.89
N PRO D 123 8.60 -36.10 -16.05
CA PRO D 123 9.90 -36.77 -16.23
C PRO D 123 10.09 -37.58 -17.52
N ASP D 124 8.99 -37.93 -18.19
CA ASP D 124 9.10 -38.71 -19.41
C ASP D 124 9.09 -37.94 -20.74
N LYS D 125 9.14 -36.61 -20.66
CA LYS D 125 9.17 -35.79 -21.86
C LYS D 125 10.59 -35.67 -22.36
N LEU D 126 10.73 -35.64 -23.68
CA LEU D 126 12.02 -35.52 -24.35
C LEU D 126 12.33 -34.07 -24.64
N VAL D 127 13.58 -33.67 -24.39
CA VAL D 127 14.00 -32.30 -24.66
C VAL D 127 14.83 -32.29 -25.94
N TYR D 128 14.26 -31.78 -27.02
CA TYR D 128 14.95 -31.71 -28.30
C TYR D 128 15.90 -30.55 -28.38
N LEU D 129 17.16 -30.86 -28.69
CA LEU D 129 18.19 -29.84 -28.80
C LEU D 129 18.62 -29.73 -30.26
N SER D 130 19.04 -28.53 -30.63
CA SER D 130 19.50 -28.26 -31.98
C SER D 130 20.80 -29.01 -32.25
N LYS D 131 21.05 -29.28 -33.53
CA LYS D 131 22.26 -29.99 -33.93
C LYS D 131 23.05 -29.12 -34.90
N PRO D 132 24.08 -28.41 -34.38
CA PRO D 132 24.51 -28.41 -32.99
C PRO D 132 23.83 -27.30 -32.19
N THR D 133 24.19 -27.22 -30.90
CA THR D 133 23.63 -26.21 -30.00
C THR D 133 24.67 -25.81 -28.97
N TRP D 134 24.28 -24.98 -28.01
CA TRP D 134 25.16 -24.52 -26.95
C TRP D 134 25.69 -25.73 -26.20
N ALA D 135 26.98 -25.70 -25.85
CA ALA D 135 27.64 -26.81 -25.17
C ALA D 135 27.03 -27.22 -23.83
N ASN D 136 26.56 -26.23 -23.05
CA ASN D 136 25.99 -26.50 -21.73
C ASN D 136 24.52 -26.94 -21.71
N HIS D 137 23.85 -26.92 -22.86
CA HIS D 137 22.44 -27.32 -22.94
C HIS D 137 22.11 -28.72 -22.44
N MET D 138 22.86 -29.70 -22.92
CA MET D 138 22.61 -31.08 -22.53
C MET D 138 22.80 -31.33 -21.03
N ALA D 139 23.87 -30.77 -20.46
CA ALA D 139 24.17 -30.94 -19.04
C ALA D 139 23.05 -30.43 -18.13
N ILE D 140 22.47 -29.28 -18.46
CA ILE D 140 21.38 -28.70 -17.67
C ILE D 140 20.21 -29.67 -17.54
N PHE D 141 19.75 -30.18 -18.68
CA PHE D 141 18.63 -31.11 -18.70
C PHE D 141 19.01 -32.50 -18.25
N GLU D 142 20.26 -32.90 -18.50
CA GLU D 142 20.71 -34.21 -18.09
C GLU D 142 20.99 -34.24 -16.58
N ASN D 143 21.27 -33.06 -16.02
CA ASN D 143 21.54 -32.88 -14.59
C ASN D 143 20.28 -33.23 -13.82
N GLN D 144 19.14 -33.08 -14.50
CA GLN D 144 17.84 -33.38 -13.91
C GLN D 144 17.27 -34.71 -14.33
N GLY D 145 18.10 -35.54 -14.94
CA GLY D 145 17.67 -36.86 -15.39
C GLY D 145 16.67 -36.87 -16.52
N LEU D 146 16.59 -35.79 -17.29
CA LEU D 146 15.68 -35.71 -18.42
C LEU D 146 16.39 -36.27 -19.65
N LYS D 147 15.64 -36.97 -20.49
CA LYS D 147 16.21 -37.55 -21.70
C LYS D 147 16.25 -36.53 -22.82
N THR D 148 17.39 -36.45 -23.50
CA THR D 148 17.54 -35.51 -24.59
C THR D 148 17.58 -36.19 -25.96
N ALA D 149 17.16 -35.42 -26.96
CA ALA D 149 17.14 -35.84 -28.36
C ALA D 149 17.66 -34.63 -29.13
N THR D 150 17.78 -34.78 -30.44
CA THR D 150 18.27 -33.69 -31.28
C THR D 150 17.47 -33.59 -32.56
N TYR D 151 17.50 -32.41 -33.17
CA TYR D 151 16.82 -32.17 -34.43
C TYR D 151 17.84 -31.53 -35.35
N PRO D 152 17.89 -31.96 -36.61
CA PRO D 152 18.83 -31.41 -37.58
C PRO D 152 18.68 -29.89 -37.66
N TYR D 153 19.81 -29.20 -37.74
CA TYR D 153 19.79 -27.75 -37.83
C TYR D 153 20.81 -27.32 -38.87
N TRP D 154 22.09 -27.42 -38.51
CA TRP D 154 23.17 -27.04 -39.40
C TRP D 154 23.49 -28.12 -40.42
N ALA D 155 23.44 -27.75 -41.68
CA ALA D 155 23.76 -28.68 -42.76
C ALA D 155 25.21 -28.34 -43.09
N ASN D 156 26.11 -29.31 -42.89
CA ASN D 156 27.54 -29.14 -43.14
C ASN D 156 27.93 -28.79 -44.57
N GLU D 157 27.60 -29.68 -45.50
CA GLU D 157 27.93 -29.49 -46.91
C GLU D 157 27.39 -28.17 -47.48
N THR D 158 26.21 -27.77 -47.04
CA THR D 158 25.59 -26.54 -47.52
C THR D 158 25.88 -25.31 -46.67
N LYS D 159 26.32 -25.54 -45.43
CA LYS D 159 26.58 -24.44 -44.48
C LYS D 159 25.31 -23.63 -44.37
N SER D 160 24.18 -24.34 -44.36
CA SER D 160 22.86 -23.72 -44.30
C SER D 160 21.91 -24.52 -43.41
N LEU D 161 20.81 -23.87 -43.03
CA LEU D 161 19.80 -24.49 -42.17
C LEU D 161 19.04 -25.59 -42.91
N ASP D 162 19.18 -26.81 -42.40
CA ASP D 162 18.51 -27.99 -42.95
C ASP D 162 17.06 -27.94 -42.45
N LEU D 163 16.23 -27.17 -43.14
CA LEU D 163 14.82 -27.02 -42.74
C LEU D 163 14.04 -28.32 -42.84
N ASN D 164 14.30 -29.12 -43.87
CA ASN D 164 13.61 -30.39 -44.07
C ASN D 164 13.80 -31.34 -42.88
N GLY D 165 15.01 -31.40 -42.36
CA GLY D 165 15.30 -32.26 -41.24
C GLY D 165 14.69 -31.69 -39.97
N PHE D 166 14.71 -30.36 -39.84
CA PHE D 166 14.16 -29.71 -38.67
C PHE D 166 12.68 -30.08 -38.55
N LEU D 167 11.93 -29.84 -39.61
CA LEU D 167 10.50 -30.11 -39.65
C LEU D 167 10.13 -31.59 -39.48
N ASN D 168 10.92 -32.48 -40.09
CA ASN D 168 10.68 -33.92 -40.01
C ASN D 168 10.86 -34.41 -38.57
N ALA D 169 11.93 -33.95 -37.92
CA ALA D 169 12.20 -34.33 -36.55
C ALA D 169 11.04 -33.92 -35.65
N ILE D 170 10.44 -32.77 -35.96
CA ILE D 170 9.30 -32.26 -35.19
C ILE D 170 8.08 -33.12 -35.43
N GLN D 171 7.87 -33.50 -36.69
CA GLN D 171 6.75 -34.33 -37.09
C GLN D 171 6.85 -35.74 -36.54
N LYS D 172 8.08 -36.21 -36.36
CA LYS D 172 8.35 -37.56 -35.86
C LYS D 172 8.38 -37.67 -34.33
N ALA D 173 8.60 -36.56 -33.65
CA ALA D 173 8.69 -36.55 -32.18
C ALA D 173 7.37 -36.83 -31.46
N PRO D 174 7.44 -37.56 -30.33
CA PRO D 174 6.23 -37.89 -29.56
C PRO D 174 5.56 -36.57 -29.18
N GLU D 175 4.25 -36.46 -29.42
CA GLU D 175 3.53 -35.22 -29.12
C GLU D 175 3.78 -34.73 -27.69
N GLY D 176 3.92 -33.42 -27.55
CA GLY D 176 4.15 -32.85 -26.24
C GLY D 176 5.61 -32.79 -25.84
N SER D 177 6.50 -33.06 -26.79
CA SER D 177 7.94 -33.01 -26.54
C SER D 177 8.37 -31.55 -26.37
N ILE D 178 9.45 -31.33 -25.63
CA ILE D 178 9.98 -29.99 -25.36
C ILE D 178 11.00 -29.62 -26.44
N PHE D 179 10.84 -28.45 -27.05
CA PHE D 179 11.77 -28.01 -28.10
C PHE D 179 12.52 -26.75 -27.71
N VAL D 180 13.81 -26.90 -27.43
CA VAL D 180 14.66 -25.76 -27.06
C VAL D 180 15.02 -25.03 -28.36
N LEU D 181 14.56 -23.79 -28.47
CA LEU D 181 14.79 -22.97 -29.65
C LEU D 181 15.54 -21.69 -29.35
N HIS D 182 16.59 -21.42 -30.11
CA HIS D 182 17.37 -20.19 -29.93
C HIS D 182 16.53 -19.09 -30.57
N SER D 183 16.08 -18.14 -29.75
CA SER D 183 15.24 -17.04 -30.24
C SER D 183 15.86 -16.26 -31.38
N CYS D 184 17.16 -16.03 -31.29
CA CYS D 184 17.93 -15.34 -32.33
C CYS D 184 19.41 -15.56 -32.02
N ALA D 185 20.27 -15.17 -32.95
CA ALA D 185 21.71 -15.33 -32.79
C ALA D 185 22.13 -16.75 -32.35
N HIS D 186 21.68 -17.75 -33.10
CA HIS D 186 21.97 -19.15 -32.82
C HIS D 186 23.41 -19.42 -32.41
N ASN D 187 23.55 -20.11 -31.29
CA ASN D 187 24.83 -20.49 -30.70
C ASN D 187 24.94 -21.99 -30.98
N PRO D 188 26.03 -22.44 -31.61
CA PRO D 188 27.22 -21.75 -32.12
C PRO D 188 27.25 -21.25 -33.58
N THR D 189 26.42 -21.85 -34.45
CA THR D 189 26.40 -21.52 -35.88
C THR D 189 26.23 -20.08 -36.35
N GLY D 190 25.39 -19.31 -35.66
CA GLY D 190 25.15 -17.94 -36.06
C GLY D 190 24.21 -17.93 -37.25
N LEU D 191 23.53 -19.06 -37.44
CA LEU D 191 22.60 -19.23 -38.54
C LEU D 191 21.18 -19.38 -37.98
N ASP D 192 20.31 -18.43 -38.31
CA ASP D 192 18.92 -18.43 -37.86
C ASP D 192 17.94 -18.68 -39.00
N PRO D 193 16.69 -19.07 -38.69
CA PRO D 193 15.74 -19.30 -39.77
C PRO D 193 15.22 -17.93 -40.19
N THR D 194 14.66 -17.83 -41.39
CA THR D 194 14.13 -16.55 -41.87
C THR D 194 12.77 -16.29 -41.23
N SER D 195 12.18 -15.14 -41.51
CA SER D 195 10.87 -14.79 -40.97
C SER D 195 9.83 -15.79 -41.47
N GLU D 196 10.06 -16.35 -42.66
CA GLU D 196 9.16 -17.33 -43.26
C GLU D 196 9.38 -18.70 -42.64
N GLN D 197 10.65 -19.06 -42.50
CA GLN D 197 11.02 -20.34 -41.93
C GLN D 197 10.53 -20.50 -40.48
N TRP D 198 10.44 -19.38 -39.75
CA TRP D 198 9.94 -19.42 -38.37
C TRP D 198 8.45 -19.78 -38.36
N VAL D 199 7.69 -19.23 -39.31
CA VAL D 199 6.26 -19.52 -39.41
C VAL D 199 6.00 -21.02 -39.58
N GLN D 200 6.83 -21.66 -40.41
CA GLN D 200 6.72 -23.09 -40.67
C GLN D 200 7.06 -23.92 -39.45
N ILE D 201 8.07 -23.47 -38.70
CA ILE D 201 8.51 -24.15 -37.49
C ILE D 201 7.44 -24.08 -36.41
N VAL D 202 6.90 -22.88 -36.18
CA VAL D 202 5.87 -22.66 -35.18
C VAL D 202 4.58 -23.43 -35.49
N ASP D 203 4.21 -23.48 -36.77
CA ASP D 203 3.00 -24.19 -37.20
C ASP D 203 3.13 -25.70 -37.07
N ALA D 204 4.33 -26.23 -37.26
CA ALA D 204 4.57 -27.67 -37.14
C ALA D 204 4.53 -28.09 -35.68
N ILE D 205 5.04 -27.22 -34.81
CA ILE D 205 5.06 -27.48 -33.38
C ILE D 205 3.65 -27.36 -32.82
N ALA D 206 2.90 -26.40 -33.33
CA ALA D 206 1.53 -26.19 -32.88
C ALA D 206 0.62 -27.35 -33.29
N SER D 207 0.88 -27.91 -34.47
CA SER D 207 0.07 -29.02 -34.97
C SER D 207 0.31 -30.29 -34.16
N LYS D 208 1.55 -30.51 -33.75
CA LYS D 208 1.90 -31.68 -32.96
C LYS D 208 1.81 -31.56 -31.45
N ASN D 209 1.33 -30.41 -30.98
CA ASN D 209 1.13 -30.15 -29.55
C ASN D 209 2.39 -30.16 -28.69
N HIS D 210 3.52 -29.75 -29.28
CA HIS D 210 4.78 -29.69 -28.57
C HIS D 210 4.90 -28.41 -27.73
N ILE D 211 5.86 -28.43 -26.81
CA ILE D 211 6.15 -27.31 -25.93
C ILE D 211 7.39 -26.61 -26.45
N ALA D 212 7.27 -25.32 -26.77
CA ALA D 212 8.37 -24.52 -27.29
C ALA D 212 9.06 -23.73 -26.18
N LEU D 213 10.35 -24.01 -26.00
CA LEU D 213 11.15 -23.32 -24.99
C LEU D 213 12.11 -22.40 -25.73
N PHE D 214 11.93 -21.09 -25.59
CA PHE D 214 12.78 -20.10 -26.25
C PHE D 214 13.94 -19.60 -25.40
N ASP D 215 15.13 -20.13 -25.65
CA ASP D 215 16.32 -19.70 -24.95
C ASP D 215 16.74 -18.38 -25.59
N THR D 216 16.54 -17.29 -24.86
CA THR D 216 16.83 -15.93 -25.34
C THR D 216 18.05 -15.25 -24.72
N ALA D 217 19.25 -15.56 -25.21
CA ALA D 217 20.46 -14.98 -24.65
C ALA D 217 21.05 -13.81 -25.44
N TYR D 218 20.62 -13.63 -26.68
CA TYR D 218 21.13 -12.57 -27.55
C TYR D 218 20.10 -11.63 -28.15
N GLN D 219 19.10 -11.21 -27.39
CA GLN D 219 18.10 -10.29 -27.95
C GLN D 219 18.77 -8.95 -28.18
N GLY D 220 18.77 -8.50 -29.43
CA GLY D 220 19.40 -7.24 -29.77
C GLY D 220 20.78 -7.41 -30.39
N PHE D 221 21.22 -8.66 -30.52
CA PHE D 221 22.53 -8.98 -31.09
C PHE D 221 22.47 -9.56 -32.48
N ALA D 222 21.28 -10.01 -32.91
CA ALA D 222 21.12 -10.56 -34.24
C ALA D 222 21.09 -9.40 -35.25
N THR D 223 20.17 -8.46 -35.05
CA THR D 223 20.04 -7.30 -35.93
C THR D 223 20.26 -5.96 -35.21
N GLY D 224 20.55 -6.01 -33.92
CA GLY D 224 20.75 -4.78 -33.17
C GLY D 224 19.45 -4.11 -32.76
N ASP D 225 18.32 -4.75 -33.06
CA ASP D 225 17.00 -4.24 -32.71
C ASP D 225 16.26 -5.27 -31.85
N LEU D 226 15.83 -4.84 -30.66
CA LEU D 226 15.13 -5.69 -29.70
C LEU D 226 13.84 -6.32 -30.18
N ASP D 227 12.93 -5.50 -30.70
CA ASP D 227 11.64 -6.00 -31.17
C ASP D 227 11.75 -6.95 -32.36
N LYS D 228 12.69 -6.66 -33.26
CA LYS D 228 12.90 -7.47 -34.45
C LYS D 228 13.47 -8.84 -34.06
N ASP D 229 14.37 -8.84 -33.07
CA ASP D 229 14.99 -10.06 -32.60
C ASP D 229 14.05 -10.87 -31.71
N ALA D 230 12.93 -10.25 -31.31
CA ALA D 230 11.93 -10.91 -30.48
C ALA D 230 10.83 -11.55 -31.32
N TYR D 231 10.97 -11.50 -32.64
CA TYR D 231 9.98 -12.03 -33.57
C TYR D 231 9.50 -13.46 -33.31
N ALA D 232 10.43 -14.41 -33.30
CA ALA D 232 10.12 -15.82 -33.09
C ALA D 232 9.37 -16.12 -31.79
N VAL D 233 9.76 -15.44 -30.72
CA VAL D 233 9.16 -15.60 -29.40
C VAL D 233 7.71 -15.17 -29.36
N ARG D 234 7.42 -14.04 -29.99
CA ARG D 234 6.07 -13.50 -30.05
C ARG D 234 5.17 -14.28 -31.00
N LEU D 235 5.78 -14.83 -32.04
CA LEU D 235 5.05 -15.64 -33.01
C LEU D 235 4.62 -16.91 -32.26
N GLY D 236 5.57 -17.49 -31.53
CA GLY D 236 5.28 -18.68 -30.74
C GLY D 236 4.15 -18.39 -29.77
N VAL D 237 4.31 -17.32 -29.00
CA VAL D 237 3.32 -16.91 -28.00
C VAL D 237 1.93 -16.72 -28.61
N GLU D 238 1.87 -16.25 -29.86
CA GLU D 238 0.61 -16.05 -30.55
C GLU D 238 -0.03 -17.36 -31.00
N LYS D 239 0.72 -18.14 -31.78
CA LYS D 239 0.25 -19.42 -32.33
C LYS D 239 0.01 -20.56 -31.32
N LEU D 240 0.68 -20.49 -30.18
CA LEU D 240 0.55 -21.55 -29.16
C LEU D 240 -0.29 -21.16 -27.96
N SER D 241 -1.02 -20.06 -28.07
CA SER D 241 -1.88 -19.58 -26.98
C SER D 241 -2.97 -20.57 -26.60
N THR D 242 -3.44 -21.36 -27.57
CA THR D 242 -4.49 -22.35 -27.32
C THR D 242 -3.96 -23.76 -27.57
N VAL D 243 -2.63 -23.90 -27.60
CA VAL D 243 -1.99 -25.18 -27.85
C VAL D 243 -1.17 -25.65 -26.65
N SER D 244 -0.21 -24.83 -26.25
CA SER D 244 0.64 -25.20 -25.12
C SER D 244 1.34 -24.00 -24.48
N PRO D 245 1.80 -24.18 -23.23
CA PRO D 245 2.50 -23.11 -22.51
C PRO D 245 3.85 -22.83 -23.15
N VAL D 246 4.21 -21.55 -23.26
CA VAL D 246 5.47 -21.17 -23.86
C VAL D 246 6.47 -20.73 -22.80
N PHE D 247 7.61 -21.43 -22.73
CA PHE D 247 8.66 -21.12 -21.77
C PHE D 247 9.72 -20.22 -22.40
N VAL D 248 10.03 -19.13 -21.72
CA VAL D 248 11.04 -18.19 -22.22
C VAL D 248 12.15 -18.03 -21.19
N CYS D 249 13.38 -18.32 -21.60
CA CYS D 249 14.53 -18.20 -20.71
C CYS D 249 15.36 -17.00 -21.12
N GLN D 250 15.05 -15.86 -20.52
CA GLN D 250 15.70 -14.58 -20.83
C GLN D 250 16.99 -14.28 -20.06
N SER D 251 18.04 -13.93 -20.80
CA SER D 251 19.33 -13.59 -20.22
C SER D 251 19.73 -12.15 -20.56
N PHE D 252 20.40 -11.48 -19.62
CA PHE D 252 20.85 -10.10 -19.81
C PHE D 252 22.38 -10.04 -19.75
N ALA D 253 23.02 -11.20 -19.79
CA ALA D 253 24.48 -11.29 -19.73
C ALA D 253 25.18 -10.68 -20.95
N LYS D 254 24.59 -10.81 -22.13
CA LYS D 254 25.22 -10.28 -23.33
C LYS D 254 24.68 -8.90 -23.79
N ASN D 255 23.37 -8.80 -24.01
CA ASN D 255 22.77 -7.53 -24.47
C ASN D 255 22.95 -6.34 -23.53
N ALA D 256 23.16 -6.62 -22.24
CA ALA D 256 23.39 -5.57 -21.27
C ALA D 256 24.78 -5.74 -20.65
N GLY D 257 25.47 -6.80 -21.03
CA GLY D 257 26.81 -7.07 -20.53
C GLY D 257 26.89 -7.31 -19.03
N MET D 258 25.89 -7.97 -18.47
CA MET D 258 25.88 -8.25 -17.04
C MET D 258 26.64 -9.50 -16.63
N TYR D 259 27.07 -10.29 -17.63
CA TYR D 259 27.83 -11.53 -17.45
C TYR D 259 27.91 -12.18 -16.05
N GLY D 260 28.89 -11.75 -15.26
CA GLY D 260 29.08 -12.30 -13.93
C GLY D 260 28.11 -11.90 -12.83
N GLU D 261 27.23 -10.95 -13.11
CA GLU D 261 26.24 -10.49 -12.13
C GLU D 261 25.02 -11.42 -12.08
N ARG D 262 24.89 -12.27 -13.09
CA ARG D 262 23.84 -13.27 -13.19
C ARG D 262 22.41 -12.74 -13.13
N VAL D 263 22.06 -11.87 -14.08
CA VAL D 263 20.71 -11.34 -14.12
C VAL D 263 19.94 -11.89 -15.32
N GLY D 264 18.80 -12.51 -15.03
CA GLY D 264 17.97 -13.09 -16.07
C GLY D 264 16.57 -13.35 -15.54
N CYS D 265 15.66 -13.78 -16.40
CA CYS D 265 14.29 -14.05 -15.98
C CYS D 265 13.67 -15.27 -16.65
N PHE D 266 12.80 -15.95 -15.91
CA PHE D 266 12.07 -17.10 -16.41
C PHE D 266 10.64 -16.62 -16.59
N HIS D 267 10.12 -16.73 -17.81
CA HIS D 267 8.76 -16.33 -18.12
C HIS D 267 8.01 -17.57 -18.57
N LEU D 268 6.71 -17.58 -18.37
CA LEU D 268 5.89 -18.71 -18.78
C LEU D 268 4.54 -18.19 -19.22
N ALA D 269 4.26 -18.34 -20.51
CA ALA D 269 3.00 -17.89 -21.07
C ALA D 269 2.05 -19.08 -21.04
N LEU D 270 1.16 -19.06 -20.04
CA LEU D 270 0.17 -20.11 -19.87
C LEU D 270 -0.86 -20.08 -20.99
N THR D 271 -1.30 -21.26 -21.40
CA THR D 271 -2.31 -21.39 -22.45
C THR D 271 -3.63 -20.77 -22.00
N LYS D 272 -4.51 -20.51 -22.95
CA LYS D 272 -5.81 -19.90 -22.67
C LYS D 272 -6.84 -20.83 -22.05
N GLN D 273 -7.38 -20.39 -20.90
CA GLN D 273 -8.42 -21.10 -20.16
C GLN D 273 -8.81 -20.43 -18.85
N ALA D 274 -10.09 -20.54 -18.51
CA ALA D 274 -10.65 -19.94 -17.29
C ALA D 274 -9.99 -20.43 -16.01
N GLN D 275 -9.54 -21.68 -16.02
CA GLN D 275 -8.87 -22.25 -14.86
C GLN D 275 -7.60 -21.52 -14.47
N ASN D 276 -7.14 -20.62 -15.34
CA ASN D 276 -5.92 -19.84 -15.09
C ASN D 276 -5.99 -19.04 -13.80
N LYS D 277 -7.20 -18.87 -13.27
CA LYS D 277 -7.39 -18.12 -12.03
C LYS D 277 -6.76 -18.86 -10.85
N THR D 278 -6.66 -20.18 -10.97
CA THR D 278 -6.08 -21.03 -9.93
C THR D 278 -4.73 -21.60 -10.38
N ILE D 279 -4.64 -21.98 -11.66
CA ILE D 279 -3.40 -22.55 -12.20
C ILE D 279 -2.22 -21.60 -12.06
N LYS D 280 -2.47 -20.30 -12.24
CA LYS D 280 -1.39 -19.33 -12.13
C LYS D 280 -0.76 -19.27 -10.74
N PRO D 281 -1.56 -19.11 -9.67
CA PRO D 281 -0.96 -19.06 -8.33
C PRO D 281 -0.31 -20.39 -7.96
N ALA D 282 -0.84 -21.47 -8.51
CA ALA D 282 -0.32 -22.82 -8.26
C ALA D 282 1.06 -23.02 -8.87
N VAL D 283 1.17 -22.77 -10.17
CA VAL D 283 2.43 -22.93 -10.91
C VAL D 283 3.52 -22.03 -10.33
N THR D 284 3.14 -20.81 -9.96
CA THR D 284 4.08 -19.83 -9.41
C THR D 284 4.66 -20.20 -8.05
N SER D 285 3.85 -20.82 -7.19
CA SER D 285 4.31 -21.22 -5.86
C SER D 285 5.26 -22.39 -5.97
N GLN D 286 5.01 -23.23 -6.98
CA GLN D 286 5.84 -24.40 -7.26
C GLN D 286 7.20 -23.90 -7.74
N LEU D 287 7.19 -22.85 -8.55
CA LEU D 287 8.43 -22.27 -9.04
C LEU D 287 9.16 -21.61 -7.88
N ALA D 288 8.40 -20.91 -7.04
CA ALA D 288 8.97 -20.23 -5.89
C ALA D 288 9.59 -21.23 -4.94
N LYS D 289 9.00 -22.43 -4.86
CA LYS D 289 9.52 -23.48 -3.99
C LYS D 289 10.87 -24.00 -4.50
N ILE D 290 11.04 -24.06 -5.82
CA ILE D 290 12.29 -24.52 -6.40
C ILE D 290 13.43 -23.55 -6.10
N ILE D 291 13.18 -22.26 -6.31
CA ILE D 291 14.16 -21.20 -6.06
C ILE D 291 14.54 -21.14 -4.58
N ARG D 292 13.53 -21.22 -3.72
CA ARG D 292 13.73 -21.18 -2.27
C ARG D 292 14.61 -22.32 -1.78
N SER D 293 14.32 -23.53 -2.26
CA SER D 293 15.05 -24.72 -1.87
C SER D 293 16.44 -24.88 -2.50
N GLU D 294 16.77 -24.05 -3.48
CA GLU D 294 18.06 -24.16 -4.13
C GLU D 294 19.00 -22.98 -3.91
N VAL D 295 18.49 -21.77 -4.09
CA VAL D 295 19.30 -20.57 -3.90
C VAL D 295 18.67 -19.60 -2.92
N SER D 296 17.48 -19.94 -2.43
CA SER D 296 16.73 -19.12 -1.47
C SER D 296 16.15 -17.85 -2.10
N ASN D 297 17.03 -17.01 -2.65
CA ASN D 297 16.62 -15.77 -3.32
C ASN D 297 17.68 -15.30 -4.32
N PRO D 298 17.27 -14.52 -5.34
CA PRO D 298 18.12 -13.98 -6.42
C PRO D 298 19.09 -12.86 -6.02
N PRO D 299 20.27 -12.80 -6.67
CA PRO D 299 21.26 -11.75 -6.37
C PRO D 299 20.63 -10.39 -6.71
N ALA D 300 20.79 -9.42 -5.81
CA ALA D 300 20.18 -8.09 -5.95
C ALA D 300 20.81 -7.01 -6.83
N TYR D 301 22.11 -6.80 -6.70
CA TYR D 301 22.80 -5.75 -7.46
C TYR D 301 22.58 -5.73 -8.97
N GLY D 302 22.86 -6.84 -9.63
CA GLY D 302 22.67 -6.93 -11.07
C GLY D 302 21.24 -6.59 -11.46
N ALA D 303 20.28 -7.11 -10.70
CA ALA D 303 18.86 -6.87 -10.94
C ALA D 303 18.48 -5.40 -10.81
N LYS D 304 19.11 -4.70 -9.86
CA LYS D 304 18.84 -3.27 -9.63
C LYS D 304 19.22 -2.43 -10.86
N ILE D 305 20.40 -2.71 -11.41
CA ILE D 305 20.92 -1.98 -12.57
C ILE D 305 20.04 -2.10 -13.81
N VAL D 306 19.75 -3.34 -14.20
CA VAL D 306 18.94 -3.61 -15.38
C VAL D 306 17.55 -3.00 -15.28
N ALA D 307 16.93 -3.12 -14.11
CA ALA D 307 15.60 -2.57 -13.89
C ALA D 307 15.66 -1.04 -14.00
N LYS D 308 16.73 -0.46 -13.49
CA LYS D 308 16.93 0.99 -13.52
C LYS D 308 17.11 1.41 -14.98
N LEU D 309 17.77 0.56 -15.77
CA LEU D 309 18.01 0.82 -17.18
C LEU D 309 16.72 0.66 -18.00
N LEU D 310 15.86 -0.25 -17.57
CA LEU D 310 14.59 -0.50 -18.25
C LEU D 310 13.50 0.49 -17.86
N GLU D 311 13.57 1.01 -16.64
CA GLU D 311 12.57 1.97 -16.14
C GLU D 311 12.86 3.42 -16.51
N THR D 312 14.12 3.73 -16.80
CA THR D 312 14.53 5.09 -17.13
C THR D 312 14.66 5.25 -18.64
N PRO D 313 13.72 5.99 -19.27
CA PRO D 313 13.67 6.26 -20.71
C PRO D 313 14.97 6.73 -21.35
N GLU D 314 15.72 7.54 -20.60
CA GLU D 314 17.00 8.06 -21.07
C GLU D 314 18.04 6.95 -21.14
N LEU D 315 18.05 6.09 -20.12
CA LEU D 315 18.98 4.96 -20.06
C LEU D 315 18.58 3.85 -21.03
N THR D 316 17.29 3.77 -21.33
CA THR D 316 16.79 2.75 -22.26
C THR D 316 17.21 3.12 -23.68
N GLU D 317 17.19 4.42 -23.99
CA GLU D 317 17.58 4.87 -25.32
C GLU D 317 19.07 4.73 -25.51
N GLN D 318 19.83 4.98 -24.45
CA GLN D 318 21.27 4.85 -24.49
C GLN D 318 21.64 3.38 -24.65
N TRP D 319 20.89 2.51 -23.96
CA TRP D 319 21.11 1.07 -24.00
C TRP D 319 20.97 0.57 -25.42
N HIS D 320 19.92 1.05 -26.10
CA HIS D 320 19.65 0.68 -27.48
C HIS D 320 20.82 1.10 -28.36
N LYS D 321 21.36 2.28 -28.11
CA LYS D 321 22.50 2.77 -28.89
C LYS D 321 23.76 1.95 -28.58
N ASP D 322 23.84 1.43 -27.37
CA ASP D 322 24.97 0.62 -26.97
C ASP D 322 24.93 -0.75 -27.62
N MET D 323 23.73 -1.24 -27.90
CA MET D 323 23.57 -2.53 -28.55
C MET D 323 23.91 -2.48 -30.03
N VAL D 324 23.67 -1.32 -30.67
CA VAL D 324 24.02 -1.16 -32.08
C VAL D 324 25.53 -0.94 -32.17
N THR D 325 26.09 -0.33 -31.13
CA THR D 325 27.53 -0.08 -31.06
C THR D 325 28.28 -1.41 -31.04
N MET D 326 27.76 -2.36 -30.26
CA MET D 326 28.36 -3.68 -30.15
C MET D 326 28.15 -4.53 -31.41
N SER D 327 26.97 -4.43 -32.01
CA SER D 327 26.64 -5.19 -33.21
C SER D 327 27.37 -4.67 -34.45
N SER D 328 27.53 -3.36 -34.55
CA SER D 328 28.20 -2.74 -35.68
C SER D 328 29.66 -3.10 -35.79
N ARG D 329 30.36 -3.19 -34.66
CA ARG D 329 31.79 -3.53 -34.71
C ARG D 329 32.06 -5.03 -34.82
N ILE D 330 31.07 -5.85 -34.52
CA ILE D 330 31.22 -7.29 -34.66
C ILE D 330 31.05 -7.53 -36.15
N THR D 331 30.14 -6.77 -36.75
CA THR D 331 29.88 -6.86 -38.17
C THR D 331 31.10 -6.31 -38.94
N LYS D 332 31.74 -5.30 -38.38
CA LYS D 332 32.92 -4.71 -39.01
C LYS D 332 34.07 -5.72 -39.04
N MET D 333 34.16 -6.54 -37.99
CA MET D 333 35.20 -7.55 -37.87
C MET D 333 34.93 -8.83 -38.66
N ARG D 334 33.67 -9.03 -39.05
CA ARG D 334 33.30 -10.19 -39.86
C ARG D 334 33.83 -9.92 -41.26
N HIS D 335 33.65 -8.68 -41.72
CA HIS D 335 34.14 -8.26 -43.03
C HIS D 335 35.66 -8.22 -43.05
N ALA D 336 36.27 -7.67 -42.00
CA ALA D 336 37.71 -7.56 -41.89
C ALA D 336 38.43 -8.89 -41.88
N LEU D 337 37.82 -9.91 -41.27
CA LEU D 337 38.44 -11.23 -41.25
C LEU D 337 38.30 -11.86 -42.62
N ARG D 338 37.10 -11.77 -43.19
CA ARG D 338 36.78 -12.32 -44.49
C ARG D 338 37.64 -11.69 -45.59
N ASP D 339 37.65 -10.37 -45.62
CA ASP D 339 38.42 -9.61 -46.60
C ASP D 339 39.91 -9.93 -46.53
N HIS D 340 40.44 -10.12 -45.32
CA HIS D 340 41.84 -10.47 -45.16
C HIS D 340 42.10 -11.85 -45.76
N LEU D 341 41.20 -12.79 -45.48
CA LEU D 341 41.28 -14.16 -45.97
C LEU D 341 41.20 -14.20 -47.51
N VAL D 342 40.51 -13.23 -48.08
CA VAL D 342 40.37 -13.13 -49.53
C VAL D 342 41.68 -12.57 -50.09
N LYS D 343 42.23 -11.59 -49.37
CA LYS D 343 43.49 -10.95 -49.74
C LYS D 343 44.61 -11.98 -49.77
N LEU D 344 44.63 -12.87 -48.77
CA LEU D 344 45.65 -13.92 -48.64
C LEU D 344 45.44 -15.06 -49.63
N GLY D 345 44.29 -15.09 -50.28
CA GLY D 345 43.98 -16.15 -51.23
C GLY D 345 43.84 -17.51 -50.58
N THR D 346 43.38 -17.51 -49.32
CA THR D 346 43.18 -18.74 -48.56
C THR D 346 42.24 -19.63 -49.36
N PRO D 347 42.63 -20.90 -49.58
CA PRO D 347 41.80 -21.85 -50.33
C PRO D 347 40.36 -21.91 -49.84
N GLY D 348 39.42 -21.94 -50.77
CA GLY D 348 38.02 -22.01 -50.42
C GLY D 348 37.26 -20.69 -50.44
N ASN D 349 36.04 -20.72 -49.92
CA ASN D 349 35.17 -19.55 -49.85
C ASN D 349 34.98 -19.20 -48.37
N TRP D 350 34.93 -17.91 -48.05
CA TRP D 350 34.81 -17.48 -46.66
C TRP D 350 33.67 -16.50 -46.36
N ASP D 351 32.65 -16.51 -47.21
CA ASP D 351 31.52 -15.61 -47.04
C ASP D 351 30.57 -15.98 -45.89
N HIS D 352 30.65 -17.20 -45.39
CA HIS D 352 29.77 -17.61 -44.29
C HIS D 352 30.02 -16.81 -43.02
N ILE D 353 31.22 -16.25 -42.91
CA ILE D 353 31.58 -15.43 -41.75
C ILE D 353 30.79 -14.12 -41.76
N VAL D 354 30.63 -13.55 -42.95
CA VAL D 354 29.89 -12.29 -43.13
C VAL D 354 28.37 -12.52 -43.15
N ASN D 355 27.95 -13.75 -43.42
CA ASN D 355 26.54 -14.10 -43.50
C ASN D 355 25.90 -14.57 -42.20
N GLN D 356 26.71 -15.00 -41.23
CA GLN D 356 26.18 -15.44 -39.95
C GLN D 356 25.96 -14.21 -39.07
N CYS D 357 25.11 -14.33 -38.06
CA CYS D 357 24.81 -13.20 -37.18
C CYS D 357 25.09 -13.50 -35.71
N GLY D 358 25.03 -12.44 -34.90
CA GLY D 358 25.28 -12.59 -33.47
C GLY D 358 26.70 -12.25 -33.06
N MET D 359 27.27 -13.07 -32.19
CA MET D 359 28.62 -12.85 -31.70
C MET D 359 29.60 -13.92 -32.18
N PHE D 360 29.08 -14.98 -32.79
CA PHE D 360 29.94 -16.08 -33.25
C PHE D 360 29.91 -16.36 -34.74
N SER D 361 30.85 -17.20 -35.16
CA SER D 361 30.97 -17.64 -36.54
C SER D 361 31.40 -19.11 -36.55
N PHE D 362 30.59 -19.96 -37.16
CA PHE D 362 30.92 -21.37 -37.28
C PHE D 362 31.77 -21.38 -38.55
N THR D 363 33.06 -21.11 -38.36
CA THR D 363 34.06 -21.01 -39.44
C THR D 363 34.24 -22.20 -40.38
N GLY D 364 33.94 -23.40 -39.91
CA GLY D 364 34.10 -24.58 -40.75
C GLY D 364 35.46 -25.23 -40.65
N LEU D 365 36.27 -24.76 -39.70
CA LEU D 365 37.62 -25.30 -39.47
C LEU D 365 37.53 -26.64 -38.73
N THR D 366 38.28 -27.62 -39.22
CA THR D 366 38.29 -28.96 -38.62
C THR D 366 38.97 -28.92 -37.24
N PRO D 367 38.66 -29.89 -36.36
CA PRO D 367 39.25 -29.94 -35.03
C PRO D 367 40.79 -29.98 -35.04
N GLN D 368 41.38 -30.40 -36.17
CA GLN D 368 42.83 -30.46 -36.32
C GLN D 368 43.34 -29.05 -36.59
N MET D 369 42.63 -28.32 -37.45
CA MET D 369 42.98 -26.94 -37.76
C MET D 369 42.87 -26.09 -36.51
N VAL D 370 41.79 -26.30 -35.74
CA VAL D 370 41.58 -25.58 -34.48
C VAL D 370 42.72 -25.87 -33.50
N LYS D 371 43.03 -27.16 -33.33
CA LYS D 371 44.09 -27.60 -32.42
C LYS D 371 45.45 -27.00 -32.80
N ARG D 372 45.72 -26.94 -34.10
CA ARG D 372 46.96 -26.38 -34.59
C ARG D 372 47.01 -24.87 -34.36
N LEU D 373 45.87 -24.21 -34.52
CA LEU D 373 45.77 -22.77 -34.30
C LEU D 373 46.18 -22.36 -32.89
N GLU D 374 45.76 -23.12 -31.88
CA GLU D 374 46.09 -22.79 -30.50
C GLU D 374 47.52 -23.20 -30.12
N GLU D 375 47.92 -24.37 -30.62
CA GLU D 375 49.22 -24.96 -30.34
C GLU D 375 50.37 -24.20 -31.02
N THR D 376 50.16 -23.88 -32.29
CA THR D 376 51.16 -23.19 -33.09
C THR D 376 51.02 -21.67 -33.12
N HIS D 377 49.78 -21.19 -33.28
CA HIS D 377 49.55 -19.75 -33.37
C HIS D 377 49.04 -19.03 -32.14
N ALA D 378 48.77 -19.77 -31.08
CA ALA D 378 48.27 -19.18 -29.83
C ALA D 378 46.90 -18.54 -30.05
N VAL D 379 46.16 -19.04 -31.04
CA VAL D 379 44.82 -18.54 -31.36
C VAL D 379 43.81 -19.57 -30.87
N TYR D 380 43.02 -19.18 -29.88
CA TYR D 380 42.02 -20.05 -29.24
C TYR D 380 40.58 -19.93 -29.74
N LEU D 381 40.05 -21.03 -30.26
CA LEU D 381 38.68 -21.14 -30.74
C LEU D 381 38.12 -22.36 -30.02
N VAL D 382 36.88 -22.72 -30.35
CA VAL D 382 36.27 -23.91 -29.76
C VAL D 382 36.57 -25.02 -30.77
N ALA D 383 36.74 -26.25 -30.30
CA ALA D 383 37.05 -27.39 -31.15
C ALA D 383 36.06 -27.61 -32.30
N SER D 384 34.86 -27.06 -32.16
CA SER D 384 33.83 -27.17 -33.20
C SER D 384 34.07 -26.16 -34.32
N GLY D 385 35.07 -25.29 -34.11
CA GLY D 385 35.39 -24.28 -35.09
C GLY D 385 34.66 -22.99 -34.80
N ARG D 386 33.94 -22.94 -33.69
CA ARG D 386 33.20 -21.73 -33.34
C ARG D 386 34.18 -20.67 -32.83
N ALA D 387 34.08 -19.48 -33.40
CA ALA D 387 34.96 -18.36 -33.03
C ALA D 387 34.14 -17.18 -32.55
N SER D 388 34.62 -16.51 -31.52
CA SER D 388 33.94 -15.33 -30.98
C SER D 388 34.51 -14.12 -31.70
N ILE D 389 33.70 -13.54 -32.57
CA ILE D 389 34.08 -12.38 -33.38
C ILE D 389 34.47 -11.13 -32.59
N ALA D 390 33.97 -11.00 -31.37
CA ALA D 390 34.30 -9.83 -30.54
C ALA D 390 35.74 -9.86 -30.07
N GLY D 391 36.38 -11.02 -30.16
CA GLY D 391 37.76 -11.15 -29.75
C GLY D 391 38.69 -10.49 -30.77
N LEU D 392 38.15 -10.23 -31.95
CA LEU D 392 38.88 -9.59 -33.02
C LEU D 392 38.78 -8.08 -32.95
N ASN D 393 39.90 -7.43 -33.23
CA ASN D 393 39.98 -5.99 -33.24
C ASN D 393 41.02 -5.64 -34.30
N GLN D 394 41.10 -4.36 -34.65
CA GLN D 394 42.02 -3.88 -35.68
C GLN D 394 43.47 -4.28 -35.43
N GLY D 395 43.80 -4.52 -34.16
CA GLY D 395 45.15 -4.91 -33.80
C GLY D 395 45.53 -6.38 -33.96
N ASN D 396 44.56 -7.27 -34.13
CA ASN D 396 44.86 -8.70 -34.27
C ASN D 396 44.23 -9.45 -35.46
N VAL D 397 43.29 -8.82 -36.18
CA VAL D 397 42.62 -9.47 -37.30
C VAL D 397 43.51 -9.99 -38.42
N GLU D 398 44.61 -9.28 -38.68
CA GLU D 398 45.55 -9.67 -39.74
C GLU D 398 46.33 -10.90 -39.30
N TYR D 399 46.66 -10.94 -38.02
CA TYR D 399 47.40 -12.03 -37.43
C TYR D 399 46.56 -13.30 -37.37
N VAL D 400 45.26 -13.14 -37.13
CA VAL D 400 44.36 -14.28 -37.07
C VAL D 400 44.15 -14.80 -38.48
N ALA D 401 43.92 -13.88 -39.41
CA ALA D 401 43.73 -14.22 -40.82
C ALA D 401 44.91 -15.03 -41.34
N LYS D 402 46.13 -14.59 -41.05
CA LYS D 402 47.34 -15.30 -41.48
C LYS D 402 47.46 -16.66 -40.82
N ALA D 403 46.99 -16.76 -39.57
CA ALA D 403 47.05 -18.00 -38.81
C ALA D 403 46.13 -19.06 -39.42
N ILE D 404 44.89 -18.66 -39.72
CA ILE D 404 43.91 -19.56 -40.32
C ILE D 404 44.42 -20.00 -41.69
N ASP D 405 44.97 -19.05 -42.44
CA ASP D 405 45.51 -19.31 -43.79
C ASP D 405 46.58 -20.41 -43.76
N GLU D 406 47.37 -20.43 -42.69
CA GLU D 406 48.44 -21.41 -42.51
C GLU D 406 47.90 -22.81 -42.25
N VAL D 407 46.95 -22.94 -41.33
CA VAL D 407 46.39 -24.26 -40.99
C VAL D 407 45.59 -24.86 -42.14
N VAL D 408 44.92 -23.99 -42.91
CA VAL D 408 44.12 -24.40 -44.06
C VAL D 408 45.04 -24.98 -45.12
N ARG D 409 46.19 -24.35 -45.33
CA ARG D 409 47.16 -24.81 -46.31
C ARG D 409 47.96 -26.00 -45.80
N PHE D 410 48.23 -26.02 -44.50
CA PHE D 410 48.97 -27.11 -43.87
C PHE D 410 48.18 -28.40 -43.91
N TYR D 411 46.88 -28.29 -43.63
CA TYR D 411 45.99 -29.45 -43.63
C TYR D 411 45.34 -29.58 -45.00
N ALA D 412 45.88 -30.51 -45.79
CA ALA D 412 45.45 -30.80 -47.15
C ALA D 412 46.01 -29.74 -48.10
#